data_2ATR
# 
_entry.id   2ATR 
# 
_audit_conform.dict_name       mmcif_pdbx.dic 
_audit_conform.dict_version    5.399 
_audit_conform.dict_location   http://mmcif.pdb.org/dictionaries/ascii/mmcif_pdbx.dic 
# 
loop_
_database_2.database_id 
_database_2.database_code 
_database_2.pdbx_database_accession 
_database_2.pdbx_DOI 
PDB   2ATR         pdb_00002atr 10.2210/pdb2atr/pdb 
RCSB  RCSB034300   ?            ?                   
WWPDB D_1000034300 ?            ?                   
# 
loop_
_pdbx_audit_revision_history.ordinal 
_pdbx_audit_revision_history.data_content_type 
_pdbx_audit_revision_history.major_revision 
_pdbx_audit_revision_history.minor_revision 
_pdbx_audit_revision_history.revision_date 
1 'Structure model' 1 0 2005-10-11 
2 'Structure model' 1 1 2008-05-01 
3 'Structure model' 1 2 2011-07-13 
4 'Structure model' 1 3 2024-11-20 
# 
_pdbx_audit_revision_details.ordinal             1 
_pdbx_audit_revision_details.revision_ordinal    1 
_pdbx_audit_revision_details.data_content_type   'Structure model' 
_pdbx_audit_revision_details.provider            repository 
_pdbx_audit_revision_details.type                'Initial release' 
_pdbx_audit_revision_details.description         ? 
_pdbx_audit_revision_details.details             ? 
# 
loop_
_pdbx_audit_revision_group.ordinal 
_pdbx_audit_revision_group.revision_ordinal 
_pdbx_audit_revision_group.data_content_type 
_pdbx_audit_revision_group.group 
1 2 'Structure model' 'Version format compliance' 
2 3 'Structure model' 'Derived calculations'      
3 3 'Structure model' 'Source and taxonomy'       
4 3 'Structure model' 'Version format compliance' 
5 4 'Structure model' 'Data collection'           
6 4 'Structure model' 'Database references'       
7 4 'Structure model' 'Derived calculations'      
8 4 'Structure model' 'Structure summary'         
# 
loop_
_pdbx_audit_revision_category.ordinal 
_pdbx_audit_revision_category.revision_ordinal 
_pdbx_audit_revision_category.data_content_type 
_pdbx_audit_revision_category.category 
1 4 'Structure model' chem_comp_atom            
2 4 'Structure model' chem_comp_bond            
3 4 'Structure model' database_2                
4 4 'Structure model' pdbx_entry_details        
5 4 'Structure model' pdbx_modification_feature 
6 4 'Structure model' struct_conn               
7 4 'Structure model' struct_ref_seq_dif        
# 
loop_
_pdbx_audit_revision_item.ordinal 
_pdbx_audit_revision_item.revision_ordinal 
_pdbx_audit_revision_item.data_content_type 
_pdbx_audit_revision_item.item 
1 4 'Structure model' '_database_2.pdbx_DOI'                
2 4 'Structure model' '_database_2.pdbx_database_accession' 
3 4 'Structure model' '_struct_conn.pdbx_leaving_atom_flag' 
4 4 'Structure model' '_struct_ref_seq_dif.details'         
# 
_pdbx_database_status.status_code                     REL 
_pdbx_database_status.entry_id                        2ATR 
_pdbx_database_status.recvd_initial_deposition_date   2005-08-25 
_pdbx_database_status.deposit_site                    RCSB 
_pdbx_database_status.process_site                    RCSB 
_pdbx_database_status.status_code_sf                  REL 
_pdbx_database_status.status_code_mr                  ? 
_pdbx_database_status.SG_entry                        Y 
_pdbx_database_status.pdb_format_compatible           Y 
_pdbx_database_status.status_code_cs                  ? 
_pdbx_database_status.status_code_nmr_data            ? 
_pdbx_database_status.methods_development_category    ? 
# 
_pdbx_database_related.db_name        TargetDB 
_pdbx_database_related.db_id          apc80214 
_pdbx_database_related.details        . 
_pdbx_database_related.content_type   unspecified 
# 
loop_
_audit_author.name 
_audit_author.pdbx_ordinal 
'Binkowski, T.A.'                               1 
'Hatzos, C.'                                    2 
'Abdullah, J.'                                  3 
'Collart, F.'                                   4 
'Joachimiak, A.'                                5 
'Midwest Center for Structural Genomics (MCSG)' 6 
# 
_citation.id                        primary 
_citation.title                     'Acetyltransferase, GNAT family protein SP0256 from Streptococcus pneumoniae' 
_citation.journal_abbrev            'To be Published' 
_citation.journal_volume            ? 
_citation.page_first                ? 
_citation.page_last                 ? 
_citation.year                      ? 
_citation.journal_id_ASTM           ? 
_citation.country                   ? 
_citation.journal_id_ISSN           ? 
_citation.journal_id_CSD            0353 
_citation.book_publisher            ? 
_citation.pdbx_database_id_PubMed   ? 
_citation.pdbx_database_id_DOI      ? 
# 
loop_
_citation_author.citation_id 
_citation_author.name 
_citation_author.ordinal 
_citation_author.identifier_ORCID 
primary 'Binkowski, T.A.'                               1 ? 
primary 'Hatzos, C.'                                    2 ? 
primary 'Abdullah, J.'                                  3 ? 
primary 'Collart, F.'                                   4 ? 
primary 'Joachimiak, A.'                                5 ? 
primary 'Midwest Center for Structural Genomics (MCSG)' 6 ? 
# 
loop_
_entity.id 
_entity.type 
_entity.src_method 
_entity.pdbx_description 
_entity.formula_weight 
_entity.pdbx_number_of_molecules 
_entity.pdbx_ec 
_entity.pdbx_mutation 
_entity.pdbx_fragment 
_entity.details 
1 polymer man 'acetyltransferase, GNAT family' 15876.375 1  ? ? ? ? 
2 water   nat water                            18.015    56 ? ? ? ? 
# 
_entity_poly.entity_id                      1 
_entity_poly.type                           'polypeptide(L)' 
_entity_poly.nstd_linkage                   no 
_entity_poly.nstd_monomer                   yes 
_entity_poly.pdbx_seq_one_letter_code       
;(MSE)ITIKKQEIVKLEDVLHLYQAVGWTNYTHQTE(MSE)LEQALSHSLVIYLALDGDAVVGLIRLVGDGFSSVFVQDL
IVLPSYQRQGIGSSL(MSE)KEALGNFKEAYQVQLATEETEKNVGFYRS(MSE)GFEILSTYDCTG(MSE)IWINREK
;
_entity_poly.pdbx_seq_one_letter_code_can   
;MITIKKQEIVKLEDVLHLYQAVGWTNYTHQTEMLEQALSHSLVIYLALDGDAVVGLIRLVGDGFSSVFVQDLIVLPSYQR
QGIGSSLMKEALGNFKEAYQVQLATEETEKNVGFYRSMGFEILSTYDCTGMIWINREK
;
_entity_poly.pdbx_strand_id                 A 
_entity_poly.pdbx_target_identifier         apc80214 
# 
_pdbx_entity_nonpoly.entity_id   2 
_pdbx_entity_nonpoly.name        water 
_pdbx_entity_nonpoly.comp_id     HOH 
# 
loop_
_entity_poly_seq.entity_id 
_entity_poly_seq.num 
_entity_poly_seq.mon_id 
_entity_poly_seq.hetero 
1 1   MSE n 
1 2   ILE n 
1 3   THR n 
1 4   ILE n 
1 5   LYS n 
1 6   LYS n 
1 7   GLN n 
1 8   GLU n 
1 9   ILE n 
1 10  VAL n 
1 11  LYS n 
1 12  LEU n 
1 13  GLU n 
1 14  ASP n 
1 15  VAL n 
1 16  LEU n 
1 17  HIS n 
1 18  LEU n 
1 19  TYR n 
1 20  GLN n 
1 21  ALA n 
1 22  VAL n 
1 23  GLY n 
1 24  TRP n 
1 25  THR n 
1 26  ASN n 
1 27  TYR n 
1 28  THR n 
1 29  HIS n 
1 30  GLN n 
1 31  THR n 
1 32  GLU n 
1 33  MSE n 
1 34  LEU n 
1 35  GLU n 
1 36  GLN n 
1 37  ALA n 
1 38  LEU n 
1 39  SER n 
1 40  HIS n 
1 41  SER n 
1 42  LEU n 
1 43  VAL n 
1 44  ILE n 
1 45  TYR n 
1 46  LEU n 
1 47  ALA n 
1 48  LEU n 
1 49  ASP n 
1 50  GLY n 
1 51  ASP n 
1 52  ALA n 
1 53  VAL n 
1 54  VAL n 
1 55  GLY n 
1 56  LEU n 
1 57  ILE n 
1 58  ARG n 
1 59  LEU n 
1 60  VAL n 
1 61  GLY n 
1 62  ASP n 
1 63  GLY n 
1 64  PHE n 
1 65  SER n 
1 66  SER n 
1 67  VAL n 
1 68  PHE n 
1 69  VAL n 
1 70  GLN n 
1 71  ASP n 
1 72  LEU n 
1 73  ILE n 
1 74  VAL n 
1 75  LEU n 
1 76  PRO n 
1 77  SER n 
1 78  TYR n 
1 79  GLN n 
1 80  ARG n 
1 81  GLN n 
1 82  GLY n 
1 83  ILE n 
1 84  GLY n 
1 85  SER n 
1 86  SER n 
1 87  LEU n 
1 88  MSE n 
1 89  LYS n 
1 90  GLU n 
1 91  ALA n 
1 92  LEU n 
1 93  GLY n 
1 94  ASN n 
1 95  PHE n 
1 96  LYS n 
1 97  GLU n 
1 98  ALA n 
1 99  TYR n 
1 100 GLN n 
1 101 VAL n 
1 102 GLN n 
1 103 LEU n 
1 104 ALA n 
1 105 THR n 
1 106 GLU n 
1 107 GLU n 
1 108 THR n 
1 109 GLU n 
1 110 LYS n 
1 111 ASN n 
1 112 VAL n 
1 113 GLY n 
1 114 PHE n 
1 115 TYR n 
1 116 ARG n 
1 117 SER n 
1 118 MSE n 
1 119 GLY n 
1 120 PHE n 
1 121 GLU n 
1 122 ILE n 
1 123 LEU n 
1 124 SER n 
1 125 THR n 
1 126 TYR n 
1 127 ASP n 
1 128 CYS n 
1 129 THR n 
1 130 GLY n 
1 131 MSE n 
1 132 ILE n 
1 133 TRP n 
1 134 ILE n 
1 135 ASN n 
1 136 ARG n 
1 137 GLU n 
1 138 LYS n 
# 
_entity_src_gen.entity_id                          1 
_entity_src_gen.pdbx_src_id                        1 
_entity_src_gen.pdbx_alt_source_flag               sample 
_entity_src_gen.pdbx_seq_type                      ? 
_entity_src_gen.pdbx_beg_seq_num                   ? 
_entity_src_gen.pdbx_end_seq_num                   ? 
_entity_src_gen.gene_src_common_name               ? 
_entity_src_gen.gene_src_genus                     Streptococcus 
_entity_src_gen.pdbx_gene_src_gene                 SP0256 
_entity_src_gen.gene_src_species                   'Streptococcus pneumoniae' 
_entity_src_gen.gene_src_strain                    TIGR4 
_entity_src_gen.gene_src_tissue                    ? 
_entity_src_gen.gene_src_tissue_fraction           ? 
_entity_src_gen.gene_src_details                   ? 
_entity_src_gen.pdbx_gene_src_fragment             ? 
_entity_src_gen.pdbx_gene_src_scientific_name      'Streptococcus pneumoniae' 
_entity_src_gen.pdbx_gene_src_ncbi_taxonomy_id     170187 
_entity_src_gen.pdbx_gene_src_variant              ? 
_entity_src_gen.pdbx_gene_src_cell_line            ? 
_entity_src_gen.pdbx_gene_src_atcc                 ? 
_entity_src_gen.pdbx_gene_src_organ                ? 
_entity_src_gen.pdbx_gene_src_organelle            ? 
_entity_src_gen.pdbx_gene_src_cell                 ? 
_entity_src_gen.pdbx_gene_src_cellular_location    ? 
_entity_src_gen.host_org_common_name               ? 
_entity_src_gen.pdbx_host_org_scientific_name      'Escherichia coli BL21(DE3)' 
_entity_src_gen.pdbx_host_org_ncbi_taxonomy_id     469008 
_entity_src_gen.host_org_genus                     Escherichia 
_entity_src_gen.pdbx_host_org_gene                 ? 
_entity_src_gen.pdbx_host_org_organ                ? 
_entity_src_gen.host_org_species                   'Escherichia coli' 
_entity_src_gen.pdbx_host_org_tissue               ? 
_entity_src_gen.pdbx_host_org_tissue_fraction      ? 
_entity_src_gen.pdbx_host_org_strain               'BL21(DE3)' 
_entity_src_gen.pdbx_host_org_variant              ? 
_entity_src_gen.pdbx_host_org_cell_line            ? 
_entity_src_gen.pdbx_host_org_atcc                 ? 
_entity_src_gen.pdbx_host_org_culture_collection   ? 
_entity_src_gen.pdbx_host_org_cell                 ? 
_entity_src_gen.pdbx_host_org_organelle            ? 
_entity_src_gen.pdbx_host_org_cellular_location    ? 
_entity_src_gen.pdbx_host_org_vector_type          plasmid 
_entity_src_gen.pdbx_host_org_vector               ? 
_entity_src_gen.host_org_details                   ? 
_entity_src_gen.expression_system_id               ? 
_entity_src_gen.plasmid_name                       PET15b 
_entity_src_gen.plasmid_details                    ? 
_entity_src_gen.pdbx_description                   ? 
# 
loop_
_chem_comp.id 
_chem_comp.type 
_chem_comp.mon_nstd_flag 
_chem_comp.name 
_chem_comp.pdbx_synonyms 
_chem_comp.formula 
_chem_comp.formula_weight 
ALA 'L-peptide linking' y ALANINE          ? 'C3 H7 N O2'     89.093  
ARG 'L-peptide linking' y ARGININE         ? 'C6 H15 N4 O2 1' 175.209 
ASN 'L-peptide linking' y ASPARAGINE       ? 'C4 H8 N2 O3'    132.118 
ASP 'L-peptide linking' y 'ASPARTIC ACID'  ? 'C4 H7 N O4'     133.103 
CYS 'L-peptide linking' y CYSTEINE         ? 'C3 H7 N O2 S'   121.158 
GLN 'L-peptide linking' y GLUTAMINE        ? 'C5 H10 N2 O3'   146.144 
GLU 'L-peptide linking' y 'GLUTAMIC ACID'  ? 'C5 H9 N O4'     147.129 
GLY 'peptide linking'   y GLYCINE          ? 'C2 H5 N O2'     75.067  
HIS 'L-peptide linking' y HISTIDINE        ? 'C6 H10 N3 O2 1' 156.162 
HOH non-polymer         . WATER            ? 'H2 O'           18.015  
ILE 'L-peptide linking' y ISOLEUCINE       ? 'C6 H13 N O2'    131.173 
LEU 'L-peptide linking' y LEUCINE          ? 'C6 H13 N O2'    131.173 
LYS 'L-peptide linking' y LYSINE           ? 'C6 H15 N2 O2 1' 147.195 
MET 'L-peptide linking' y METHIONINE       ? 'C5 H11 N O2 S'  149.211 
MSE 'L-peptide linking' n SELENOMETHIONINE ? 'C5 H11 N O2 Se' 196.106 
PHE 'L-peptide linking' y PHENYLALANINE    ? 'C9 H11 N O2'    165.189 
PRO 'L-peptide linking' y PROLINE          ? 'C5 H9 N O2'     115.130 
SER 'L-peptide linking' y SERINE           ? 'C3 H7 N O3'     105.093 
THR 'L-peptide linking' y THREONINE        ? 'C4 H9 N O3'     119.119 
TRP 'L-peptide linking' y TRYPTOPHAN       ? 'C11 H12 N2 O2'  204.225 
TYR 'L-peptide linking' y TYROSINE         ? 'C9 H11 N O3'    181.189 
VAL 'L-peptide linking' y VALINE           ? 'C5 H11 N O2'    117.146 
# 
loop_
_pdbx_poly_seq_scheme.asym_id 
_pdbx_poly_seq_scheme.entity_id 
_pdbx_poly_seq_scheme.seq_id 
_pdbx_poly_seq_scheme.mon_id 
_pdbx_poly_seq_scheme.ndb_seq_num 
_pdbx_poly_seq_scheme.pdb_seq_num 
_pdbx_poly_seq_scheme.auth_seq_num 
_pdbx_poly_seq_scheme.pdb_mon_id 
_pdbx_poly_seq_scheme.auth_mon_id 
_pdbx_poly_seq_scheme.pdb_strand_id 
_pdbx_poly_seq_scheme.pdb_ins_code 
_pdbx_poly_seq_scheme.hetero 
A 1 1   MSE 1   1   1   MSE MSE A . n 
A 1 2   ILE 2   2   2   ILE ILE A . n 
A 1 3   THR 3   3   3   THR THR A . n 
A 1 4   ILE 4   4   4   ILE ILE A . n 
A 1 5   LYS 5   5   5   LYS LYS A . n 
A 1 6   LYS 6   6   6   LYS LYS A . n 
A 1 7   GLN 7   7   7   GLN GLN A . n 
A 1 8   GLU 8   8   8   GLU GLU A . n 
A 1 9   ILE 9   9   9   ILE ILE A . n 
A 1 10  VAL 10  10  10  VAL VAL A . n 
A 1 11  LYS 11  11  11  LYS LYS A . n 
A 1 12  LEU 12  12  12  LEU LEU A . n 
A 1 13  GLU 13  13  13  GLU GLU A . n 
A 1 14  ASP 14  14  14  ASP ASP A . n 
A 1 15  VAL 15  15  15  VAL VAL A . n 
A 1 16  LEU 16  16  16  LEU LEU A . n 
A 1 17  HIS 17  17  17  HIS HIS A . n 
A 1 18  LEU 18  18  18  LEU LEU A . n 
A 1 19  TYR 19  19  19  TYR TYR A . n 
A 1 20  GLN 20  20  20  GLN GLN A . n 
A 1 21  ALA 21  21  21  ALA ALA A . n 
A 1 22  VAL 22  22  22  VAL VAL A . n 
A 1 23  GLY 23  23  23  GLY GLY A . n 
A 1 24  TRP 24  24  24  TRP TRP A . n 
A 1 25  THR 25  25  25  THR THR A . n 
A 1 26  ASN 26  26  26  ASN ASN A . n 
A 1 27  TYR 27  27  ?   ?   ?   A . n 
A 1 28  THR 28  28  ?   ?   ?   A . n 
A 1 29  HIS 29  29  ?   ?   ?   A . n 
A 1 30  GLN 30  30  ?   ?   ?   A . n 
A 1 31  THR 31  31  ?   ?   ?   A . n 
A 1 32  GLU 32  32  32  GLU GLU A . n 
A 1 33  MSE 33  33  33  MSE MSE A . n 
A 1 34  LEU 34  34  34  LEU LEU A . n 
A 1 35  GLU 35  35  35  GLU GLU A . n 
A 1 36  GLN 36  36  36  GLN GLN A . n 
A 1 37  ALA 37  37  37  ALA ALA A . n 
A 1 38  LEU 38  38  38  LEU LEU A . n 
A 1 39  SER 39  39  39  SER SER A . n 
A 1 40  HIS 40  40  40  HIS HIS A . n 
A 1 41  SER 41  41  41  SER SER A . n 
A 1 42  LEU 42  42  42  LEU LEU A . n 
A 1 43  VAL 43  43  43  VAL VAL A . n 
A 1 44  ILE 44  44  44  ILE ILE A . n 
A 1 45  TYR 45  45  45  TYR TYR A . n 
A 1 46  LEU 46  46  46  LEU LEU A . n 
A 1 47  ALA 47  47  47  ALA ALA A . n 
A 1 48  LEU 48  48  48  LEU LEU A . n 
A 1 49  ASP 49  49  49  ASP ASP A . n 
A 1 50  GLY 50  50  50  GLY GLY A . n 
A 1 51  ASP 51  51  51  ASP ASP A . n 
A 1 52  ALA 52  52  52  ALA ALA A . n 
A 1 53  VAL 53  53  53  VAL VAL A . n 
A 1 54  VAL 54  54  54  VAL VAL A . n 
A 1 55  GLY 55  55  55  GLY GLY A . n 
A 1 56  LEU 56  56  56  LEU LEU A . n 
A 1 57  ILE 57  57  57  ILE ILE A . n 
A 1 58  ARG 58  58  58  ARG ARG A . n 
A 1 59  LEU 59  59  59  LEU LEU A . n 
A 1 60  VAL 60  60  60  VAL VAL A . n 
A 1 61  GLY 61  61  61  GLY GLY A . n 
A 1 62  ASP 62  62  62  ASP ASP A . n 
A 1 63  GLY 63  63  63  GLY GLY A . n 
A 1 64  PHE 64  64  64  PHE PHE A . n 
A 1 65  SER 65  65  65  SER SER A . n 
A 1 66  SER 66  66  66  SER SER A . n 
A 1 67  VAL 67  67  67  VAL VAL A . n 
A 1 68  PHE 68  68  68  PHE PHE A . n 
A 1 69  VAL 69  69  69  VAL VAL A . n 
A 1 70  GLN 70  70  70  GLN GLN A . n 
A 1 71  ASP 71  71  71  ASP ASP A . n 
A 1 72  LEU 72  72  72  LEU LEU A . n 
A 1 73  ILE 73  73  73  ILE ILE A . n 
A 1 74  VAL 74  74  74  VAL VAL A . n 
A 1 75  LEU 75  75  75  LEU LEU A . n 
A 1 76  PRO 76  76  76  PRO PRO A . n 
A 1 77  SER 77  77  77  SER SER A . n 
A 1 78  TYR 78  78  78  TYR TYR A . n 
A 1 79  GLN 79  79  79  GLN GLN A . n 
A 1 80  ARG 80  80  80  ARG ARG A . n 
A 1 81  GLN 81  81  81  GLN GLN A . n 
A 1 82  GLY 82  82  82  GLY GLY A . n 
A 1 83  ILE 83  83  83  ILE ILE A . n 
A 1 84  GLY 84  84  84  GLY GLY A . n 
A 1 85  SER 85  85  85  SER SER A . n 
A 1 86  SER 86  86  86  SER SER A . n 
A 1 87  LEU 87  87  87  LEU LEU A . n 
A 1 88  MSE 88  88  88  MSE MSE A . n 
A 1 89  LYS 89  89  89  LYS LYS A . n 
A 1 90  GLU 90  90  90  GLU GLU A . n 
A 1 91  ALA 91  91  91  ALA ALA A . n 
A 1 92  LEU 92  92  92  LEU LEU A . n 
A 1 93  GLY 93  93  93  GLY GLY A . n 
A 1 94  ASN 94  94  94  ASN ASN A . n 
A 1 95  PHE 95  95  95  PHE PHE A . n 
A 1 96  LYS 96  96  96  LYS LYS A . n 
A 1 97  GLU 97  97  97  GLU GLU A . n 
A 1 98  ALA 98  98  98  ALA ALA A . n 
A 1 99  TYR 99  99  99  TYR TYR A . n 
A 1 100 GLN 100 100 100 GLN GLN A . n 
A 1 101 VAL 101 101 101 VAL VAL A . n 
A 1 102 GLN 102 102 102 GLN GLN A . n 
A 1 103 LEU 103 103 103 LEU LEU A . n 
A 1 104 ALA 104 104 104 ALA ALA A . n 
A 1 105 THR 105 105 105 THR THR A . n 
A 1 106 GLU 106 106 106 GLU GLU A . n 
A 1 107 GLU 107 107 107 GLU GLU A . n 
A 1 108 THR 108 108 108 THR THR A . n 
A 1 109 GLU 109 109 109 GLU GLU A . n 
A 1 110 LYS 110 110 110 LYS LYS A . n 
A 1 111 ASN 111 111 111 ASN ASN A . n 
A 1 112 VAL 112 112 112 VAL VAL A . n 
A 1 113 GLY 113 113 113 GLY GLY A . n 
A 1 114 PHE 114 114 114 PHE PHE A . n 
A 1 115 TYR 115 115 115 TYR TYR A . n 
A 1 116 ARG 116 116 116 ARG ARG A . n 
A 1 117 SER 117 117 117 SER SER A . n 
A 1 118 MSE 118 118 118 MSE MSE A . n 
A 1 119 GLY 119 119 119 GLY GLY A . n 
A 1 120 PHE 120 120 120 PHE PHE A . n 
A 1 121 GLU 121 121 121 GLU GLU A . n 
A 1 122 ILE 122 122 122 ILE ILE A . n 
A 1 123 LEU 123 123 123 LEU LEU A . n 
A 1 124 SER 124 124 124 SER SER A . n 
A 1 125 THR 125 125 125 THR THR A . n 
A 1 126 TYR 126 126 126 TYR TYR A . n 
A 1 127 ASP 127 127 127 ASP ASP A . n 
A 1 128 CYS 128 128 128 CYS CYS A . n 
A 1 129 THR 129 129 129 THR THR A . n 
A 1 130 GLY 130 130 130 GLY GLY A . n 
A 1 131 MSE 131 131 131 MSE MSE A . n 
A 1 132 ILE 132 132 132 ILE ILE A . n 
A 1 133 TRP 133 133 133 TRP TRP A . n 
A 1 134 ILE 134 134 134 ILE ILE A . n 
A 1 135 ASN 135 135 135 ASN ASN A . n 
A 1 136 ARG 136 136 136 ARG ARG A . n 
A 1 137 GLU 137 137 137 GLU GLU A . n 
A 1 138 LYS 138 138 ?   ?   ?   A . n 
# 
loop_
_pdbx_nonpoly_scheme.asym_id 
_pdbx_nonpoly_scheme.entity_id 
_pdbx_nonpoly_scheme.mon_id 
_pdbx_nonpoly_scheme.ndb_seq_num 
_pdbx_nonpoly_scheme.pdb_seq_num 
_pdbx_nonpoly_scheme.auth_seq_num 
_pdbx_nonpoly_scheme.pdb_mon_id 
_pdbx_nonpoly_scheme.auth_mon_id 
_pdbx_nonpoly_scheme.pdb_strand_id 
_pdbx_nonpoly_scheme.pdb_ins_code 
B 2 HOH 1  139 1  HOH HOH A . 
B 2 HOH 2  140 3  HOH HOH A . 
B 2 HOH 3  141 4  HOH HOH A . 
B 2 HOH 4  142 5  HOH HOH A . 
B 2 HOH 5  143 6  HOH HOH A . 
B 2 HOH 6  144 7  HOH HOH A . 
B 2 HOH 7  145 8  HOH HOH A . 
B 2 HOH 8  146 9  HOH HOH A . 
B 2 HOH 9  147 10 HOH HOH A . 
B 2 HOH 10 148 15 HOH HOH A . 
B 2 HOH 11 149 16 HOH HOH A . 
B 2 HOH 12 150 17 HOH HOH A . 
B 2 HOH 13 151 19 HOH HOH A . 
B 2 HOH 14 152 20 HOH HOH A . 
B 2 HOH 15 153 25 HOH HOH A . 
B 2 HOH 16 154 26 HOH HOH A . 
B 2 HOH 17 155 27 HOH HOH A . 
B 2 HOH 18 156 28 HOH HOH A . 
B 2 HOH 19 157 30 HOH HOH A . 
B 2 HOH 20 158 31 HOH HOH A . 
B 2 HOH 21 159 32 HOH HOH A . 
B 2 HOH 22 160 33 HOH HOH A . 
B 2 HOH 23 161 34 HOH HOH A . 
B 2 HOH 24 162 35 HOH HOH A . 
B 2 HOH 25 163 38 HOH HOH A . 
B 2 HOH 26 164 40 HOH HOH A . 
B 2 HOH 27 165 42 HOH HOH A . 
B 2 HOH 28 166 45 HOH HOH A . 
B 2 HOH 29 167 46 HOH HOH A . 
B 2 HOH 30 168 47 HOH HOH A . 
B 2 HOH 31 169 48 HOH HOH A . 
B 2 HOH 32 170 49 HOH HOH A . 
B 2 HOH 33 171 50 HOH HOH A . 
B 2 HOH 34 172 51 HOH HOH A . 
B 2 HOH 35 173 54 HOH HOH A . 
B 2 HOH 36 174 55 HOH HOH A . 
B 2 HOH 37 175 56 HOH HOH A . 
B 2 HOH 38 176 60 HOH HOH A . 
B 2 HOH 39 177 61 HOH HOH A . 
B 2 HOH 40 178 63 HOH HOH A . 
B 2 HOH 41 179 64 HOH HOH A . 
B 2 HOH 42 180 65 HOH HOH A . 
B 2 HOH 43 181 66 HOH HOH A . 
B 2 HOH 44 182 67 HOH HOH A . 
B 2 HOH 45 183 68 HOH HOH A . 
B 2 HOH 46 184 70 HOH HOH A . 
B 2 HOH 47 185 71 HOH HOH A . 
B 2 HOH 48 186 73 HOH HOH A . 
B 2 HOH 49 187 77 HOH HOH A . 
B 2 HOH 50 188 78 HOH HOH A . 
B 2 HOH 51 189 79 HOH HOH A . 
B 2 HOH 52 190 84 HOH HOH A . 
B 2 HOH 53 191 86 HOH HOH A . 
B 2 HOH 54 192 88 HOH HOH A . 
B 2 HOH 55 193 91 HOH HOH A . 
B 2 HOH 56 194 93 HOH HOH A . 
# 
loop_
_software.name 
_software.classification 
_software.version 
_software.citation_id 
_software.pdbx_ordinal 
REFMAC    refinement       5.2.0005 ? 1 
HKL-2000  'data reduction' .        ? 2 
SCALEPACK 'data scaling'   .        ? 3 
SHARP     phasing          .        ? 4 
# 
_cell.entry_id           2ATR 
_cell.length_a           71.389 
_cell.length_b           71.389 
_cell.length_c           59.179 
_cell.angle_alpha        90.00 
_cell.angle_beta         90.00 
_cell.angle_gamma        120.00 
_cell.Z_PDB              6 
_cell.pdbx_unique_axis   ? 
_cell.length_a_esd       ? 
_cell.length_b_esd       ? 
_cell.length_c_esd       ? 
_cell.angle_alpha_esd    ? 
_cell.angle_beta_esd     ? 
_cell.angle_gamma_esd    ? 
# 
_symmetry.entry_id                         2ATR 
_symmetry.space_group_name_H-M             'P 31 2 1' 
_symmetry.pdbx_full_space_group_name_H-M   ? 
_symmetry.cell_setting                     ? 
_symmetry.Int_Tables_number                152 
_symmetry.space_group_name_Hall            ? 
# 
_exptl.entry_id          2ATR 
_exptl.method            'X-RAY DIFFRACTION' 
_exptl.crystals_number   1 
# 
_exptl_crystal.id                    1 
_exptl_crystal.density_meas          ? 
_exptl_crystal.density_Matthews      2.79 
_exptl_crystal.density_percent_sol   55.84 
_exptl_crystal.description           ? 
_exptl_crystal.F_000                 ? 
_exptl_crystal.preparation           ? 
# 
_exptl_crystal_grow.crystal_id      1 
_exptl_crystal_grow.method          'VAPOR DIFFUSION, HANGING DROP' 
_exptl_crystal_grow.temp            298 
_exptl_crystal_grow.temp_details    ? 
_exptl_crystal_grow.pH              8.0 
_exptl_crystal_grow.pdbx_details    '1.0M (NH4)2HPO4, 0.1M Tris pH 8.5, pH 8.0, VAPOR DIFFUSION, HANGING DROP, temperature 298K' 
_exptl_crystal_grow.pdbx_pH_range   . 
# 
_diffrn.id                     1 
_diffrn.ambient_temp           150 
_diffrn.ambient_temp_details   ? 
_diffrn.crystal_id             1 
# 
_diffrn_detector.diffrn_id              1 
_diffrn_detector.detector               CCD 
_diffrn_detector.type                   SBC-1 
_diffrn_detector.pdbx_collection_date   2005-06-14 
_diffrn_detector.details                ? 
# 
_diffrn_radiation.diffrn_id                        1 
_diffrn_radiation.wavelength_id                    1 
_diffrn_radiation.pdbx_monochromatic_or_laue_m_l   M 
_diffrn_radiation.monochromator                    'Double Crystal' 
_diffrn_radiation.pdbx_diffrn_protocol             'SINGLE WAVELENGTH' 
_diffrn_radiation.pdbx_scattering_type             x-ray 
# 
_diffrn_radiation_wavelength.id           1 
_diffrn_radiation_wavelength.wavelength   0.9792348 
_diffrn_radiation_wavelength.wt           1.0 
# 
_diffrn_source.diffrn_id                   1 
_diffrn_source.source                      SYNCHROTRON 
_diffrn_source.type                        'APS BEAMLINE 19-BM' 
_diffrn_source.pdbx_synchrotron_site       APS 
_diffrn_source.pdbx_synchrotron_beamline   19-BM 
_diffrn_source.pdbx_wavelength             ? 
_diffrn_source.pdbx_wavelength_list        0.9792348 
# 
_reflns.entry_id                     2ATR 
_reflns.observed_criterion_sigma_F   2 
_reflns.observed_criterion_sigma_I   2 
_reflns.d_resolution_high            2.01 
_reflns.d_resolution_low             61.78 
_reflns.number_all                   11450 
_reflns.number_obs                   10898 
_reflns.percent_possible_obs         95.5 
_reflns.pdbx_Rmerge_I_obs            ? 
_reflns.pdbx_Rsym_value              ? 
_reflns.pdbx_netI_over_sigmaI        ? 
_reflns.B_iso_Wilson_estimate        ? 
_reflns.pdbx_redundancy              ? 
_reflns.R_free_details               ? 
_reflns.limit_h_max                  ? 
_reflns.limit_h_min                  ? 
_reflns.limit_k_max                  ? 
_reflns.limit_k_min                  ? 
_reflns.limit_l_max                  ? 
_reflns.limit_l_min                  ? 
_reflns.observed_criterion_F_max     ? 
_reflns.observed_criterion_F_min     ? 
_reflns.pdbx_chi_squared             ? 
_reflns.pdbx_scaling_rejects         ? 
_reflns.pdbx_ordinal                 1 
_reflns.pdbx_diffrn_id               1 
# 
_reflns_shell.d_res_high             2.01 
_reflns_shell.d_res_low              2.08 
_reflns_shell.percent_possible_all   91.6 
_reflns_shell.Rmerge_I_obs           ? 
_reflns_shell.pdbx_Rsym_value        ? 
_reflns_shell.meanI_over_sigI_obs    ? 
_reflns_shell.pdbx_redundancy        ? 
_reflns_shell.percent_possible_obs   ? 
_reflns_shell.number_unique_all      ? 
_reflns_shell.number_measured_all    ? 
_reflns_shell.number_measured_obs    ? 
_reflns_shell.number_unique_obs      ? 
_reflns_shell.pdbx_chi_squared       ? 
_reflns_shell.pdbx_ordinal           1 
_reflns_shell.pdbx_diffrn_id         1 
# 
_refine.entry_id                                 2ATR 
_refine.ls_number_reflns_obs                     10898 
_refine.ls_number_reflns_all                     11450 
_refine.pdbx_ls_sigma_I                          ? 
_refine.pdbx_ls_sigma_F                          2 
_refine.pdbx_data_cutoff_high_absF               ? 
_refine.pdbx_data_cutoff_low_absF                ? 
_refine.pdbx_data_cutoff_high_rms_absF           ? 
_refine.ls_d_res_low                             61.78 
_refine.ls_d_res_high                            2.01 
_refine.ls_percent_reflns_obs                    95.97 
_refine.ls_R_factor_obs                          0.22107 
_refine.ls_R_factor_all                          0.2679 
_refine.ls_R_factor_R_work                       0.21824 
_refine.ls_R_factor_R_free                       0.27613 
_refine.ls_R_factor_R_free_error                 ? 
_refine.ls_R_factor_R_free_error_details         ? 
_refine.ls_percent_reflns_R_free                 4.8 
_refine.ls_number_reflns_R_free                  547 
_refine.ls_number_parameters                     ? 
_refine.ls_number_restraints                     ? 
_refine.occupancy_min                            ? 
_refine.occupancy_max                            ? 
_refine.correlation_coeff_Fo_to_Fc               0.944 
_refine.correlation_coeff_Fo_to_Fc_free          0.917 
_refine.B_iso_mean                               37.694 
_refine.aniso_B[1][1]                            -0.10 
_refine.aniso_B[2][2]                            -0.10 
_refine.aniso_B[3][3]                            0.15 
_refine.aniso_B[1][2]                            -0.05 
_refine.aniso_B[1][3]                            0.00 
_refine.aniso_B[2][3]                            0.00 
_refine.solvent_model_details                    MASK 
_refine.solvent_model_param_ksol                 ? 
_refine.solvent_model_param_bsol                 ? 
_refine.pdbx_solvent_vdw_probe_radii             1.20 
_refine.pdbx_solvent_ion_probe_radii             0.80 
_refine.pdbx_solvent_shrinkage_radii             0.80 
_refine.pdbx_ls_cross_valid_method               THROUGHOUT 
_refine.details                                  'HYDROGENS HAVE BEEN ADDED IN THE RIDING POSITIONS' 
_refine.pdbx_starting_model                      ? 
_refine.pdbx_method_to_determine_struct          SAD 
_refine.pdbx_isotropic_thermal_model             ? 
_refine.pdbx_stereochemistry_target_values       'MAXIMUM LIKELIHOOD' 
_refine.pdbx_stereochem_target_val_spec_case     ? 
_refine.pdbx_R_Free_selection_details            RANDOM 
_refine.pdbx_overall_ESU_R                       0.190 
_refine.pdbx_overall_ESU_R_Free                  0.184 
_refine.overall_SU_ML                            0.132 
_refine.overall_SU_B                             4.622 
_refine.ls_redundancy_reflns_obs                 ? 
_refine.B_iso_min                                ? 
_refine.B_iso_max                                ? 
_refine.overall_SU_R_Cruickshank_DPI             ? 
_refine.overall_SU_R_free                        ? 
_refine.ls_wR_factor_R_free                      ? 
_refine.ls_wR_factor_R_work                      ? 
_refine.overall_FOM_free_R_set                   ? 
_refine.overall_FOM_work_R_set                   ? 
_refine.pdbx_refine_id                           'X-RAY DIFFRACTION' 
_refine.pdbx_diffrn_id                           1 
_refine.pdbx_TLS_residual_ADP_flag               ? 
_refine.pdbx_overall_phase_error                 ? 
_refine.pdbx_overall_SU_R_free_Cruickshank_DPI   ? 
_refine.pdbx_overall_SU_R_Blow_DPI               ? 
_refine.pdbx_overall_SU_R_free_Blow_DPI          ? 
# 
_refine_hist.pdbx_refine_id                   'X-RAY DIFFRACTION' 
_refine_hist.cycle_id                         LAST 
_refine_hist.pdbx_number_atoms_protein        1044 
_refine_hist.pdbx_number_atoms_nucleic_acid   0 
_refine_hist.pdbx_number_atoms_ligand         0 
_refine_hist.number_atoms_solvent             56 
_refine_hist.number_atoms_total               1100 
_refine_hist.d_res_high                       2.01 
_refine_hist.d_res_low                        61.78 
# 
loop_
_refine_ls_restr.type 
_refine_ls_restr.dev_ideal 
_refine_ls_restr.dev_ideal_target 
_refine_ls_restr.weight 
_refine_ls_restr.number 
_refine_ls_restr.pdbx_refine_id 
_refine_ls_restr.pdbx_restraint_function 
r_bond_refined_d         0.025  0.022  ? 1080 'X-RAY DIFFRACTION' ? 
r_angle_refined_deg      1.868  1.981  ? 1460 'X-RAY DIFFRACTION' ? 
r_dihedral_angle_1_deg   15.114 5.000  ? 130  'X-RAY DIFFRACTION' ? 
r_dihedral_angle_2_deg   38.308 25.306 ? 49   'X-RAY DIFFRACTION' ? 
r_dihedral_angle_3_deg   15.002 15.000 ? 193  'X-RAY DIFFRACTION' ? 
r_dihedral_angle_4_deg   19.169 15.000 ? 4    'X-RAY DIFFRACTION' ? 
r_chiral_restr           0.156  0.200  ? 164  'X-RAY DIFFRACTION' ? 
r_gen_planes_refined     0.008  0.020  ? 779  'X-RAY DIFFRACTION' ? 
r_nbd_refined            0.248  0.200  ? 404  'X-RAY DIFFRACTION' ? 
r_nbtor_refined          0.302  0.200  ? 705  'X-RAY DIFFRACTION' ? 
r_xyhbond_nbd_refined    0.188  0.200  ? 63   'X-RAY DIFFRACTION' ? 
r_symmetry_vdw_refined   0.199  0.200  ? 54   'X-RAY DIFFRACTION' ? 
r_symmetry_hbond_refined 0.191  0.200  ? 10   'X-RAY DIFFRACTION' ? 
r_mcbond_it              2.147  1.500  ? 677  'X-RAY DIFFRACTION' ? 
r_mcangle_it             2.270  2.000  ? 1040 'X-RAY DIFFRACTION' ? 
r_scbond_it              3.828  3.000  ? 471  'X-RAY DIFFRACTION' ? 
r_scangle_it             5.048  4.500  ? 420  'X-RAY DIFFRACTION' ? 
# 
_refine_ls_shell.pdbx_total_number_of_bins_used   20 
_refine_ls_shell.d_res_high                       2.01 
_refine_ls_shell.d_res_low                        2.063 
_refine_ls_shell.number_reflns_R_work             779 
_refine_ls_shell.R_factor_R_work                  0.296 
_refine_ls_shell.percent_reflns_obs               94.62 
_refine_ls_shell.R_factor_R_free                  0.366 
_refine_ls_shell.R_factor_R_free_error            ? 
_refine_ls_shell.percent_reflns_R_free            ? 
_refine_ls_shell.number_reflns_R_free             47 
_refine_ls_shell.number_reflns_obs                ? 
_refine_ls_shell.redundancy_reflns_obs            ? 
_refine_ls_shell.number_reflns_all                ? 
_refine_ls_shell.R_factor_all                     ? 
_refine_ls_shell.pdbx_refine_id                   'X-RAY DIFFRACTION' 
# 
_struct.entry_id                  2ATR 
_struct.title                     'Acetyltransferase, GNAT family protein SP0256 from Streptococcus pneumoniae TIGR4' 
_struct.pdbx_model_details        ? 
_struct.pdbx_CASP_flag            ? 
_struct.pdbx_model_type_details   ? 
# 
_struct_keywords.entry_id        2ATR 
_struct_keywords.pdbx_keywords   'STRUCTURAL GENOMICS, UNKNOWN FUNCTION' 
_struct_keywords.text            
;MCSG, structural genomics, Streptococcus pneumoniae, acetyltransferase, GNAT family, PSI, Protein Structure Initiative, Midwest Center for Structural Genomics, UNKNOWN FUNCTION
;
# 
loop_
_struct_asym.id 
_struct_asym.pdbx_blank_PDB_chainid_flag 
_struct_asym.pdbx_modified 
_struct_asym.entity_id 
_struct_asym.details 
A N N 1 ? 
B N N 2 ? 
# 
_struct_ref.id                         1 
_struct_ref.db_name                    UNP 
_struct_ref.db_code                    Q97SR8_STRPN 
_struct_ref.pdbx_db_accession          Q97SR8 
_struct_ref.entity_id                  1 
_struct_ref.pdbx_seq_one_letter_code   
;MITIKKQEIVKLEDVLHLYQAVGWTNYTHQTEMLEQALSHSLVIYLALDGDAVVGLIRLVGDGFSSVFVQDLIVLPSYQR
QGIGSSLMKEALGNFKEAYQVQLATEETEKNVGFYRSMGFEILSTYDCTGMIWINREK
;
_struct_ref.pdbx_align_begin           1 
_struct_ref.pdbx_db_isoform            ? 
# 
_struct_ref_seq.align_id                      1 
_struct_ref_seq.ref_id                        1 
_struct_ref_seq.pdbx_PDB_id_code              2ATR 
_struct_ref_seq.pdbx_strand_id                A 
_struct_ref_seq.seq_align_beg                 1 
_struct_ref_seq.pdbx_seq_align_beg_ins_code   ? 
_struct_ref_seq.seq_align_end                 138 
_struct_ref_seq.pdbx_seq_align_end_ins_code   ? 
_struct_ref_seq.pdbx_db_accession             Q97SR8 
_struct_ref_seq.db_align_beg                  1 
_struct_ref_seq.pdbx_db_align_beg_ins_code    ? 
_struct_ref_seq.db_align_end                  138 
_struct_ref_seq.pdbx_db_align_end_ins_code    ? 
_struct_ref_seq.pdbx_auth_seq_align_beg       1 
_struct_ref_seq.pdbx_auth_seq_align_end       138 
# 
loop_
_struct_ref_seq_dif.align_id 
_struct_ref_seq_dif.pdbx_pdb_id_code 
_struct_ref_seq_dif.mon_id 
_struct_ref_seq_dif.pdbx_pdb_strand_id 
_struct_ref_seq_dif.seq_num 
_struct_ref_seq_dif.pdbx_pdb_ins_code 
_struct_ref_seq_dif.pdbx_seq_db_name 
_struct_ref_seq_dif.pdbx_seq_db_accession_code 
_struct_ref_seq_dif.db_mon_id 
_struct_ref_seq_dif.pdbx_seq_db_seq_num 
_struct_ref_seq_dif.details 
_struct_ref_seq_dif.pdbx_auth_seq_num 
_struct_ref_seq_dif.pdbx_ordinal 
1 2ATR MSE A 1   ? UNP Q97SR8 MET 1   'modified residue' 1   1 
1 2ATR MSE A 33  ? UNP Q97SR8 MET 33  'modified residue' 33  2 
1 2ATR MSE A 88  ? UNP Q97SR8 MET 88  'modified residue' 88  3 
1 2ATR MSE A 118 ? UNP Q97SR8 MET 118 'modified residue' 118 4 
1 2ATR MSE A 131 ? UNP Q97SR8 MET 131 'modified residue' 131 5 
# 
loop_
_pdbx_struct_assembly.id 
_pdbx_struct_assembly.details 
_pdbx_struct_assembly.method_details 
_pdbx_struct_assembly.oligomeric_details 
_pdbx_struct_assembly.oligomeric_count 
1 author_defined_assembly   ?        monomeric 1 
2 software_defined_assembly PISA,PQS dimeric   2 
# 
loop_
_pdbx_struct_assembly_prop.biol_id 
_pdbx_struct_assembly_prop.type 
_pdbx_struct_assembly_prop.value 
_pdbx_struct_assembly_prop.details 
2 'ABSA (A^2)' 4680  ? 
2 MORE         -35   ? 
2 'SSA (A^2)'  13670 ? 
# 
loop_
_pdbx_struct_assembly_gen.assembly_id 
_pdbx_struct_assembly_gen.oper_expression 
_pdbx_struct_assembly_gen.asym_id_list 
1 1   A,B 
2 1,2 A,B 
# 
loop_
_pdbx_struct_oper_list.id 
_pdbx_struct_oper_list.type 
_pdbx_struct_oper_list.name 
_pdbx_struct_oper_list.symmetry_operation 
_pdbx_struct_oper_list.matrix[1][1] 
_pdbx_struct_oper_list.matrix[1][2] 
_pdbx_struct_oper_list.matrix[1][3] 
_pdbx_struct_oper_list.vector[1] 
_pdbx_struct_oper_list.matrix[2][1] 
_pdbx_struct_oper_list.matrix[2][2] 
_pdbx_struct_oper_list.matrix[2][3] 
_pdbx_struct_oper_list.vector[2] 
_pdbx_struct_oper_list.matrix[3][1] 
_pdbx_struct_oper_list.matrix[3][2] 
_pdbx_struct_oper_list.matrix[3][3] 
_pdbx_struct_oper_list.vector[3] 
1 'identity operation'         1_555 x,y,z  1.0000000000 0.0000000000 0.0000000000 0.0000000000   0.0000000000 1.0000000000  0.0000000000 0.0000000000 0.0000000000 0.0000000000 1.0000000000  0.0000000000  
2 'crystal symmetry operation' 4_555 y,x,-z 0.2597323883 0.7784045908 0.5715114868 -10.4417600567 0.7784045908 -0.5190139489 0.3531441829 2.1020502922 0.5715114868 0.3531441829 -0.7407184394 20.1528368235 
# 
_struct_biol.id   1 
# 
loop_
_struct_conf.conf_type_id 
_struct_conf.id 
_struct_conf.pdbx_PDB_helix_id 
_struct_conf.beg_label_comp_id 
_struct_conf.beg_label_asym_id 
_struct_conf.beg_label_seq_id 
_struct_conf.pdbx_beg_PDB_ins_code 
_struct_conf.end_label_comp_id 
_struct_conf.end_label_asym_id 
_struct_conf.end_label_seq_id 
_struct_conf.pdbx_end_PDB_ins_code 
_struct_conf.beg_auth_comp_id 
_struct_conf.beg_auth_asym_id 
_struct_conf.beg_auth_seq_id 
_struct_conf.end_auth_comp_id 
_struct_conf.end_auth_asym_id 
_struct_conf.end_auth_seq_id 
_struct_conf.pdbx_PDB_helix_class 
_struct_conf.details 
_struct_conf.pdbx_PDB_helix_length 
HELX_P HELX_P1 1 LYS A 11  ? ALA A 21  ? LYS A 11  ALA A 21  1 ? 11 
HELX_P HELX_P2 2 GLU A 32  ? SER A 39  ? GLU A 32  SER A 39  1 ? 8  
HELX_P HELX_P3 3 GLY A 82  ? GLY A 93  ? GLY A 82  GLY A 93  1 ? 12 
HELX_P HELX_P4 4 ASN A 94  ? LYS A 96  ? ASN A 94  LYS A 96  5 ? 3  
HELX_P HELX_P5 5 THR A 108 ? MSE A 118 ? THR A 108 MSE A 118 1 ? 11 
HELX_P HELX_P6 6 ILE A 122 ? ASP A 127 ? ILE A 122 ASP A 127 5 ? 6  
# 
_struct_conf_type.id          HELX_P 
_struct_conf_type.criteria    ? 
_struct_conf_type.reference   ? 
# 
loop_
_struct_conn.id 
_struct_conn.conn_type_id 
_struct_conn.pdbx_leaving_atom_flag 
_struct_conn.pdbx_PDB_id 
_struct_conn.ptnr1_label_asym_id 
_struct_conn.ptnr1_label_comp_id 
_struct_conn.ptnr1_label_seq_id 
_struct_conn.ptnr1_label_atom_id 
_struct_conn.pdbx_ptnr1_label_alt_id 
_struct_conn.pdbx_ptnr1_PDB_ins_code 
_struct_conn.pdbx_ptnr1_standard_comp_id 
_struct_conn.ptnr1_symmetry 
_struct_conn.ptnr2_label_asym_id 
_struct_conn.ptnr2_label_comp_id 
_struct_conn.ptnr2_label_seq_id 
_struct_conn.ptnr2_label_atom_id 
_struct_conn.pdbx_ptnr2_label_alt_id 
_struct_conn.pdbx_ptnr2_PDB_ins_code 
_struct_conn.ptnr1_auth_asym_id 
_struct_conn.ptnr1_auth_comp_id 
_struct_conn.ptnr1_auth_seq_id 
_struct_conn.ptnr2_auth_asym_id 
_struct_conn.ptnr2_auth_comp_id 
_struct_conn.ptnr2_auth_seq_id 
_struct_conn.ptnr2_symmetry 
_struct_conn.pdbx_ptnr3_label_atom_id 
_struct_conn.pdbx_ptnr3_label_seq_id 
_struct_conn.pdbx_ptnr3_label_comp_id 
_struct_conn.pdbx_ptnr3_label_asym_id 
_struct_conn.pdbx_ptnr3_label_alt_id 
_struct_conn.pdbx_ptnr3_PDB_ins_code 
_struct_conn.details 
_struct_conn.pdbx_dist_value 
_struct_conn.pdbx_value_order 
_struct_conn.pdbx_role 
covale1 covale both ? A MSE 1   C ? ? ? 1_555 A ILE 2   N ? ? A MSE 1   A ILE 2   1_555 ? ? ? ? ? ? ? 1.339 ? ? 
covale2 covale both ? A GLU 32  C ? ? ? 1_555 A MSE 33  N ? ? A GLU 32  A MSE 33  1_555 ? ? ? ? ? ? ? 1.318 ? ? 
covale3 covale both ? A MSE 33  C ? ? ? 1_555 A LEU 34  N ? ? A MSE 33  A LEU 34  1_555 ? ? ? ? ? ? ? 1.332 ? ? 
covale4 covale both ? A LEU 87  C ? ? ? 1_555 A MSE 88  N ? ? A LEU 87  A MSE 88  1_555 ? ? ? ? ? ? ? 1.324 ? ? 
covale5 covale both ? A MSE 88  C ? ? ? 1_555 A LYS 89  N ? ? A MSE 88  A LYS 89  1_555 ? ? ? ? ? ? ? 1.326 ? ? 
covale6 covale both ? A SER 117 C ? ? ? 1_555 A MSE 118 N ? ? A SER 117 A MSE 118 1_555 ? ? ? ? ? ? ? 1.333 ? ? 
covale7 covale both ? A MSE 118 C ? ? ? 1_555 A GLY 119 N ? ? A MSE 118 A GLY 119 1_555 ? ? ? ? ? ? ? 1.341 ? ? 
covale8 covale both ? A GLY 130 C ? ? ? 1_555 A MSE 131 N ? ? A GLY 130 A MSE 131 1_555 ? ? ? ? ? ? ? 1.342 ? ? 
covale9 covale both ? A MSE 131 C ? ? ? 1_555 A ILE 132 N ? ? A MSE 131 A ILE 132 1_555 ? ? ? ? ? ? ? 1.330 ? ? 
# 
_struct_conn_type.id          covale 
_struct_conn_type.criteria    ? 
_struct_conn_type.reference   ? 
# 
loop_
_pdbx_modification_feature.ordinal 
_pdbx_modification_feature.label_comp_id 
_pdbx_modification_feature.label_asym_id 
_pdbx_modification_feature.label_seq_id 
_pdbx_modification_feature.label_alt_id 
_pdbx_modification_feature.modified_residue_label_comp_id 
_pdbx_modification_feature.modified_residue_label_asym_id 
_pdbx_modification_feature.modified_residue_label_seq_id 
_pdbx_modification_feature.modified_residue_label_alt_id 
_pdbx_modification_feature.auth_comp_id 
_pdbx_modification_feature.auth_asym_id 
_pdbx_modification_feature.auth_seq_id 
_pdbx_modification_feature.PDB_ins_code 
_pdbx_modification_feature.symmetry 
_pdbx_modification_feature.modified_residue_auth_comp_id 
_pdbx_modification_feature.modified_residue_auth_asym_id 
_pdbx_modification_feature.modified_residue_auth_seq_id 
_pdbx_modification_feature.modified_residue_PDB_ins_code 
_pdbx_modification_feature.modified_residue_symmetry 
_pdbx_modification_feature.comp_id_linking_atom 
_pdbx_modification_feature.modified_residue_id_linking_atom 
_pdbx_modification_feature.modified_residue_id 
_pdbx_modification_feature.ref_pcm_id 
_pdbx_modification_feature.ref_comp_id 
_pdbx_modification_feature.type 
_pdbx_modification_feature.category 
1 MSE A 1   ? . . . . MSE A 1   ? 1_555 . . . . . . . MET 1 MSE Selenomethionine 'Named protein modification' 
2 MSE A 33  ? . . . . MSE A 33  ? 1_555 . . . . . . . MET 1 MSE Selenomethionine 'Named protein modification' 
3 MSE A 88  ? . . . . MSE A 88  ? 1_555 . . . . . . . MET 1 MSE Selenomethionine 'Named protein modification' 
4 MSE A 118 ? . . . . MSE A 118 ? 1_555 . . . . . . . MET 1 MSE Selenomethionine 'Named protein modification' 
5 MSE A 131 ? . . . . MSE A 131 ? 1_555 . . . . . . . MET 1 MSE Selenomethionine 'Named protein modification' 
# 
_struct_sheet.id               A 
_struct_sheet.type             ? 
_struct_sheet.number_strands   5 
_struct_sheet.details          ? 
# 
loop_
_struct_sheet_order.sheet_id 
_struct_sheet_order.range_id_1 
_struct_sheet_order.range_id_2 
_struct_sheet_order.offset 
_struct_sheet_order.sense 
A 1 2 ? anti-parallel 
A 2 3 ? anti-parallel 
A 3 4 ? anti-parallel 
A 4 5 ? parallel      
# 
loop_
_struct_sheet_range.sheet_id 
_struct_sheet_range.id 
_struct_sheet_range.beg_label_comp_id 
_struct_sheet_range.beg_label_asym_id 
_struct_sheet_range.beg_label_seq_id 
_struct_sheet_range.pdbx_beg_PDB_ins_code 
_struct_sheet_range.end_label_comp_id 
_struct_sheet_range.end_label_asym_id 
_struct_sheet_range.end_label_seq_id 
_struct_sheet_range.pdbx_end_PDB_ins_code 
_struct_sheet_range.beg_auth_comp_id 
_struct_sheet_range.beg_auth_asym_id 
_struct_sheet_range.beg_auth_seq_id 
_struct_sheet_range.end_auth_comp_id 
_struct_sheet_range.end_auth_asym_id 
_struct_sheet_range.end_auth_seq_id 
A 1 ILE A 2   ? GLN A 7   ? ILE A 2   GLN A 7   
A 2 VAL A 43  ? ASP A 49  ? VAL A 43  ASP A 49  
A 3 ALA A 52  ? GLY A 61  ? ALA A 52  GLY A 61  
A 4 SER A 66  ? VAL A 74  ? SER A 66  VAL A 74  
A 5 GLN A 100 ? GLN A 102 ? GLN A 100 GLN A 102 
# 
loop_
_pdbx_struct_sheet_hbond.sheet_id 
_pdbx_struct_sheet_hbond.range_id_1 
_pdbx_struct_sheet_hbond.range_id_2 
_pdbx_struct_sheet_hbond.range_1_label_atom_id 
_pdbx_struct_sheet_hbond.range_1_label_comp_id 
_pdbx_struct_sheet_hbond.range_1_label_asym_id 
_pdbx_struct_sheet_hbond.range_1_label_seq_id 
_pdbx_struct_sheet_hbond.range_1_PDB_ins_code 
_pdbx_struct_sheet_hbond.range_1_auth_atom_id 
_pdbx_struct_sheet_hbond.range_1_auth_comp_id 
_pdbx_struct_sheet_hbond.range_1_auth_asym_id 
_pdbx_struct_sheet_hbond.range_1_auth_seq_id 
_pdbx_struct_sheet_hbond.range_2_label_atom_id 
_pdbx_struct_sheet_hbond.range_2_label_comp_id 
_pdbx_struct_sheet_hbond.range_2_label_asym_id 
_pdbx_struct_sheet_hbond.range_2_label_seq_id 
_pdbx_struct_sheet_hbond.range_2_PDB_ins_code 
_pdbx_struct_sheet_hbond.range_2_auth_atom_id 
_pdbx_struct_sheet_hbond.range_2_auth_comp_id 
_pdbx_struct_sheet_hbond.range_2_auth_asym_id 
_pdbx_struct_sheet_hbond.range_2_auth_seq_id 
A 1 2 N LYS A 5  ? N LYS A 5  O LEU A 46  ? O LEU A 46  
A 2 3 N ALA A 47 ? N ALA A 47 O VAL A 54  ? O VAL A 54  
A 3 4 N LEU A 56 ? N LEU A 56 O ILE A 73  ? O ILE A 73  
A 4 5 N VAL A 69 ? N VAL A 69 O GLN A 102 ? O GLN A 102 
# 
_pdbx_entry_details.entry_id                   2ATR 
_pdbx_entry_details.compound_details           ? 
_pdbx_entry_details.source_details             ? 
_pdbx_entry_details.nonpolymer_details         ? 
_pdbx_entry_details.sequence_details           ? 
_pdbx_entry_details.has_ligand_of_interest     ? 
_pdbx_entry_details.has_protein_modification   Y 
# 
loop_
_pdbx_validate_rmsd_bond.id 
_pdbx_validate_rmsd_bond.PDB_model_num 
_pdbx_validate_rmsd_bond.auth_atom_id_1 
_pdbx_validate_rmsd_bond.auth_asym_id_1 
_pdbx_validate_rmsd_bond.auth_comp_id_1 
_pdbx_validate_rmsd_bond.auth_seq_id_1 
_pdbx_validate_rmsd_bond.PDB_ins_code_1 
_pdbx_validate_rmsd_bond.label_alt_id_1 
_pdbx_validate_rmsd_bond.auth_atom_id_2 
_pdbx_validate_rmsd_bond.auth_asym_id_2 
_pdbx_validate_rmsd_bond.auth_comp_id_2 
_pdbx_validate_rmsd_bond.auth_seq_id_2 
_pdbx_validate_rmsd_bond.PDB_ins_code_2 
_pdbx_validate_rmsd_bond.label_alt_id_2 
_pdbx_validate_rmsd_bond.bond_value 
_pdbx_validate_rmsd_bond.bond_target_value 
_pdbx_validate_rmsd_bond.bond_deviation 
_pdbx_validate_rmsd_bond.bond_standard_deviation 
_pdbx_validate_rmsd_bond.linker_flag 
1 1 N A THR 25 ? ? CA A THR 25 ? ? 1.660 1.459 0.201 0.020 N 
2 1 C A ASN 26 ? ? O  A ASN 26 ? ? 1.371 1.229 0.142 0.019 N 
# 
_pdbx_validate_rmsd_angle.id                         1 
_pdbx_validate_rmsd_angle.PDB_model_num              1 
_pdbx_validate_rmsd_angle.auth_atom_id_1             CA 
_pdbx_validate_rmsd_angle.auth_asym_id_1             A 
_pdbx_validate_rmsd_angle.auth_comp_id_1             ASN 
_pdbx_validate_rmsd_angle.auth_seq_id_1              26 
_pdbx_validate_rmsd_angle.PDB_ins_code_1             ? 
_pdbx_validate_rmsd_angle.label_alt_id_1             ? 
_pdbx_validate_rmsd_angle.auth_atom_id_2             C 
_pdbx_validate_rmsd_angle.auth_asym_id_2             A 
_pdbx_validate_rmsd_angle.auth_comp_id_2             ASN 
_pdbx_validate_rmsd_angle.auth_seq_id_2              26 
_pdbx_validate_rmsd_angle.PDB_ins_code_2             ? 
_pdbx_validate_rmsd_angle.label_alt_id_2             ? 
_pdbx_validate_rmsd_angle.auth_atom_id_3             O 
_pdbx_validate_rmsd_angle.auth_asym_id_3             A 
_pdbx_validate_rmsd_angle.auth_comp_id_3             ASN 
_pdbx_validate_rmsd_angle.auth_seq_id_3              26 
_pdbx_validate_rmsd_angle.PDB_ins_code_3             ? 
_pdbx_validate_rmsd_angle.label_alt_id_3             ? 
_pdbx_validate_rmsd_angle.angle_value                106.44 
_pdbx_validate_rmsd_angle.angle_target_value         120.10 
_pdbx_validate_rmsd_angle.angle_deviation            -13.66 
_pdbx_validate_rmsd_angle.angle_standard_deviation   2.10 
_pdbx_validate_rmsd_angle.linker_flag                N 
# 
loop_
_pdbx_validate_torsion.id 
_pdbx_validate_torsion.PDB_model_num 
_pdbx_validate_torsion.auth_comp_id 
_pdbx_validate_torsion.auth_asym_id 
_pdbx_validate_torsion.auth_seq_id 
_pdbx_validate_torsion.PDB_ins_code 
_pdbx_validate_torsion.label_alt_id 
_pdbx_validate_torsion.phi 
_pdbx_validate_torsion.psi 
1 1 TRP A 24 ? ? -172.60 122.38  
2 1 THR A 25 ? ? 111.32  106.61  
3 1 MSE A 33 ? ? -39.28  -35.30  
4 1 PHE A 64 ? ? -129.89 -62.45  
5 1 TYR A 78 ? ? -89.27  -150.46 
6 1 GLN A 79 ? ? 93.25   162.96  
7 1 ARG A 80 ? ? 55.57   14.20   
# 
loop_
_pdbx_validate_peptide_omega.id 
_pdbx_validate_peptide_omega.PDB_model_num 
_pdbx_validate_peptide_omega.auth_comp_id_1 
_pdbx_validate_peptide_omega.auth_asym_id_1 
_pdbx_validate_peptide_omega.auth_seq_id_1 
_pdbx_validate_peptide_omega.PDB_ins_code_1 
_pdbx_validate_peptide_omega.label_alt_id_1 
_pdbx_validate_peptide_omega.auth_comp_id_2 
_pdbx_validate_peptide_omega.auth_asym_id_2 
_pdbx_validate_peptide_omega.auth_seq_id_2 
_pdbx_validate_peptide_omega.PDB_ins_code_2 
_pdbx_validate_peptide_omega.label_alt_id_2 
_pdbx_validate_peptide_omega.omega 
1 1 VAL A 22 ? ? GLY A 23 ? ? -63.76  
2 1 GLY A 23 ? ? TRP A 24 ? ? -72.35  
3 1 TRP A 24 ? ? THR A 25 ? ? -101.05 
4 1 THR A 25 ? ? ASN A 26 ? ? -56.03  
5 1 GLU A 32 ? ? MSE A 33 ? ? 136.82  
# 
_pdbx_SG_project.id                    1 
_pdbx_SG_project.project_name          'PSI, Protein Structure Initiative' 
_pdbx_SG_project.full_name_of_center   'Midwest Center for Structural Genomics' 
_pdbx_SG_project.initial_of_center     MCSG 
# 
loop_
_pdbx_struct_mod_residue.id 
_pdbx_struct_mod_residue.label_asym_id 
_pdbx_struct_mod_residue.label_comp_id 
_pdbx_struct_mod_residue.label_seq_id 
_pdbx_struct_mod_residue.auth_asym_id 
_pdbx_struct_mod_residue.auth_comp_id 
_pdbx_struct_mod_residue.auth_seq_id 
_pdbx_struct_mod_residue.PDB_ins_code 
_pdbx_struct_mod_residue.parent_comp_id 
_pdbx_struct_mod_residue.details 
1 A MSE 1   A MSE 1   ? MET SELENOMETHIONINE 
2 A MSE 33  A MSE 33  ? MET SELENOMETHIONINE 
3 A MSE 88  A MSE 88  ? MET SELENOMETHIONINE 
4 A MSE 118 A MSE 118 ? MET SELENOMETHIONINE 
5 A MSE 131 A MSE 131 ? MET SELENOMETHIONINE 
# 
_pdbx_struct_special_symmetry.id              1 
_pdbx_struct_special_symmetry.PDB_model_num   1 
_pdbx_struct_special_symmetry.auth_asym_id    A 
_pdbx_struct_special_symmetry.auth_comp_id    HOH 
_pdbx_struct_special_symmetry.auth_seq_id     190 
_pdbx_struct_special_symmetry.PDB_ins_code    ? 
_pdbx_struct_special_symmetry.label_asym_id   B 
_pdbx_struct_special_symmetry.label_comp_id   HOH 
_pdbx_struct_special_symmetry.label_seq_id    . 
# 
loop_
_pdbx_unobs_or_zero_occ_residues.id 
_pdbx_unobs_or_zero_occ_residues.PDB_model_num 
_pdbx_unobs_or_zero_occ_residues.polymer_flag 
_pdbx_unobs_or_zero_occ_residues.occupancy_flag 
_pdbx_unobs_or_zero_occ_residues.auth_asym_id 
_pdbx_unobs_or_zero_occ_residues.auth_comp_id 
_pdbx_unobs_or_zero_occ_residues.auth_seq_id 
_pdbx_unobs_or_zero_occ_residues.PDB_ins_code 
_pdbx_unobs_or_zero_occ_residues.label_asym_id 
_pdbx_unobs_or_zero_occ_residues.label_comp_id 
_pdbx_unobs_or_zero_occ_residues.label_seq_id 
1 1 Y 1 A TYR 27  ? A TYR 27  
2 1 Y 1 A THR 28  ? A THR 28  
3 1 Y 1 A HIS 29  ? A HIS 29  
4 1 Y 1 A GLN 30  ? A GLN 30  
5 1 Y 1 A THR 31  ? A THR 31  
6 1 Y 1 A LYS 138 ? A LYS 138 
# 
loop_
_chem_comp_atom.comp_id 
_chem_comp_atom.atom_id 
_chem_comp_atom.type_symbol 
_chem_comp_atom.pdbx_aromatic_flag 
_chem_comp_atom.pdbx_stereo_config 
_chem_comp_atom.pdbx_ordinal 
ALA N    N  N N 1   
ALA CA   C  N S 2   
ALA C    C  N N 3   
ALA O    O  N N 4   
ALA CB   C  N N 5   
ALA OXT  O  N N 6   
ALA H    H  N N 7   
ALA H2   H  N N 8   
ALA HA   H  N N 9   
ALA HB1  H  N N 10  
ALA HB2  H  N N 11  
ALA HB3  H  N N 12  
ALA HXT  H  N N 13  
ARG N    N  N N 14  
ARG CA   C  N S 15  
ARG C    C  N N 16  
ARG O    O  N N 17  
ARG CB   C  N N 18  
ARG CG   C  N N 19  
ARG CD   C  N N 20  
ARG NE   N  N N 21  
ARG CZ   C  N N 22  
ARG NH1  N  N N 23  
ARG NH2  N  N N 24  
ARG OXT  O  N N 25  
ARG H    H  N N 26  
ARG H2   H  N N 27  
ARG HA   H  N N 28  
ARG HB2  H  N N 29  
ARG HB3  H  N N 30  
ARG HG2  H  N N 31  
ARG HG3  H  N N 32  
ARG HD2  H  N N 33  
ARG HD3  H  N N 34  
ARG HE   H  N N 35  
ARG HH11 H  N N 36  
ARG HH12 H  N N 37  
ARG HH21 H  N N 38  
ARG HH22 H  N N 39  
ARG HXT  H  N N 40  
ASN N    N  N N 41  
ASN CA   C  N S 42  
ASN C    C  N N 43  
ASN O    O  N N 44  
ASN CB   C  N N 45  
ASN CG   C  N N 46  
ASN OD1  O  N N 47  
ASN ND2  N  N N 48  
ASN OXT  O  N N 49  
ASN H    H  N N 50  
ASN H2   H  N N 51  
ASN HA   H  N N 52  
ASN HB2  H  N N 53  
ASN HB3  H  N N 54  
ASN HD21 H  N N 55  
ASN HD22 H  N N 56  
ASN HXT  H  N N 57  
ASP N    N  N N 58  
ASP CA   C  N S 59  
ASP C    C  N N 60  
ASP O    O  N N 61  
ASP CB   C  N N 62  
ASP CG   C  N N 63  
ASP OD1  O  N N 64  
ASP OD2  O  N N 65  
ASP OXT  O  N N 66  
ASP H    H  N N 67  
ASP H2   H  N N 68  
ASP HA   H  N N 69  
ASP HB2  H  N N 70  
ASP HB3  H  N N 71  
ASP HD2  H  N N 72  
ASP HXT  H  N N 73  
CYS N    N  N N 74  
CYS CA   C  N R 75  
CYS C    C  N N 76  
CYS O    O  N N 77  
CYS CB   C  N N 78  
CYS SG   S  N N 79  
CYS OXT  O  N N 80  
CYS H    H  N N 81  
CYS H2   H  N N 82  
CYS HA   H  N N 83  
CYS HB2  H  N N 84  
CYS HB3  H  N N 85  
CYS HG   H  N N 86  
CYS HXT  H  N N 87  
GLN N    N  N N 88  
GLN CA   C  N S 89  
GLN C    C  N N 90  
GLN O    O  N N 91  
GLN CB   C  N N 92  
GLN CG   C  N N 93  
GLN CD   C  N N 94  
GLN OE1  O  N N 95  
GLN NE2  N  N N 96  
GLN OXT  O  N N 97  
GLN H    H  N N 98  
GLN H2   H  N N 99  
GLN HA   H  N N 100 
GLN HB2  H  N N 101 
GLN HB3  H  N N 102 
GLN HG2  H  N N 103 
GLN HG3  H  N N 104 
GLN HE21 H  N N 105 
GLN HE22 H  N N 106 
GLN HXT  H  N N 107 
GLU N    N  N N 108 
GLU CA   C  N S 109 
GLU C    C  N N 110 
GLU O    O  N N 111 
GLU CB   C  N N 112 
GLU CG   C  N N 113 
GLU CD   C  N N 114 
GLU OE1  O  N N 115 
GLU OE2  O  N N 116 
GLU OXT  O  N N 117 
GLU H    H  N N 118 
GLU H2   H  N N 119 
GLU HA   H  N N 120 
GLU HB2  H  N N 121 
GLU HB3  H  N N 122 
GLU HG2  H  N N 123 
GLU HG3  H  N N 124 
GLU HE2  H  N N 125 
GLU HXT  H  N N 126 
GLY N    N  N N 127 
GLY CA   C  N N 128 
GLY C    C  N N 129 
GLY O    O  N N 130 
GLY OXT  O  N N 131 
GLY H    H  N N 132 
GLY H2   H  N N 133 
GLY HA2  H  N N 134 
GLY HA3  H  N N 135 
GLY HXT  H  N N 136 
HIS N    N  N N 137 
HIS CA   C  N S 138 
HIS C    C  N N 139 
HIS O    O  N N 140 
HIS CB   C  N N 141 
HIS CG   C  Y N 142 
HIS ND1  N  Y N 143 
HIS CD2  C  Y N 144 
HIS CE1  C  Y N 145 
HIS NE2  N  Y N 146 
HIS OXT  O  N N 147 
HIS H    H  N N 148 
HIS H2   H  N N 149 
HIS HA   H  N N 150 
HIS HB2  H  N N 151 
HIS HB3  H  N N 152 
HIS HD1  H  N N 153 
HIS HD2  H  N N 154 
HIS HE1  H  N N 155 
HIS HE2  H  N N 156 
HIS HXT  H  N N 157 
HOH O    O  N N 158 
HOH H1   H  N N 159 
HOH H2   H  N N 160 
ILE N    N  N N 161 
ILE CA   C  N S 162 
ILE C    C  N N 163 
ILE O    O  N N 164 
ILE CB   C  N S 165 
ILE CG1  C  N N 166 
ILE CG2  C  N N 167 
ILE CD1  C  N N 168 
ILE OXT  O  N N 169 
ILE H    H  N N 170 
ILE H2   H  N N 171 
ILE HA   H  N N 172 
ILE HB   H  N N 173 
ILE HG12 H  N N 174 
ILE HG13 H  N N 175 
ILE HG21 H  N N 176 
ILE HG22 H  N N 177 
ILE HG23 H  N N 178 
ILE HD11 H  N N 179 
ILE HD12 H  N N 180 
ILE HD13 H  N N 181 
ILE HXT  H  N N 182 
LEU N    N  N N 183 
LEU CA   C  N S 184 
LEU C    C  N N 185 
LEU O    O  N N 186 
LEU CB   C  N N 187 
LEU CG   C  N N 188 
LEU CD1  C  N N 189 
LEU CD2  C  N N 190 
LEU OXT  O  N N 191 
LEU H    H  N N 192 
LEU H2   H  N N 193 
LEU HA   H  N N 194 
LEU HB2  H  N N 195 
LEU HB3  H  N N 196 
LEU HG   H  N N 197 
LEU HD11 H  N N 198 
LEU HD12 H  N N 199 
LEU HD13 H  N N 200 
LEU HD21 H  N N 201 
LEU HD22 H  N N 202 
LEU HD23 H  N N 203 
LEU HXT  H  N N 204 
LYS N    N  N N 205 
LYS CA   C  N S 206 
LYS C    C  N N 207 
LYS O    O  N N 208 
LYS CB   C  N N 209 
LYS CG   C  N N 210 
LYS CD   C  N N 211 
LYS CE   C  N N 212 
LYS NZ   N  N N 213 
LYS OXT  O  N N 214 
LYS H    H  N N 215 
LYS H2   H  N N 216 
LYS HA   H  N N 217 
LYS HB2  H  N N 218 
LYS HB3  H  N N 219 
LYS HG2  H  N N 220 
LYS HG3  H  N N 221 
LYS HD2  H  N N 222 
LYS HD3  H  N N 223 
LYS HE2  H  N N 224 
LYS HE3  H  N N 225 
LYS HZ1  H  N N 226 
LYS HZ2  H  N N 227 
LYS HZ3  H  N N 228 
LYS HXT  H  N N 229 
MET N    N  N N 230 
MET CA   C  N S 231 
MET C    C  N N 232 
MET O    O  N N 233 
MET CB   C  N N 234 
MET CG   C  N N 235 
MET SD   S  N N 236 
MET CE   C  N N 237 
MET OXT  O  N N 238 
MET H    H  N N 239 
MET H2   H  N N 240 
MET HA   H  N N 241 
MET HB2  H  N N 242 
MET HB3  H  N N 243 
MET HG2  H  N N 244 
MET HG3  H  N N 245 
MET HE1  H  N N 246 
MET HE2  H  N N 247 
MET HE3  H  N N 248 
MET HXT  H  N N 249 
MSE N    N  N N 250 
MSE CA   C  N S 251 
MSE C    C  N N 252 
MSE O    O  N N 253 
MSE OXT  O  N N 254 
MSE CB   C  N N 255 
MSE CG   C  N N 256 
MSE SE   SE N N 257 
MSE CE   C  N N 258 
MSE H    H  N N 259 
MSE H2   H  N N 260 
MSE HA   H  N N 261 
MSE HXT  H  N N 262 
MSE HB2  H  N N 263 
MSE HB3  H  N N 264 
MSE HG2  H  N N 265 
MSE HG3  H  N N 266 
MSE HE1  H  N N 267 
MSE HE2  H  N N 268 
MSE HE3  H  N N 269 
PHE N    N  N N 270 
PHE CA   C  N S 271 
PHE C    C  N N 272 
PHE O    O  N N 273 
PHE CB   C  N N 274 
PHE CG   C  Y N 275 
PHE CD1  C  Y N 276 
PHE CD2  C  Y N 277 
PHE CE1  C  Y N 278 
PHE CE2  C  Y N 279 
PHE CZ   C  Y N 280 
PHE OXT  O  N N 281 
PHE H    H  N N 282 
PHE H2   H  N N 283 
PHE HA   H  N N 284 
PHE HB2  H  N N 285 
PHE HB3  H  N N 286 
PHE HD1  H  N N 287 
PHE HD2  H  N N 288 
PHE HE1  H  N N 289 
PHE HE2  H  N N 290 
PHE HZ   H  N N 291 
PHE HXT  H  N N 292 
PRO N    N  N N 293 
PRO CA   C  N S 294 
PRO C    C  N N 295 
PRO O    O  N N 296 
PRO CB   C  N N 297 
PRO CG   C  N N 298 
PRO CD   C  N N 299 
PRO OXT  O  N N 300 
PRO H    H  N N 301 
PRO HA   H  N N 302 
PRO HB2  H  N N 303 
PRO HB3  H  N N 304 
PRO HG2  H  N N 305 
PRO HG3  H  N N 306 
PRO HD2  H  N N 307 
PRO HD3  H  N N 308 
PRO HXT  H  N N 309 
SER N    N  N N 310 
SER CA   C  N S 311 
SER C    C  N N 312 
SER O    O  N N 313 
SER CB   C  N N 314 
SER OG   O  N N 315 
SER OXT  O  N N 316 
SER H    H  N N 317 
SER H2   H  N N 318 
SER HA   H  N N 319 
SER HB2  H  N N 320 
SER HB3  H  N N 321 
SER HG   H  N N 322 
SER HXT  H  N N 323 
THR N    N  N N 324 
THR CA   C  N S 325 
THR C    C  N N 326 
THR O    O  N N 327 
THR CB   C  N R 328 
THR OG1  O  N N 329 
THR CG2  C  N N 330 
THR OXT  O  N N 331 
THR H    H  N N 332 
THR H2   H  N N 333 
THR HA   H  N N 334 
THR HB   H  N N 335 
THR HG1  H  N N 336 
THR HG21 H  N N 337 
THR HG22 H  N N 338 
THR HG23 H  N N 339 
THR HXT  H  N N 340 
TRP N    N  N N 341 
TRP CA   C  N S 342 
TRP C    C  N N 343 
TRP O    O  N N 344 
TRP CB   C  N N 345 
TRP CG   C  Y N 346 
TRP CD1  C  Y N 347 
TRP CD2  C  Y N 348 
TRP NE1  N  Y N 349 
TRP CE2  C  Y N 350 
TRP CE3  C  Y N 351 
TRP CZ2  C  Y N 352 
TRP CZ3  C  Y N 353 
TRP CH2  C  Y N 354 
TRP OXT  O  N N 355 
TRP H    H  N N 356 
TRP H2   H  N N 357 
TRP HA   H  N N 358 
TRP HB2  H  N N 359 
TRP HB3  H  N N 360 
TRP HD1  H  N N 361 
TRP HE1  H  N N 362 
TRP HE3  H  N N 363 
TRP HZ2  H  N N 364 
TRP HZ3  H  N N 365 
TRP HH2  H  N N 366 
TRP HXT  H  N N 367 
TYR N    N  N N 368 
TYR CA   C  N S 369 
TYR C    C  N N 370 
TYR O    O  N N 371 
TYR CB   C  N N 372 
TYR CG   C  Y N 373 
TYR CD1  C  Y N 374 
TYR CD2  C  Y N 375 
TYR CE1  C  Y N 376 
TYR CE2  C  Y N 377 
TYR CZ   C  Y N 378 
TYR OH   O  N N 379 
TYR OXT  O  N N 380 
TYR H    H  N N 381 
TYR H2   H  N N 382 
TYR HA   H  N N 383 
TYR HB2  H  N N 384 
TYR HB3  H  N N 385 
TYR HD1  H  N N 386 
TYR HD2  H  N N 387 
TYR HE1  H  N N 388 
TYR HE2  H  N N 389 
TYR HH   H  N N 390 
TYR HXT  H  N N 391 
VAL N    N  N N 392 
VAL CA   C  N S 393 
VAL C    C  N N 394 
VAL O    O  N N 395 
VAL CB   C  N N 396 
VAL CG1  C  N N 397 
VAL CG2  C  N N 398 
VAL OXT  O  N N 399 
VAL H    H  N N 400 
VAL H2   H  N N 401 
VAL HA   H  N N 402 
VAL HB   H  N N 403 
VAL HG11 H  N N 404 
VAL HG12 H  N N 405 
VAL HG13 H  N N 406 
VAL HG21 H  N N 407 
VAL HG22 H  N N 408 
VAL HG23 H  N N 409 
VAL HXT  H  N N 410 
# 
loop_
_chem_comp_bond.comp_id 
_chem_comp_bond.atom_id_1 
_chem_comp_bond.atom_id_2 
_chem_comp_bond.value_order 
_chem_comp_bond.pdbx_aromatic_flag 
_chem_comp_bond.pdbx_stereo_config 
_chem_comp_bond.pdbx_ordinal 
ALA N   CA   sing N N 1   
ALA N   H    sing N N 2   
ALA N   H2   sing N N 3   
ALA CA  C    sing N N 4   
ALA CA  CB   sing N N 5   
ALA CA  HA   sing N N 6   
ALA C   O    doub N N 7   
ALA C   OXT  sing N N 8   
ALA CB  HB1  sing N N 9   
ALA CB  HB2  sing N N 10  
ALA CB  HB3  sing N N 11  
ALA OXT HXT  sing N N 12  
ARG N   CA   sing N N 13  
ARG N   H    sing N N 14  
ARG N   H2   sing N N 15  
ARG CA  C    sing N N 16  
ARG CA  CB   sing N N 17  
ARG CA  HA   sing N N 18  
ARG C   O    doub N N 19  
ARG C   OXT  sing N N 20  
ARG CB  CG   sing N N 21  
ARG CB  HB2  sing N N 22  
ARG CB  HB3  sing N N 23  
ARG CG  CD   sing N N 24  
ARG CG  HG2  sing N N 25  
ARG CG  HG3  sing N N 26  
ARG CD  NE   sing N N 27  
ARG CD  HD2  sing N N 28  
ARG CD  HD3  sing N N 29  
ARG NE  CZ   sing N N 30  
ARG NE  HE   sing N N 31  
ARG CZ  NH1  sing N N 32  
ARG CZ  NH2  doub N N 33  
ARG NH1 HH11 sing N N 34  
ARG NH1 HH12 sing N N 35  
ARG NH2 HH21 sing N N 36  
ARG NH2 HH22 sing N N 37  
ARG OXT HXT  sing N N 38  
ASN N   CA   sing N N 39  
ASN N   H    sing N N 40  
ASN N   H2   sing N N 41  
ASN CA  C    sing N N 42  
ASN CA  CB   sing N N 43  
ASN CA  HA   sing N N 44  
ASN C   O    doub N N 45  
ASN C   OXT  sing N N 46  
ASN CB  CG   sing N N 47  
ASN CB  HB2  sing N N 48  
ASN CB  HB3  sing N N 49  
ASN CG  OD1  doub N N 50  
ASN CG  ND2  sing N N 51  
ASN ND2 HD21 sing N N 52  
ASN ND2 HD22 sing N N 53  
ASN OXT HXT  sing N N 54  
ASP N   CA   sing N N 55  
ASP N   H    sing N N 56  
ASP N   H2   sing N N 57  
ASP CA  C    sing N N 58  
ASP CA  CB   sing N N 59  
ASP CA  HA   sing N N 60  
ASP C   O    doub N N 61  
ASP C   OXT  sing N N 62  
ASP CB  CG   sing N N 63  
ASP CB  HB2  sing N N 64  
ASP CB  HB3  sing N N 65  
ASP CG  OD1  doub N N 66  
ASP CG  OD2  sing N N 67  
ASP OD2 HD2  sing N N 68  
ASP OXT HXT  sing N N 69  
CYS N   CA   sing N N 70  
CYS N   H    sing N N 71  
CYS N   H2   sing N N 72  
CYS CA  C    sing N N 73  
CYS CA  CB   sing N N 74  
CYS CA  HA   sing N N 75  
CYS C   O    doub N N 76  
CYS C   OXT  sing N N 77  
CYS CB  SG   sing N N 78  
CYS CB  HB2  sing N N 79  
CYS CB  HB3  sing N N 80  
CYS SG  HG   sing N N 81  
CYS OXT HXT  sing N N 82  
GLN N   CA   sing N N 83  
GLN N   H    sing N N 84  
GLN N   H2   sing N N 85  
GLN CA  C    sing N N 86  
GLN CA  CB   sing N N 87  
GLN CA  HA   sing N N 88  
GLN C   O    doub N N 89  
GLN C   OXT  sing N N 90  
GLN CB  CG   sing N N 91  
GLN CB  HB2  sing N N 92  
GLN CB  HB3  sing N N 93  
GLN CG  CD   sing N N 94  
GLN CG  HG2  sing N N 95  
GLN CG  HG3  sing N N 96  
GLN CD  OE1  doub N N 97  
GLN CD  NE2  sing N N 98  
GLN NE2 HE21 sing N N 99  
GLN NE2 HE22 sing N N 100 
GLN OXT HXT  sing N N 101 
GLU N   CA   sing N N 102 
GLU N   H    sing N N 103 
GLU N   H2   sing N N 104 
GLU CA  C    sing N N 105 
GLU CA  CB   sing N N 106 
GLU CA  HA   sing N N 107 
GLU C   O    doub N N 108 
GLU C   OXT  sing N N 109 
GLU CB  CG   sing N N 110 
GLU CB  HB2  sing N N 111 
GLU CB  HB3  sing N N 112 
GLU CG  CD   sing N N 113 
GLU CG  HG2  sing N N 114 
GLU CG  HG3  sing N N 115 
GLU CD  OE1  doub N N 116 
GLU CD  OE2  sing N N 117 
GLU OE2 HE2  sing N N 118 
GLU OXT HXT  sing N N 119 
GLY N   CA   sing N N 120 
GLY N   H    sing N N 121 
GLY N   H2   sing N N 122 
GLY CA  C    sing N N 123 
GLY CA  HA2  sing N N 124 
GLY CA  HA3  sing N N 125 
GLY C   O    doub N N 126 
GLY C   OXT  sing N N 127 
GLY OXT HXT  sing N N 128 
HIS N   CA   sing N N 129 
HIS N   H    sing N N 130 
HIS N   H2   sing N N 131 
HIS CA  C    sing N N 132 
HIS CA  CB   sing N N 133 
HIS CA  HA   sing N N 134 
HIS C   O    doub N N 135 
HIS C   OXT  sing N N 136 
HIS CB  CG   sing N N 137 
HIS CB  HB2  sing N N 138 
HIS CB  HB3  sing N N 139 
HIS CG  ND1  sing Y N 140 
HIS CG  CD2  doub Y N 141 
HIS ND1 CE1  doub Y N 142 
HIS ND1 HD1  sing N N 143 
HIS CD2 NE2  sing Y N 144 
HIS CD2 HD2  sing N N 145 
HIS CE1 NE2  sing Y N 146 
HIS CE1 HE1  sing N N 147 
HIS NE2 HE2  sing N N 148 
HIS OXT HXT  sing N N 149 
HOH O   H1   sing N N 150 
HOH O   H2   sing N N 151 
ILE N   CA   sing N N 152 
ILE N   H    sing N N 153 
ILE N   H2   sing N N 154 
ILE CA  C    sing N N 155 
ILE CA  CB   sing N N 156 
ILE CA  HA   sing N N 157 
ILE C   O    doub N N 158 
ILE C   OXT  sing N N 159 
ILE CB  CG1  sing N N 160 
ILE CB  CG2  sing N N 161 
ILE CB  HB   sing N N 162 
ILE CG1 CD1  sing N N 163 
ILE CG1 HG12 sing N N 164 
ILE CG1 HG13 sing N N 165 
ILE CG2 HG21 sing N N 166 
ILE CG2 HG22 sing N N 167 
ILE CG2 HG23 sing N N 168 
ILE CD1 HD11 sing N N 169 
ILE CD1 HD12 sing N N 170 
ILE CD1 HD13 sing N N 171 
ILE OXT HXT  sing N N 172 
LEU N   CA   sing N N 173 
LEU N   H    sing N N 174 
LEU N   H2   sing N N 175 
LEU CA  C    sing N N 176 
LEU CA  CB   sing N N 177 
LEU CA  HA   sing N N 178 
LEU C   O    doub N N 179 
LEU C   OXT  sing N N 180 
LEU CB  CG   sing N N 181 
LEU CB  HB2  sing N N 182 
LEU CB  HB3  sing N N 183 
LEU CG  CD1  sing N N 184 
LEU CG  CD2  sing N N 185 
LEU CG  HG   sing N N 186 
LEU CD1 HD11 sing N N 187 
LEU CD1 HD12 sing N N 188 
LEU CD1 HD13 sing N N 189 
LEU CD2 HD21 sing N N 190 
LEU CD2 HD22 sing N N 191 
LEU CD2 HD23 sing N N 192 
LEU OXT HXT  sing N N 193 
LYS N   CA   sing N N 194 
LYS N   H    sing N N 195 
LYS N   H2   sing N N 196 
LYS CA  C    sing N N 197 
LYS CA  CB   sing N N 198 
LYS CA  HA   sing N N 199 
LYS C   O    doub N N 200 
LYS C   OXT  sing N N 201 
LYS CB  CG   sing N N 202 
LYS CB  HB2  sing N N 203 
LYS CB  HB3  sing N N 204 
LYS CG  CD   sing N N 205 
LYS CG  HG2  sing N N 206 
LYS CG  HG3  sing N N 207 
LYS CD  CE   sing N N 208 
LYS CD  HD2  sing N N 209 
LYS CD  HD3  sing N N 210 
LYS CE  NZ   sing N N 211 
LYS CE  HE2  sing N N 212 
LYS CE  HE3  sing N N 213 
LYS NZ  HZ1  sing N N 214 
LYS NZ  HZ2  sing N N 215 
LYS NZ  HZ3  sing N N 216 
LYS OXT HXT  sing N N 217 
MET N   CA   sing N N 218 
MET N   H    sing N N 219 
MET N   H2   sing N N 220 
MET CA  C    sing N N 221 
MET CA  CB   sing N N 222 
MET CA  HA   sing N N 223 
MET C   O    doub N N 224 
MET C   OXT  sing N N 225 
MET CB  CG   sing N N 226 
MET CB  HB2  sing N N 227 
MET CB  HB3  sing N N 228 
MET CG  SD   sing N N 229 
MET CG  HG2  sing N N 230 
MET CG  HG3  sing N N 231 
MET SD  CE   sing N N 232 
MET CE  HE1  sing N N 233 
MET CE  HE2  sing N N 234 
MET CE  HE3  sing N N 235 
MET OXT HXT  sing N N 236 
MSE N   CA   sing N N 237 
MSE N   H    sing N N 238 
MSE N   H2   sing N N 239 
MSE CA  C    sing N N 240 
MSE CA  CB   sing N N 241 
MSE CA  HA   sing N N 242 
MSE C   O    doub N N 243 
MSE C   OXT  sing N N 244 
MSE OXT HXT  sing N N 245 
MSE CB  CG   sing N N 246 
MSE CB  HB2  sing N N 247 
MSE CB  HB3  sing N N 248 
MSE CG  SE   sing N N 249 
MSE CG  HG2  sing N N 250 
MSE CG  HG3  sing N N 251 
MSE SE  CE   sing N N 252 
MSE CE  HE1  sing N N 253 
MSE CE  HE2  sing N N 254 
MSE CE  HE3  sing N N 255 
PHE N   CA   sing N N 256 
PHE N   H    sing N N 257 
PHE N   H2   sing N N 258 
PHE CA  C    sing N N 259 
PHE CA  CB   sing N N 260 
PHE CA  HA   sing N N 261 
PHE C   O    doub N N 262 
PHE C   OXT  sing N N 263 
PHE CB  CG   sing N N 264 
PHE CB  HB2  sing N N 265 
PHE CB  HB3  sing N N 266 
PHE CG  CD1  doub Y N 267 
PHE CG  CD2  sing Y N 268 
PHE CD1 CE1  sing Y N 269 
PHE CD1 HD1  sing N N 270 
PHE CD2 CE2  doub Y N 271 
PHE CD2 HD2  sing N N 272 
PHE CE1 CZ   doub Y N 273 
PHE CE1 HE1  sing N N 274 
PHE CE2 CZ   sing Y N 275 
PHE CE2 HE2  sing N N 276 
PHE CZ  HZ   sing N N 277 
PHE OXT HXT  sing N N 278 
PRO N   CA   sing N N 279 
PRO N   CD   sing N N 280 
PRO N   H    sing N N 281 
PRO CA  C    sing N N 282 
PRO CA  CB   sing N N 283 
PRO CA  HA   sing N N 284 
PRO C   O    doub N N 285 
PRO C   OXT  sing N N 286 
PRO CB  CG   sing N N 287 
PRO CB  HB2  sing N N 288 
PRO CB  HB3  sing N N 289 
PRO CG  CD   sing N N 290 
PRO CG  HG2  sing N N 291 
PRO CG  HG3  sing N N 292 
PRO CD  HD2  sing N N 293 
PRO CD  HD3  sing N N 294 
PRO OXT HXT  sing N N 295 
SER N   CA   sing N N 296 
SER N   H    sing N N 297 
SER N   H2   sing N N 298 
SER CA  C    sing N N 299 
SER CA  CB   sing N N 300 
SER CA  HA   sing N N 301 
SER C   O    doub N N 302 
SER C   OXT  sing N N 303 
SER CB  OG   sing N N 304 
SER CB  HB2  sing N N 305 
SER CB  HB3  sing N N 306 
SER OG  HG   sing N N 307 
SER OXT HXT  sing N N 308 
THR N   CA   sing N N 309 
THR N   H    sing N N 310 
THR N   H2   sing N N 311 
THR CA  C    sing N N 312 
THR CA  CB   sing N N 313 
THR CA  HA   sing N N 314 
THR C   O    doub N N 315 
THR C   OXT  sing N N 316 
THR CB  OG1  sing N N 317 
THR CB  CG2  sing N N 318 
THR CB  HB   sing N N 319 
THR OG1 HG1  sing N N 320 
THR CG2 HG21 sing N N 321 
THR CG2 HG22 sing N N 322 
THR CG2 HG23 sing N N 323 
THR OXT HXT  sing N N 324 
TRP N   CA   sing N N 325 
TRP N   H    sing N N 326 
TRP N   H2   sing N N 327 
TRP CA  C    sing N N 328 
TRP CA  CB   sing N N 329 
TRP CA  HA   sing N N 330 
TRP C   O    doub N N 331 
TRP C   OXT  sing N N 332 
TRP CB  CG   sing N N 333 
TRP CB  HB2  sing N N 334 
TRP CB  HB3  sing N N 335 
TRP CG  CD1  doub Y N 336 
TRP CG  CD2  sing Y N 337 
TRP CD1 NE1  sing Y N 338 
TRP CD1 HD1  sing N N 339 
TRP CD2 CE2  doub Y N 340 
TRP CD2 CE3  sing Y N 341 
TRP NE1 CE2  sing Y N 342 
TRP NE1 HE1  sing N N 343 
TRP CE2 CZ2  sing Y N 344 
TRP CE3 CZ3  doub Y N 345 
TRP CE3 HE3  sing N N 346 
TRP CZ2 CH2  doub Y N 347 
TRP CZ2 HZ2  sing N N 348 
TRP CZ3 CH2  sing Y N 349 
TRP CZ3 HZ3  sing N N 350 
TRP CH2 HH2  sing N N 351 
TRP OXT HXT  sing N N 352 
TYR N   CA   sing N N 353 
TYR N   H    sing N N 354 
TYR N   H2   sing N N 355 
TYR CA  C    sing N N 356 
TYR CA  CB   sing N N 357 
TYR CA  HA   sing N N 358 
TYR C   O    doub N N 359 
TYR C   OXT  sing N N 360 
TYR CB  CG   sing N N 361 
TYR CB  HB2  sing N N 362 
TYR CB  HB3  sing N N 363 
TYR CG  CD1  doub Y N 364 
TYR CG  CD2  sing Y N 365 
TYR CD1 CE1  sing Y N 366 
TYR CD1 HD1  sing N N 367 
TYR CD2 CE2  doub Y N 368 
TYR CD2 HD2  sing N N 369 
TYR CE1 CZ   doub Y N 370 
TYR CE1 HE1  sing N N 371 
TYR CE2 CZ   sing Y N 372 
TYR CE2 HE2  sing N N 373 
TYR CZ  OH   sing N N 374 
TYR OH  HH   sing N N 375 
TYR OXT HXT  sing N N 376 
VAL N   CA   sing N N 377 
VAL N   H    sing N N 378 
VAL N   H2   sing N N 379 
VAL CA  C    sing N N 380 
VAL CA  CB   sing N N 381 
VAL CA  HA   sing N N 382 
VAL C   O    doub N N 383 
VAL C   OXT  sing N N 384 
VAL CB  CG1  sing N N 385 
VAL CB  CG2  sing N N 386 
VAL CB  HB   sing N N 387 
VAL CG1 HG11 sing N N 388 
VAL CG1 HG12 sing N N 389 
VAL CG1 HG13 sing N N 390 
VAL CG2 HG21 sing N N 391 
VAL CG2 HG22 sing N N 392 
VAL CG2 HG23 sing N N 393 
VAL OXT HXT  sing N N 394 
# 
_atom_sites.entry_id                    2ATR 
_atom_sites.fract_transf_matrix[1][1]   -0.01463499 
_atom_sites.fract_transf_matrix[1][2]   -0.00651655 
_atom_sites.fract_transf_matrix[1][3]   0.00223050 
_atom_sites.fract_transf_matrix[2][1]   -0.00759939 
_atom_sites.fract_transf_matrix[2][2]   -0.00722226 
_atom_sites.fract_transf_matrix[2][3]   -0.01231742 
_atom_sites.fract_transf_matrix[3][1]   0.00718763 
_atom_sites.fract_transf_matrix[3][2]   -0.01470810 
_atom_sites.fract_transf_matrix[3][3]   0.00418953 
_atom_sites.fract_transf_vector[1]      0.601961 
_atom_sites.fract_transf_vector[2]      0.786047 
_atom_sites.fract_transf_vector[3]      0.010769 
# 
loop_
_atom_type.symbol 
C  
N  
O  
S  
SE 
# 
loop_
_atom_site.group_PDB 
_atom_site.id 
_atom_site.type_symbol 
_atom_site.label_atom_id 
_atom_site.label_alt_id 
_atom_site.label_comp_id 
_atom_site.label_asym_id 
_atom_site.label_entity_id 
_atom_site.label_seq_id 
_atom_site.pdbx_PDB_ins_code 
_atom_site.Cartn_x 
_atom_site.Cartn_y 
_atom_site.Cartn_z 
_atom_site.occupancy 
_atom_site.B_iso_or_equiv 
_atom_site.pdbx_formal_charge 
_atom_site.auth_seq_id 
_atom_site.auth_comp_id 
_atom_site.auth_asym_id 
_atom_site.auth_atom_id 
_atom_site.pdbx_PDB_model_num 
HETATM 1    N  N   . MSE A 1 1   ? 3.455   2.285   -21.229 1.00 59.56 ? 1   MSE A N   1 
HETATM 2    C  CA  . MSE A 1 1   ? 4.226   1.142   -20.659 1.00 59.04 ? 1   MSE A CA  1 
HETATM 3    C  C   . MSE A 1 1   ? 3.489   0.489   -19.483 1.00 56.26 ? 1   MSE A C   1 
HETATM 4    O  O   . MSE A 1 1   ? 3.165   -0.712  -19.538 1.00 56.48 ? 1   MSE A O   1 
HETATM 5    C  CB  . MSE A 1 1   ? 5.613   1.600   -20.231 1.00 60.79 ? 1   MSE A CB  1 
HETATM 6    C  CG  . MSE A 1 1   ? 6.705   0.590   -20.580 1.00 68.22 ? 1   MSE A CG  1 
HETATM 7    SE SE  . MSE A 1 1   ? 8.384   1.317   -19.854 1.00 89.68 ? 1   MSE A SE  1 
HETATM 8    C  CE  . MSE A 1 1   ? 9.179   2.350   -21.569 1.00 83.88 ? 1   MSE A CE  1 
ATOM   9    N  N   . ILE A 1 2   ? 3.212   1.270   -18.430 1.00 52.48 ? 2   ILE A N   1 
ATOM   10   C  CA  . ILE A 1 2   ? 2.567   0.706   -17.221 1.00 48.97 ? 2   ILE A CA  1 
ATOM   11   C  C   . ILE A 1 2   ? 1.074   0.991   -17.092 1.00 46.02 ? 2   ILE A C   1 
ATOM   12   O  O   . ILE A 1 2   ? 0.628   2.100   -17.279 1.00 46.12 ? 2   ILE A O   1 
ATOM   13   C  CB  . ILE A 1 2   ? 3.318   1.036   -15.879 1.00 49.27 ? 2   ILE A CB  1 
ATOM   14   C  CG1 . ILE A 1 2   ? 4.586   0.164   -15.746 1.00 49.33 ? 2   ILE A CG1 1 
ATOM   15   C  CG2 . ILE A 1 2   ? 2.429   0.743   -14.681 1.00 47.35 ? 2   ILE A CG2 1 
ATOM   16   C  CD1 . ILE A 1 2   ? 5.811   0.797   -16.271 1.00 48.81 ? 2   ILE A CD1 1 
ATOM   17   N  N   . THR A 1 3   ? 0.339   -0.048  -16.754 1.00 42.13 ? 3   THR A N   1 
ATOM   18   C  CA  . THR A 1 3   ? -1.082  0.000   -16.586 1.00 40.79 ? 3   THR A CA  1 
ATOM   19   C  C   . THR A 1 3   ? -1.394  -0.037  -15.096 1.00 38.42 ? 3   THR A C   1 
ATOM   20   O  O   . THR A 1 3   ? -0.837  -0.832  -14.349 1.00 36.99 ? 3   THR A O   1 
ATOM   21   C  CB  . THR A 1 3   ? -1.752  -1.218  -17.289 1.00 39.78 ? 3   THR A CB  1 
ATOM   22   O  OG1 . THR A 1 3   ? -1.416  -1.184  -18.677 1.00 43.11 ? 3   THR A OG1 1 
ATOM   23   C  CG2 . THR A 1 3   ? -3.242  -1.163  -17.160 1.00 42.06 ? 3   THR A CG2 1 
ATOM   24   N  N   . ILE A 1 4   ? -2.287  0.834   -14.682 1.00 37.60 ? 4   ILE A N   1 
ATOM   25   C  CA  . ILE A 1 4   ? -2.801  0.776   -13.313 1.00 37.73 ? 4   ILE A CA  1 
ATOM   26   C  C   . ILE A 1 4   ? -4.238  0.303   -13.426 1.00 38.17 ? 4   ILE A C   1 
ATOM   27   O  O   . ILE A 1 4   ? -5.078  0.986   -14.056 1.00 37.69 ? 4   ILE A O   1 
ATOM   28   C  CB  . ILE A 1 4   ? -2.666  2.127   -12.560 1.00 37.08 ? 4   ILE A CB  1 
ATOM   29   C  CG1 . ILE A 1 4   ? -1.223  2.718   -12.640 1.00 35.26 ? 4   ILE A CG1 1 
ATOM   30   C  CG2 . ILE A 1 4   ? -3.272  2.050   -11.123 1.00 35.77 ? 4   ILE A CG2 1 
ATOM   31   C  CD1 . ILE A 1 4   ? -0.054  1.889   -12.015 1.00 30.39 ? 4   ILE A CD1 1 
ATOM   32   N  N   . LYS A 1 5   ? -4.489  -0.871  -12.842 1.00 37.80 ? 5   LYS A N   1 
ATOM   33   C  CA  . LYS A 1 5   ? -5.785  -1.544  -12.900 1.00 38.80 ? 5   LYS A CA  1 
ATOM   34   C  C   . LYS A 1 5   ? -6.354  -1.893  -11.528 1.00 38.40 ? 5   LYS A C   1 
ATOM   35   O  O   . LYS A 1 5   ? -5.694  -2.564  -10.693 1.00 37.08 ? 5   LYS A O   1 
ATOM   36   C  CB  . LYS A 1 5   ? -5.722  -2.794  -13.792 1.00 38.95 ? 5   LYS A CB  1 
ATOM   37   C  CG  . LYS A 1 5   ? -6.094  -2.483  -15.250 1.00 42.79 ? 5   LYS A CG  1 
ATOM   38   C  CD  . LYS A 1 5   ? -5.859  -3.676  -16.204 1.00 47.04 ? 5   LYS A CD  1 
ATOM   39   C  CE  . LYS A 1 5   ? -6.230  -3.316  -17.681 1.00 49.80 ? 5   LYS A CE  1 
ATOM   40   N  NZ  . LYS A 1 5   ? -7.566  -3.838  -18.097 1.00 50.36 ? 5   LYS A NZ  1 
ATOM   41   N  N   . LYS A 1 6   ? -7.570  -1.388  -11.291 1.00 38.49 ? 6   LYS A N   1 
ATOM   42   C  CA  . LYS A 1 6   ? -8.387  -1.779  -10.161 1.00 39.72 ? 6   LYS A CA  1 
ATOM   43   C  C   . LYS A 1 6   ? -8.779  -3.225  -10.263 1.00 40.86 ? 6   LYS A C   1 
ATOM   44   O  O   . LYS A 1 6   ? -9.235  -3.680  -11.309 1.00 38.72 ? 6   LYS A O   1 
ATOM   45   C  CB  . LYS A 1 6   ? -9.667  -0.944  -10.088 1.00 40.35 ? 6   LYS A CB  1 
ATOM   46   C  CG  . LYS A 1 6   ? -10.295 -1.001  -8.746  1.00 41.91 ? 6   LYS A CG  1 
ATOM   47   C  CD  . LYS A 1 6   ? -11.401 0.050   -8.652  1.00 47.12 ? 6   LYS A CD  1 
ATOM   48   C  CE  . LYS A 1 6   ? -12.105 -0.027  -7.323  1.00 46.83 ? 6   LYS A CE  1 
ATOM   49   N  NZ  . LYS A 1 6   ? -12.633 -1.383  -7.066  1.00 49.49 ? 6   LYS A NZ  1 
ATOM   50   N  N   . GLN A 1 7   ? -8.675  -3.908  -9.128  1.00 42.48 ? 7   GLN A N   1 
ATOM   51   C  CA  . GLN A 1 7   ? -8.919  -5.336  -8.991  1.00 45.28 ? 7   GLN A CA  1 
ATOM   52   C  C   . GLN A 1 7   ? -10.057 -5.630  -8.027  1.00 46.66 ? 7   GLN A C   1 
ATOM   53   O  O   . GLN A 1 7   ? -10.075 -5.084  -6.917  1.00 48.10 ? 7   GLN A O   1 
ATOM   54   C  CB  . GLN A 1 7   ? -7.654  -5.955  -8.410  1.00 46.06 ? 7   GLN A CB  1 
ATOM   55   C  CG  . GLN A 1 7   ? -7.343  -7.298  -8.930  1.00 47.82 ? 7   GLN A CG  1 
ATOM   56   C  CD  . GLN A 1 7   ? -6.837  -7.292  -10.358 1.00 47.91 ? 7   GLN A CD  1 
ATOM   57   O  OE1 . GLN A 1 7   ? -6.862  -8.338  -11.019 1.00 47.32 ? 7   GLN A OE1 1 
ATOM   58   N  NE2 . GLN A 1 7   ? -6.364  -6.128  -10.843 1.00 47.33 ? 7   GLN A NE2 1 
ATOM   59   N  N   . GLU A 1 8   ? -10.991 -6.496  -8.424  1.00 47.20 ? 8   GLU A N   1 
ATOM   60   C  CA  . GLU A 1 8   ? -12.095 -6.906  -7.553  1.00 48.96 ? 8   GLU A CA  1 
ATOM   61   C  C   . GLU A 1 8   ? -11.791 -8.224  -6.802  1.00 48.60 ? 8   GLU A C   1 
ATOM   62   O  O   . GLU A 1 8   ? -11.945 -8.319  -5.592  1.00 48.38 ? 8   GLU A O   1 
ATOM   63   C  CB  . GLU A 1 8   ? -13.413 -6.991  -8.342  1.00 50.45 ? 8   GLU A CB  1 
ATOM   64   C  CG  . GLU A 1 8   ? -13.235 -7.109  -9.873  1.00 54.45 ? 8   GLU A CG  1 
ATOM   65   C  CD  . GLU A 1 8   ? -14.541 -6.879  -10.628 1.00 60.78 ? 8   GLU A CD  1 
ATOM   66   O  OE1 . GLU A 1 8   ? -15.220 -5.848  -10.358 1.00 64.71 ? 8   GLU A OE1 1 
ATOM   67   O  OE2 . GLU A 1 8   ? -14.885 -7.726  -11.495 1.00 64.36 ? 8   GLU A OE2 1 
ATOM   68   N  N   . ILE A 1 9   ? -11.337 -9.231  -7.527  1.00 48.09 ? 9   ILE A N   1 
ATOM   69   C  CA  . ILE A 1 9   ? -10.809 -10.429 -6.890  1.00 47.43 ? 9   ILE A CA  1 
ATOM   70   C  C   . ILE A 1 9   ? -9.302  -10.545 -7.152  1.00 46.41 ? 9   ILE A C   1 
ATOM   71   O  O   . ILE A 1 9   ? -8.837  -10.529 -8.309  1.00 45.73 ? 9   ILE A O   1 
ATOM   72   C  CB  . ILE A 1 9   ? -11.557 -11.711 -7.329  1.00 48.28 ? 9   ILE A CB  1 
ATOM   73   C  CG1 . ILE A 1 9   ? -13.068 -11.598 -7.080  1.00 49.30 ? 9   ILE A CG1 1 
ATOM   74   C  CG2 . ILE A 1 9   ? -10.992 -12.953 -6.599  1.00 48.32 ? 9   ILE A CG2 1 
ATOM   75   C  CD1 . ILE A 1 9   ? -13.923 -12.545 -8.017  1.00 52.05 ? 9   ILE A CD1 1 
ATOM   76   N  N   . VAL A 1 10  ? -8.533  -10.633 -6.068  1.00 44.92 ? 10  VAL A N   1 
ATOM   77   C  CA  . VAL A 1 10  ? -7.103  -10.865 -6.185  1.00 44.66 ? 10  VAL A CA  1 
ATOM   78   C  C   . VAL A 1 10  ? -6.798  -12.132 -5.432  1.00 45.01 ? 10  VAL A C   1 
ATOM   79   O  O   . VAL A 1 10  ? -7.028  -12.217 -4.213  1.00 44.72 ? 10  VAL A O   1 
ATOM   80   C  CB  . VAL A 1 10  ? -6.228  -9.715  -5.639  1.00 44.39 ? 10  VAL A CB  1 
ATOM   81   C  CG1 . VAL A 1 10  ? -4.714  -9.968  -5.945  1.00 42.60 ? 10  VAL A CG1 1 
ATOM   82   C  CG2 . VAL A 1 10  ? -6.645  -8.425  -6.228  1.00 44.29 ? 10  VAL A CG2 1 
ATOM   83   N  N   . LYS A 1 11  ? -6.306  -13.110 -6.189  1.00 45.34 ? 11  LYS A N   1 
ATOM   84   C  CA  . LYS A 1 11  ? -5.845  -14.396 -5.663  1.00 46.06 ? 11  LYS A CA  1 
ATOM   85   C  C   . LYS A 1 11  ? -4.356  -14.279 -5.357  1.00 45.28 ? 11  LYS A C   1 
ATOM   86   O  O   . LYS A 1 11  ? -3.619  -13.635 -6.088  1.00 44.73 ? 11  LYS A O   1 
ATOM   87   C  CB  . LYS A 1 11  ? -6.107  -15.527 -6.683  1.00 46.70 ? 11  LYS A CB  1 
ATOM   88   C  CG  . LYS A 1 11  ? -7.564  -16.086 -6.689  1.00 48.76 ? 11  LYS A CG  1 
ATOM   89   C  CD  . LYS A 1 11  ? -7.745  -17.248 -7.725  1.00 53.10 ? 11  LYS A CD  1 
ATOM   90   C  CE  . LYS A 1 11  ? -7.410  -16.799 -9.166  1.00 55.48 ? 11  LYS A CE  1 
ATOM   91   N  NZ  . LYS A 1 11  ? -6.926  -17.900 -10.065 1.00 57.62 ? 11  LYS A NZ  1 
ATOM   92   N  N   . LEU A 1 12  ? -3.927  -14.899 -4.260  1.00 45.90 ? 12  LEU A N   1 
ATOM   93   C  CA  . LEU A 1 12  ? -2.553  -14.768 -3.786  1.00 45.94 ? 12  LEU A CA  1 
ATOM   94   C  C   . LEU A 1 12  ? -1.487  -15.233 -4.810  1.00 46.10 ? 12  LEU A C   1 
ATOM   95   O  O   . LEU A 1 12  ? -0.460  -14.558 -5.000  1.00 45.80 ? 12  LEU A O   1 
ATOM   96   C  CB  . LEU A 1 12  ? -2.417  -15.473 -2.432  1.00 46.42 ? 12  LEU A CB  1 
ATOM   97   C  CG  . LEU A 1 12  ? -1.063  -15.666 -1.737  1.00 45.74 ? 12  LEU A CG  1 
ATOM   98   C  CD1 . LEU A 1 12  ? -0.262  -14.386 -1.615  1.00 48.05 ? 12  LEU A CD1 1 
ATOM   99   C  CD2 . LEU A 1 12  ? -1.330  -16.236 -0.368  1.00 46.14 ? 12  LEU A CD2 1 
ATOM   100  N  N   . GLU A 1 13  ? -1.754  -16.341 -5.502  1.00 46.32 ? 13  GLU A N   1 
ATOM   101  C  CA  . GLU A 1 13  ? -0.842  -16.854 -6.562  1.00 46.53 ? 13  GLU A CA  1 
ATOM   102  C  C   . GLU A 1 13  ? -0.393  -15.789 -7.529  1.00 45.69 ? 13  GLU A C   1 
ATOM   103  O  O   . GLU A 1 13  ? 0.798   -15.750 -7.905  1.00 45.35 ? 13  GLU A O   1 
ATOM   104  C  CB  . GLU A 1 13  ? -1.485  -17.971 -7.382  1.00 47.88 ? 13  GLU A CB  1 
ATOM   105  C  CG  . GLU A 1 13  ? -2.173  -19.048 -6.550  1.00 52.47 ? 13  GLU A CG  1 
ATOM   106  C  CD  . GLU A 1 13  ? -3.663  -18.807 -6.452  1.00 58.72 ? 13  GLU A CD  1 
ATOM   107  O  OE1 . GLU A 1 13  ? -4.286  -18.526 -7.515  1.00 63.53 ? 13  GLU A OE1 1 
ATOM   108  O  OE2 . GLU A 1 13  ? -4.209  -18.896 -5.324  1.00 61.14 ? 13  GLU A OE2 1 
ATOM   109  N  N   . ASP A 1 14  ? -1.323  -14.909 -7.917  1.00 45.01 ? 14  ASP A N   1 
ATOM   110  C  CA  . ASP A 1 14  ? -1.009  -13.866 -8.910  1.00 44.30 ? 14  ASP A CA  1 
ATOM   111  C  C   . ASP A 1 14  ? -0.148  -12.735 -8.327  1.00 42.53 ? 14  ASP A C   1 
ATOM   112  O  O   . ASP A 1 14  ? 0.477   -11.973 -9.072  1.00 43.02 ? 14  ASP A O   1 
ATOM   113  C  CB  . ASP A 1 14  ? -2.289  -13.310 -9.564  1.00 45.55 ? 14  ASP A CB  1 
ATOM   114  C  CG  . ASP A 1 14  ? -3.239  -14.440 -10.093 1.00 49.72 ? 14  ASP A CG  1 
ATOM   115  O  OD1 . ASP A 1 14  ? -2.736  -15.458 -10.655 1.00 50.91 ? 14  ASP A OD1 1 
ATOM   116  O  OD2 . ASP A 1 14  ? -4.488  -14.321 -9.914  1.00 50.82 ? 14  ASP A OD2 1 
ATOM   117  N  N   . VAL A 1 15  ? -0.102  -12.613 -7.001  1.00 40.22 ? 15  VAL A N   1 
ATOM   118  C  CA  . VAL A 1 15  ? 0.677   -11.516 -6.395  1.00 38.03 ? 15  VAL A CA  1 
ATOM   119  C  C   . VAL A 1 15  ? 1.786   -11.951 -5.432  1.00 37.73 ? 15  VAL A C   1 
ATOM   120  O  O   . VAL A 1 15  ? 2.542   -11.112 -4.951  1.00 35.86 ? 15  VAL A O   1 
ATOM   121  C  CB  . VAL A 1 15  ? -0.216  -10.508 -5.679  1.00 37.82 ? 15  VAL A CB  1 
ATOM   122  C  CG1 . VAL A 1 15  ? -1.109  -9.780  -6.724  1.00 37.82 ? 15  VAL A CG1 1 
ATOM   123  C  CG2 . VAL A 1 15  ? -1.036  -11.221 -4.589  1.00 34.56 ? 15  VAL A CG2 1 
ATOM   124  N  N   . LEU A 1 16  ? 1.878   -13.247 -5.173  1.00 37.42 ? 16  LEU A N   1 
ATOM   125  C  CA  . LEU A 1 16  ? 2.834   -13.756 -4.170  1.00 38.50 ? 16  LEU A CA  1 
ATOM   126  C  C   . LEU A 1 16  ? 4.252   -13.381 -4.510  1.00 37.05 ? 16  LEU A C   1 
ATOM   127  O  O   . LEU A 1 16  ? 5.034   -13.050 -3.619  1.00 37.86 ? 16  LEU A O   1 
ATOM   128  C  CB  . LEU A 1 16  ? 2.704   -15.263 -3.984  1.00 38.64 ? 16  LEU A CB  1 
ATOM   129  C  CG  . LEU A 1 16  ? 3.490   -15.901 -2.821  1.00 41.39 ? 16  LEU A CG  1 
ATOM   130  C  CD1 . LEU A 1 16  ? 3.076   -15.352 -1.468  1.00 39.40 ? 16  LEU A CD1 1 
ATOM   131  C  CD2 . LEU A 1 16  ? 3.319   -17.413 -2.865  1.00 40.51 ? 16  LEU A CD2 1 
ATOM   132  N  N   . HIS A 1 17  ? 4.590   -13.396 -5.795  1.00 36.07 ? 17  HIS A N   1 
ATOM   133  C  CA  . HIS A 1 17  ? 5.909   -12.909 -6.240  1.00 34.71 ? 17  HIS A CA  1 
ATOM   134  C  C   . HIS A 1 17  ? 6.235   -11.482 -5.764  1.00 34.31 ? 17  HIS A C   1 
ATOM   135  O  O   . HIS A 1 17  ? 7.383   -11.142 -5.501  1.00 32.86 ? 17  HIS A O   1 
ATOM   136  C  CB  . HIS A 1 17  ? 6.074   -13.049 -7.778  1.00 35.47 ? 17  HIS A CB  1 
ATOM   137  C  CG  . HIS A 1 17  ? 5.242   -12.090 -8.575  1.00 32.73 ? 17  HIS A CG  1 
ATOM   138  N  ND1 . HIS A 1 17  ? 3.879   -12.217 -8.679  1.00 32.45 ? 17  HIS A ND1 1 
ATOM   139  C  CD2 . HIS A 1 17  ? 5.588   -11.018 -9.331  1.00 30.67 ? 17  HIS A CD2 1 
ATOM   140  C  CE1 . HIS A 1 17  ? 3.411   -11.226 -9.419  1.00 32.88 ? 17  HIS A CE1 1 
ATOM   141  N  NE2 . HIS A 1 17  ? 4.430   -10.494 -9.837  1.00 31.61 ? 17  HIS A NE2 1 
ATOM   142  N  N   . LEU A 1 18  ? 5.223   -10.623 -5.656  1.00 33.10 ? 18  LEU A N   1 
ATOM   143  C  CA  . LEU A 1 18  ? 5.470   -9.252  -5.165  1.00 32.61 ? 18  LEU A CA  1 
ATOM   144  C  C   . LEU A 1 18  ? 5.877   -9.256  -3.657  1.00 31.36 ? 18  LEU A C   1 
ATOM   145  O  O   . LEU A 1 18  ? 6.827   -8.612  -3.266  1.00 30.85 ? 18  LEU A O   1 
ATOM   146  C  CB  . LEU A 1 18  ? 4.208   -8.407  -5.351  1.00 31.11 ? 18  LEU A CB  1 
ATOM   147  C  CG  . LEU A 1 18  ? 3.712   -8.109  -6.772  1.00 30.72 ? 18  LEU A CG  1 
ATOM   148  C  CD1 . LEU A 1 18  ? 2.468   -7.214  -6.720  1.00 31.46 ? 18  LEU A CD1 1 
ATOM   149  C  CD2 . LEU A 1 18  ? 4.784   -7.471  -7.541  1.00 26.58 ? 18  LEU A CD2 1 
ATOM   150  N  N   . TYR A 1 19  ? 5.111   -9.965  -2.847  1.00 33.64 ? 19  TYR A N   1 
ATOM   151  C  CA  . TYR A 1 19  ? 5.397   -10.101 -1.397  1.00 34.70 ? 19  TYR A CA  1 
ATOM   152  C  C   . TYR A 1 19  ? 6.732   -10.834 -1.166  1.00 36.82 ? 19  TYR A C   1 
ATOM   153  O  O   . TYR A 1 19  ? 7.567   -10.348 -0.385  1.00 36.59 ? 19  TYR A O   1 
ATOM   154  C  CB  . TYR A 1 19  ? 4.245   -10.775 -0.666  1.00 33.92 ? 19  TYR A CB  1 
ATOM   155  C  CG  . TYR A 1 19  ? 2.977   -9.963  -0.659  1.00 34.95 ? 19  TYR A CG  1 
ATOM   156  C  CD1 . TYR A 1 19  ? 2.732   -8.990  0.344   1.00 32.50 ? 19  TYR A CD1 1 
ATOM   157  C  CD2 . TYR A 1 19  ? 2.004   -10.157 -1.653  1.00 30.93 ? 19  TYR A CD2 1 
ATOM   158  C  CE1 . TYR A 1 19  ? 1.535   -8.229  0.342   1.00 30.42 ? 19  TYR A CE1 1 
ATOM   159  C  CE2 . TYR A 1 19  ? 0.834   -9.409  -1.660  1.00 33.33 ? 19  TYR A CE2 1 
ATOM   160  C  CZ  . TYR A 1 19  ? 0.604   -8.440  -0.660  1.00 32.23 ? 19  TYR A CZ  1 
ATOM   161  O  OH  . TYR A 1 19  ? -0.571  -7.732  -0.706  1.00 31.38 ? 19  TYR A OH  1 
ATOM   162  N  N   . GLN A 1 20  ? 6.955   -11.955 -1.870  1.00 37.84 ? 20  GLN A N   1 
ATOM   163  C  CA  . GLN A 1 20  ? 8.316   -12.573 -1.938  1.00 40.12 ? 20  GLN A CA  1 
ATOM   164  C  C   . GLN A 1 20  ? 9.398   -11.547 -2.255  1.00 41.19 ? 20  GLN A C   1 
ATOM   165  O  O   . GLN A 1 20  ? 10.435  -11.516 -1.612  1.00 41.66 ? 20  GLN A O   1 
ATOM   166  C  CB  . GLN A 1 20  ? 8.377   -13.742 -2.954  1.00 39.63 ? 20  GLN A CB  1 
ATOM   167  C  CG  . GLN A 1 20  ? 7.742   -14.993 -2.417  1.00 40.48 ? 20  GLN A CG  1 
ATOM   168  C  CD  . GLN A 1 20  ? 7.341   -16.049 -3.461  1.00 43.29 ? 20  GLN A CD  1 
ATOM   169  O  OE1 . GLN A 1 20  ? 7.304   -15.812 -4.672  1.00 40.36 ? 20  GLN A OE1 1 
ATOM   170  N  NE2 . GLN A 1 20  ? 6.974   -17.223 -2.958  1.00 43.62 ? 20  GLN A NE2 1 
ATOM   171  N  N   . ALA A 1 21  ? 9.150   -10.687 -3.232  1.00 43.83 ? 21  ALA A N   1 
ATOM   172  C  CA  . ALA A 1 21  ? 10.128  -9.680  -3.647  1.00 45.95 ? 21  ALA A CA  1 
ATOM   173  C  C   . ALA A 1 21  ? 10.504  -8.731  -2.526  1.00 48.40 ? 21  ALA A C   1 
ATOM   174  O  O   . ALA A 1 21  ? 11.410  -7.886  -2.687  1.00 49.27 ? 21  ALA A O   1 
ATOM   175  C  CB  . ALA A 1 21  ? 9.586   -8.897  -4.818  1.00 45.82 ? 21  ALA A CB  1 
ATOM   176  N  N   . VAL A 1 22  ? 9.788   -8.823  -1.406  1.00 51.87 ? 22  VAL A N   1 
ATOM   177  C  CA  . VAL A 1 22  ? 10.091  -7.954  -0.270  1.00 54.61 ? 22  VAL A CA  1 
ATOM   178  C  C   . VAL A 1 22  ? 10.438  -8.530  1.156   1.00 56.86 ? 22  VAL A C   1 
ATOM   179  O  O   . VAL A 1 22  ? 10.552  -7.715  2.061   1.00 57.13 ? 22  VAL A O   1 
ATOM   180  C  CB  . VAL A 1 22  ? 9.099   -6.713  -0.156  1.00 54.27 ? 22  VAL A CB  1 
ATOM   181  C  CG1 . VAL A 1 22  ? 9.182   -5.797  -1.379  1.00 55.05 ? 22  VAL A CG1 1 
ATOM   182  C  CG2 . VAL A 1 22  ? 7.695   -7.138  0.126   1.00 52.52 ? 22  VAL A CG2 1 
ATOM   183  N  N   . GLY A 1 23  ? 10.499  -9.857  1.429   1.00 59.72 ? 23  GLY A N   1 
ATOM   184  C  CA  . GLY A 1 23  ? 9.355   -10.824 1.354   1.00 63.79 ? 23  GLY A CA  1 
ATOM   185  C  C   . GLY A 1 23  ? 8.646   -10.622 2.726   1.00 66.45 ? 23  GLY A C   1 
ATOM   186  O  O   . GLY A 1 23  ? 7.906   -9.615  2.870   1.00 66.86 ? 23  GLY A O   1 
ATOM   187  N  N   . TRP A 1 24  ? 8.754   -11.564 3.737   1.00 68.89 ? 24  TRP A N   1 
ATOM   188  C  CA  . TRP A 1 24  ? 8.061   -12.890 3.675   1.00 70.88 ? 24  TRP A CA  1 
ATOM   189  C  C   . TRP A 1 24  ? 8.207   -13.703 5.069   1.00 71.55 ? 24  TRP A C   1 
ATOM   190  O  O   . TRP A 1 24  ? 9.369   -13.810 5.560   1.00 71.93 ? 24  TRP A O   1 
ATOM   191  C  CB  . TRP A 1 24  ? 8.625   -13.823 2.556   1.00 71.18 ? 24  TRP A CB  1 
ATOM   192  C  CG  . TRP A 1 24  ? 7.825   -15.165 2.304   1.00 74.17 ? 24  TRP A CG  1 
ATOM   193  C  CD1 . TRP A 1 24  ? 7.771   -15.839 1.116   1.00 77.17 ? 24  TRP A CD1 1 
ATOM   194  C  CD2 . TRP A 1 24  ? 7.008   -15.955 3.232   1.00 77.02 ? 24  TRP A CD2 1 
ATOM   195  N  NE1 . TRP A 1 24  ? 6.991   -16.976 1.230   1.00 78.06 ? 24  TRP A NE1 1 
ATOM   196  C  CE2 . TRP A 1 24  ? 6.509   -17.068 2.511   1.00 78.27 ? 24  TRP A CE2 1 
ATOM   197  C  CE3 . TRP A 1 24  ? 6.656   -15.832 4.591   1.00 79.09 ? 24  TRP A CE3 1 
ATOM   198  C  CZ2 . TRP A 1 24  ? 5.669   -18.040 3.100   1.00 79.37 ? 24  TRP A CZ2 1 
ATOM   199  C  CZ3 . TRP A 1 24  ? 5.809   -16.797 5.182   1.00 79.45 ? 24  TRP A CZ3 1 
ATOM   200  C  CH2 . TRP A 1 24  ? 5.329   -17.882 4.433   1.00 80.59 ? 24  TRP A CH2 1 
ATOM   201  N  N   . THR A 1 25  ? 6.991   -14.064 5.688   1.00 72.23 ? 25  THR A N   1 
ATOM   202  C  CA  . THR A 1 25  ? 6.528   -13.097 6.955   1.00 72.66 ? 25  THR A CA  1 
ATOM   203  C  C   . THR A 1 25  ? 5.260   -12.141 6.847   1.00 72.38 ? 25  THR A C   1 
ATOM   204  O  O   . THR A 1 25  ? 5.331   -11.083 6.175   1.00 72.07 ? 25  THR A O   1 
ATOM   205  C  CB  . THR A 1 25  ? 7.752   -12.305 7.553   1.00 72.99 ? 25  THR A CB  1 
ATOM   206  O  OG1 . THR A 1 25  ? 8.529   -11.688 6.482   1.00 74.25 ? 25  THR A OG1 1 
ATOM   207  C  CG2 . THR A 1 25  ? 8.683   -13.318 8.393   1.00 73.20 ? 25  THR A CG2 1 
ATOM   208  N  N   . ASN A 1 26  ? 4.183   -12.623 7.588   1.00 72.37 ? 26  ASN A N   1 
ATOM   209  C  CA  . ASN A 1 26  ? 3.584   -14.067 7.371   1.00 71.99 ? 26  ASN A CA  1 
ATOM   210  C  C   . ASN A 1 26  ? 2.432   -14.102 6.204   1.00 72.40 ? 26  ASN A C   1 
ATOM   211  O  O   . ASN A 1 26  ? 2.868   -13.274 5.203   1.00 73.00 ? 26  ASN A O   1 
ATOM   212  C  CB  . ASN A 1 26  ? 2.881   -14.520 8.689   1.00 71.71 ? 26  ASN A CB  1 
ATOM   213  C  CG  . ASN A 1 26  ? 2.001   -15.795 8.512   1.00 69.83 ? 26  ASN A CG  1 
ATOM   214  O  OD1 . ASN A 1 26  ? 0.895   -15.755 7.947   1.00 65.77 ? 26  ASN A OD1 1 
ATOM   215  N  ND2 . ASN A 1 26  ? 2.454   -16.906 9.098   1.00 70.36 ? 26  ASN A ND2 1 
ATOM   216  N  N   . GLU A 1 32  ? -0.434  -17.876 5.489   1.00 47.88 ? 32  GLU A N   1 
ATOM   217  C  CA  . GLU A 1 32  ? -0.976  -16.564 5.262   1.00 47.33 ? 32  GLU A CA  1 
ATOM   218  C  C   . GLU A 1 32  ? -2.398  -16.220 5.822   1.00 46.06 ? 32  GLU A C   1 
ATOM   219  O  O   . GLU A 1 32  ? -3.465  -16.696 5.397   1.00 45.96 ? 32  GLU A O   1 
ATOM   220  C  CB  . GLU A 1 32  ? -0.807  -16.102 3.816   1.00 48.06 ? 32  GLU A CB  1 
ATOM   221  C  CG  . GLU A 1 32  ? 0.615   -15.816 3.475   1.00 51.41 ? 32  GLU A CG  1 
ATOM   222  C  CD  . GLU A 1 32  ? 1.341   -17.096 2.981   1.00 56.95 ? 32  GLU A CD  1 
ATOM   223  O  OE1 . GLU A 1 32  ? 0.740   -18.216 3.012   1.00 61.06 ? 32  GLU A OE1 1 
ATOM   224  O  OE2 . GLU A 1 32  ? 2.497   -16.970 2.545   1.00 57.00 ? 32  GLU A OE2 1 
HETATM 225  N  N   . MSE A 1 33  ? -2.333  -15.401 6.852   1.00 44.40 ? 33  MSE A N   1 
HETATM 226  C  CA  . MSE A 1 33  ? -3.258  -14.278 6.964   1.00 41.67 ? 33  MSE A CA  1 
HETATM 227  C  C   . MSE A 1 33  ? -3.539  -13.586 5.618   1.00 39.64 ? 33  MSE A C   1 
HETATM 228  O  O   . MSE A 1 33  ? -4.652  -13.129 5.373   1.00 35.70 ? 33  MSE A O   1 
HETATM 229  C  CB  . MSE A 1 33  ? -2.627  -13.310 7.972   1.00 41.86 ? 33  MSE A CB  1 
HETATM 230  C  CG  . MSE A 1 33  ? -2.545  -13.931 9.405   1.00 42.76 ? 33  MSE A CG  1 
HETATM 231  SE SE  . MSE A 1 33  ? -4.190  -14.408 10.080  1.00 41.54 ? 33  MSE A SE  1 
HETATM 232  C  CE  . MSE A 1 33  ? -4.237  -16.167 9.709   1.00 46.25 ? 33  MSE A CE  1 
ATOM   233  N  N   . LEU A 1 34  ? -2.520  -13.520 4.762   1.00 40.05 ? 34  LEU A N   1 
ATOM   234  C  CA  . LEU A 1 34  ? -2.561  -12.710 3.550   1.00 41.36 ? 34  LEU A CA  1 
ATOM   235  C  C   . LEU A 1 34  ? -3.629  -13.174 2.544   1.00 41.12 ? 34  LEU A C   1 
ATOM   236  O  O   . LEU A 1 34  ? -4.402  -12.352 2.024   1.00 39.00 ? 34  LEU A O   1 
ATOM   237  C  CB  . LEU A 1 34  ? -1.162  -12.603 2.921   1.00 42.71 ? 34  LEU A CB  1 
ATOM   238  C  CG  . LEU A 1 34  ? -0.979  -11.845 1.615   1.00 44.29 ? 34  LEU A CG  1 
ATOM   239  C  CD1 . LEU A 1 34  ? -1.533  -10.411 1.714   1.00 45.97 ? 34  LEU A CD1 1 
ATOM   240  C  CD2 . LEU A 1 34  ? 0.514   -11.856 1.282   1.00 46.59 ? 34  LEU A CD2 1 
ATOM   241  N  N   . GLU A 1 35  ? -3.718  -14.486 2.334   1.00 40.95 ? 35  GLU A N   1 
ATOM   242  C  CA  . GLU A 1 35  ? -4.799  -15.063 1.516   1.00 41.74 ? 35  GLU A CA  1 
ATOM   243  C  C   . GLU A 1 35  ? -6.174  -14.583 1.984   1.00 40.73 ? 35  GLU A C   1 
ATOM   244  O  O   . GLU A 1 35  ? -6.974  -14.072 1.211   1.00 40.21 ? 35  GLU A O   1 
ATOM   245  C  CB  . GLU A 1 35  ? -4.726  -16.591 1.585   1.00 42.90 ? 35  GLU A CB  1 
ATOM   246  C  CG  . GLU A 1 35  ? -5.221  -17.277 0.348   1.00 45.61 ? 35  GLU A CG  1 
ATOM   247  C  CD  . GLU A 1 35  ? -4.773  -18.743 0.306   1.00 51.23 ? 35  GLU A CD  1 
ATOM   248  O  OE1 . GLU A 1 35  ? -4.787  -19.407 1.381   1.00 51.62 ? 35  GLU A OE1 1 
ATOM   249  O  OE2 . GLU A 1 35  ? -4.399  -19.211 -0.800  1.00 50.20 ? 35  GLU A OE2 1 
ATOM   250  N  N   . GLN A 1 36  ? -6.415  -14.697 3.283   1.00 40.31 ? 36  GLN A N   1 
ATOM   251  C  CA  . GLN A 1 36  ? -7.621  -14.180 3.891   1.00 40.64 ? 36  GLN A CA  1 
ATOM   252  C  C   . GLN A 1 36  ? -7.731  -12.653 3.791   1.00 39.15 ? 36  GLN A C   1 
ATOM   253  O  O   . GLN A 1 36  ? -8.792  -12.147 3.468   1.00 38.74 ? 36  GLN A O   1 
ATOM   254  C  CB  . GLN A 1 36  ? -7.733  -14.657 5.354   1.00 41.90 ? 36  GLN A CB  1 
ATOM   255  C  CG  . GLN A 1 36  ? -7.826  -16.187 5.534   1.00 44.86 ? 36  GLN A CG  1 
ATOM   256  C  CD  . GLN A 1 36  ? -9.079  -16.754 4.900   1.00 50.42 ? 36  GLN A CD  1 
ATOM   257  O  OE1 . GLN A 1 36  ? -9.032  -17.306 3.804   1.00 54.31 ? 36  GLN A OE1 1 
ATOM   258  N  NE2 . GLN A 1 36  ? -10.216 -16.613 5.582   1.00 53.15 ? 36  GLN A NE2 1 
ATOM   259  N  N   . ALA A 1 37  ? -6.632  -11.927 4.054   1.00 37.61 ? 37  ALA A N   1 
ATOM   260  C  CA  . ALA A 1 37  ? -6.634  -10.444 3.990   1.00 37.29 ? 37  ALA A CA  1 
ATOM   261  C  C   . ALA A 1 37  ? -7.125  -9.885  2.644   1.00 36.95 ? 37  ALA A C   1 
ATOM   262  O  O   . ALA A 1 37  ? -7.916  -8.935  2.608   1.00 35.67 ? 37  ALA A O   1 
ATOM   263  C  CB  . ALA A 1 37  ? -5.255  -9.878  4.308   1.00 36.67 ? 37  ALA A CB  1 
ATOM   264  N  N   . LEU A 1 38  ? -6.618  -10.467 1.550   1.00 35.99 ? 38  LEU A N   1 
ATOM   265  C  CA  . LEU A 1 38  ? -6.914  -10.041 0.192   1.00 36.47 ? 38  LEU A CA  1 
ATOM   266  C  C   . LEU A 1 38  ? -8.410  -9.972  -0.112  1.00 36.54 ? 38  LEU A C   1 
ATOM   267  O  O   . LEU A 1 38  ? -8.824  -9.191  -0.966  1.00 37.09 ? 38  LEU A O   1 
ATOM   268  C  CB  . LEU A 1 38  ? -6.183  -10.933 -0.831  1.00 36.57 ? 38  LEU A CB  1 
ATOM   269  C  CG  . LEU A 1 38  ? -4.667  -10.827 -0.887  1.00 35.84 ? 38  LEU A CG  1 
ATOM   270  C  CD1 . LEU A 1 38  ? -4.076  -11.973 -1.741  1.00 40.52 ? 38  LEU A CD1 1 
ATOM   271  C  CD2 . LEU A 1 38  ? -4.256  -9.473  -1.469  1.00 36.58 ? 38  LEU A CD2 1 
ATOM   272  N  N   . SER A 1 39  ? -9.213  -10.764 0.592   1.00 36.78 ? 39  SER A N   1 
ATOM   273  C  CA  . SER A 1 39  ? -10.673 -10.747 0.423   1.00 38.29 ? 39  SER A CA  1 
ATOM   274  C  C   . SER A 1 39  ? -11.361 -9.696  1.263   1.00 37.18 ? 39  SER A C   1 
ATOM   275  O  O   . SER A 1 39  ? -12.551 -9.455  1.072   1.00 37.61 ? 39  SER A O   1 
ATOM   276  C  CB  . SER A 1 39  ? -11.288 -12.097 0.855   1.00 39.19 ? 39  SER A CB  1 
ATOM   277  O  OG  . SER A 1 39  ? -11.102 -13.047 -0.171  1.00 44.81 ? 39  SER A OG  1 
ATOM   278  N  N   . HIS A 1 40  ? -10.640 -9.102  2.212   1.00 34.95 ? 40  HIS A N   1 
ATOM   279  C  CA  . HIS A 1 40  ? -11.274 -8.242  3.239   1.00 34.12 ? 40  HIS A CA  1 
ATOM   280  C  C   . HIS A 1 40  ? -10.686 -6.827  3.236   1.00 33.60 ? 40  HIS A C   1 
ATOM   281  O  O   . HIS A 1 40  ? -10.624 -6.148  4.274   1.00 33.20 ? 40  HIS A O   1 
ATOM   282  C  CB  . HIS A 1 40  ? -11.151 -8.893  4.621   1.00 33.68 ? 40  HIS A CB  1 
ATOM   283  C  CG  . HIS A 1 40  ? -11.798 -10.241 4.707   1.00 37.44 ? 40  HIS A CG  1 
ATOM   284  N  ND1 . HIS A 1 40  ? -13.165 -10.407 4.805   1.00 41.58 ? 40  HIS A ND1 1 
ATOM   285  C  CD2 . HIS A 1 40  ? -11.273 -11.489 4.650   1.00 40.44 ? 40  HIS A CD2 1 
ATOM   286  C  CE1 . HIS A 1 40  ? -13.450 -11.694 4.846   1.00 42.41 ? 40  HIS A CE1 1 
ATOM   287  N  NE2 . HIS A 1 40  ? -12.320 -12.374 4.744   1.00 40.67 ? 40  HIS A NE2 1 
ATOM   288  N  N   . SER A 1 41  ? -10.221 -6.413  2.069   1.00 31.14 ? 41  SER A N   1 
ATOM   289  C  CA  . SER A 1 41  ? -9.604  -5.125  1.905   1.00 31.79 ? 41  SER A CA  1 
ATOM   290  C  C   . SER A 1 41  ? -10.642 -4.206  1.290   1.00 31.69 ? 41  SER A C   1 
ATOM   291  O  O   . SER A 1 41  ? -11.651 -4.673  0.792   1.00 31.39 ? 41  SER A O   1 
ATOM   292  C  CB  . SER A 1 41  ? -8.391  -5.227  0.988   1.00 29.71 ? 41  SER A CB  1 
ATOM   293  O  OG  . SER A 1 41  ? -7.484  -6.181  1.534   1.00 30.67 ? 41  SER A OG  1 
ATOM   294  N  N   . LEU A 1 42  ? -10.374 -2.910  1.335   1.00 31.77 ? 42  LEU A N   1 
ATOM   295  C  CA  . LEU A 1 42  ? -11.264 -1.903  0.760   1.00 31.42 ? 42  LEU A CA  1 
ATOM   296  C  C   . LEU A 1 42  ? -11.066 -1.873  -0.761  1.00 31.03 ? 42  LEU A C   1 
ATOM   297  O  O   . LEU A 1 42  ? -12.037 -1.815  -1.526  1.00 28.28 ? 42  LEU A O   1 
ATOM   298  C  CB  . LEU A 1 42  ? -10.953 -0.519  1.340   1.00 30.73 ? 42  LEU A CB  1 
ATOM   299  C  CG  . LEU A 1 42  ? -11.412 -0.185  2.758   1.00 33.23 ? 42  LEU A CG  1 
ATOM   300  C  CD1 . LEU A 1 42  ? -10.688 1.085   3.191   1.00 30.52 ? 42  LEU A CD1 1 
ATOM   301  C  CD2 . LEU A 1 42  ? -12.956 0.025   2.810   1.00 30.00 ? 42  LEU A CD2 1 
ATOM   302  N  N   . VAL A 1 43  ? -9.810  -1.911  -1.174  1.00 29.57 ? 43  VAL A N   1 
ATOM   303  C  CA  . VAL A 1 43  ? -9.443  -1.742  -2.564  1.00 29.62 ? 43  VAL A CA  1 
ATOM   304  C  C   . VAL A 1 43  ? -8.060  -2.316  -2.832  1.00 30.18 ? 43  VAL A C   1 
ATOM   305  O  O   . VAL A 1 43  ? -7.184  -2.252  -1.980  1.00 26.59 ? 43  VAL A O   1 
ATOM   306  C  CB  . VAL A 1 43  ? -9.518  -0.261  -2.998  1.00 31.25 ? 43  VAL A CB  1 
ATOM   307  C  CG1 . VAL A 1 43  ? -8.198  0.437   -2.850  1.00 27.03 ? 43  VAL A CG1 1 
ATOM   308  C  CG2 . VAL A 1 43  ? -10.038 -0.142  -4.392  1.00 32.61 ? 43  VAL A CG2 1 
ATOM   309  N  N   . ILE A 1 44  ? -7.885  -2.877  -4.023  1.00 20.00 ? 44  ILE A N   1 
ATOM   310  C  CA  . ILE A 1 44  ? -6.570  -3.242  -4.541  1.00 20.00 ? 44  ILE A CA  1 
ATOM   311  C  C   . ILE A 1 44  ? -6.383  -2.771  -5.972  1.00 20.00 ? 44  ILE A C   1 
ATOM   312  O  O   . ILE A 1 44  ? -7.234  -2.997  -6.804  1.00 29.97 ? 44  ILE A O   1 
ATOM   313  C  CB  . ILE A 1 44  ? -6.348  -4.756  -4.451  1.00 20.00 ? 44  ILE A CB  1 
ATOM   314  C  CG1 . ILE A 1 44  ? -6.399  -5.226  -3.006  1.00 20.00 ? 44  ILE A CG1 1 
ATOM   315  C  CG2 . ILE A 1 44  ? -5.044  -5.146  -5.098  1.00 20.00 ? 44  ILE A CG2 1 
ATOM   316  C  CD1 . ILE A 1 44  ? -6.712  -6.668  -2.863  1.00 20.00 ? 44  ILE A CD1 1 
ATOM   317  N  N   . TYR A 1 45  ? -5.263  -2.118  -6.238  1.00 27.80 ? 45  TYR A N   1 
ATOM   318  C  CA  . TYR A 1 45  ? -4.829  -1.829  -7.600  1.00 27.86 ? 45  TYR A CA  1 
ATOM   319  C  C   . TYR A 1 45  ? -3.528  -2.568  -7.911  1.00 28.63 ? 45  TYR A C   1 
ATOM   320  O  O   . TYR A 1 45  ? -2.681  -2.704  -7.045  1.00 24.52 ? 45  TYR A O   1 
ATOM   321  C  CB  . TYR A 1 45  ? -4.640  -0.320  -7.804  1.00 28.33 ? 45  TYR A CB  1 
ATOM   322  C  CG  . TYR A 1 45  ? -5.927  0.485   -7.874  1.00 30.01 ? 45  TYR A CG  1 
ATOM   323  C  CD1 . TYR A 1 45  ? -6.357  1.036   -9.063  1.00 30.98 ? 45  TYR A CD1 1 
ATOM   324  C  CD2 . TYR A 1 45  ? -6.702  0.688   -6.752  1.00 26.56 ? 45  TYR A CD2 1 
ATOM   325  C  CE1 . TYR A 1 45  ? -7.509  1.747   -9.130  1.00 32.11 ? 45  TYR A CE1 1 
ATOM   326  C  CE2 . TYR A 1 45  ? -7.853  1.395   -6.809  1.00 27.73 ? 45  TYR A CE2 1 
ATOM   327  C  CZ  . TYR A 1 45  ? -8.261  1.927   -8.000  1.00 33.08 ? 45  TYR A CZ  1 
ATOM   328  O  OH  . TYR A 1 45  ? -9.417  2.650   -8.053  1.00 34.76 ? 45  TYR A OH  1 
ATOM   329  N  N   . LEU A 1 46  ? -3.380  -3.035  -9.148  1.00 26.21 ? 46  LEU A N   1 
ATOM   330  C  CA  . LEU A 1 46  ? -2.104  -3.602  -9.602  1.00 27.75 ? 46  LEU A CA  1 
ATOM   331  C  C   . LEU A 1 46  ? -1.454  -2.700  -10.624 1.00 27.76 ? 46  LEU A C   1 
ATOM   332  O  O   . LEU A 1 46  ? -2.161  -1.975  -11.346 1.00 29.82 ? 46  LEU A O   1 
ATOM   333  C  CB  . LEU A 1 46  ? -2.281  -4.991  -10.216 1.00 26.42 ? 46  LEU A CB  1 
ATOM   334  C  CG  . LEU A 1 46  ? -2.981  -5.986  -9.309  1.00 28.64 ? 46  LEU A CG  1 
ATOM   335  C  CD1 . LEU A 1 46  ? -3.085  -7.314  -10.053 1.00 31.64 ? 46  LEU A CD1 1 
ATOM   336  C  CD2 . LEU A 1 46  ? -2.178  -6.136  -7.982  1.00 27.14 ? 46  LEU A CD2 1 
ATOM   337  N  N   . ALA A 1 47  ? -0.118  -2.727  -10.654 1.00 26.31 ? 47  ALA A N   1 
ATOM   338  C  CA  . ALA A 1 47  ? 0.674   -2.124  -11.699 1.00 26.94 ? 47  ALA A CA  1 
ATOM   339  C  C   . ALA A 1 47  ? 1.107   -3.248  -12.642 1.00 28.22 ? 47  ALA A C   1 
ATOM   340  O  O   . ALA A 1 47  ? 1.588   -4.303  -12.171 1.00 26.34 ? 47  ALA A O   1 
ATOM   341  C  CB  . ALA A 1 47  ? 1.895   -1.450  -11.112 1.00 27.50 ? 47  ALA A CB  1 
ATOM   342  N  N   . LEU A 1 48  ? 0.871   -3.034  -13.947 1.00 28.58 ? 48  LEU A N   1 
ATOM   343  C  CA  . LEU A 1 48  ? 1.115   -4.053  -14.991 1.00 29.46 ? 48  LEU A CA  1 
ATOM   344  C  C   . LEU A 1 48  ? 2.022   -3.514  -16.064 1.00 29.85 ? 48  LEU A C   1 
ATOM   345  O  O   . LEU A 1 48  ? 1.828   -2.405  -16.567 1.00 30.38 ? 48  LEU A O   1 
ATOM   346  C  CB  . LEU A 1 48  ? -0.195  -4.504  -15.657 1.00 29.89 ? 48  LEU A CB  1 
ATOM   347  C  CG  . LEU A 1 48  ? -0.753  -5.716  -14.905 1.00 33.84 ? 48  LEU A CG  1 
ATOM   348  C  CD1 . LEU A 1 48  ? -1.798  -5.345  -13.879 1.00 36.05 ? 48  LEU A CD1 1 
ATOM   349  C  CD2 . LEU A 1 48  ? -1.309  -6.700  -15.903 1.00 39.02 ? 48  LEU A CD2 1 
ATOM   350  N  N   . ASP A 1 49  ? 2.987   -4.328  -16.444 1.00 30.56 ? 49  ASP A N   1 
ATOM   351  C  CA  . ASP A 1 49  ? 3.880   -4.022  -17.536 1.00 32.18 ? 49  ASP A CA  1 
ATOM   352  C  C   . ASP A 1 49  ? 3.467   -5.064  -18.578 1.00 33.08 ? 49  ASP A C   1 
ATOM   353  O  O   . ASP A 1 49  ? 3.906   -6.244  -18.500 1.00 31.19 ? 49  ASP A O   1 
ATOM   354  C  CB  . ASP A 1 49  ? 5.339   -4.269  -17.086 1.00 33.40 ? 49  ASP A CB  1 
ATOM   355  C  CG  . ASP A 1 49  ? 6.346   -4.057  -18.229 1.00 35.68 ? 49  ASP A CG  1 
ATOM   356  O  OD1 . ASP A 1 49  ? 5.924   -3.588  -19.312 1.00 35.13 ? 49  ASP A OD1 1 
ATOM   357  O  OD2 . ASP A 1 49  ? 7.548   -4.313  -18.028 1.00 38.33 ? 49  ASP A OD2 1 
ATOM   358  N  N   . GLY A 1 50  ? 2.574   -4.669  -19.501 1.00 34.11 ? 50  GLY A N   1 
ATOM   359  C  CA  . GLY A 1 50  ? 1.916   -5.644  -20.371 1.00 35.12 ? 50  GLY A CA  1 
ATOM   360  C  C   . GLY A 1 50  ? 1.127   -6.598  -19.522 1.00 35.19 ? 50  GLY A C   1 
ATOM   361  O  O   . GLY A 1 50  ? 0.287   -6.181  -18.738 1.00 37.20 ? 50  GLY A O   1 
ATOM   362  N  N   . ASP A 1 51  ? 1.433   -7.878  -19.615 1.00 34.99 ? 51  ASP A N   1 
ATOM   363  C  CA  . ASP A 1 51  ? 0.774   -8.850  -18.758 1.00 35.67 ? 51  ASP A CA  1 
ATOM   364  C  C   . ASP A 1 51  ? 1.536   -9.064  -17.450 1.00 32.98 ? 51  ASP A C   1 
ATOM   365  O  O   . ASP A 1 51  ? 1.049   -9.741  -16.586 1.00 33.20 ? 51  ASP A O   1 
ATOM   366  C  CB  . ASP A 1 51  ? 0.568   -10.200 -19.473 1.00 37.34 ? 51  ASP A CB  1 
ATOM   367  C  CG  . ASP A 1 51  ? -0.325  -10.086 -20.739 1.00 42.76 ? 51  ASP A CG  1 
ATOM   368  O  OD1 . ASP A 1 51  ? -1.281  -9.278  -20.749 1.00 46.87 ? 51  ASP A OD1 1 
ATOM   369  O  OD2 . ASP A 1 51  ? -0.053  -10.822 -21.714 1.00 48.38 ? 51  ASP A OD2 1 
ATOM   370  N  N   . ALA A 1 52  ? 2.734   -8.514  -17.315 1.00 32.00 ? 52  ALA A N   1 
ATOM   371  C  CA  . ALA A 1 52  ? 3.534   -8.753  -16.056 1.00 30.69 ? 52  ALA A CA  1 
ATOM   372  C  C   . ALA A 1 52  ? 2.962   -7.959  -14.849 1.00 30.22 ? 52  ALA A C   1 
ATOM   373  O  O   . ALA A 1 52  ? 2.840   -6.775  -14.975 1.00 29.06 ? 52  ALA A O   1 
ATOM   374  C  CB  . ALA A 1 52  ? 4.957   -8.291  -16.300 1.00 29.23 ? 52  ALA A CB  1 
ATOM   375  N  N   . VAL A 1 53  ? 2.653   -8.602  -13.713 1.00 31.60 ? 53  VAL A N   1 
ATOM   376  C  CA  . VAL A 1 53  ? 2.258   -7.884  -12.431 1.00 31.95 ? 53  VAL A CA  1 
ATOM   377  C  C   . VAL A 1 53  ? 3.534   -7.365  -11.735 1.00 30.78 ? 53  VAL A C   1 
ATOM   378  O  O   . VAL A 1 53  ? 4.408   -8.145  -11.356 1.00 31.65 ? 53  VAL A O   1 
ATOM   379  C  CB  . VAL A 1 53  ? 1.433   -8.792  -11.494 1.00 31.61 ? 53  VAL A CB  1 
ATOM   380  C  CG1 . VAL A 1 53  ? 1.050   -8.065  -10.130 1.00 31.67 ? 53  VAL A CG1 1 
ATOM   381  C  CG2 . VAL A 1 53  ? 0.174   -9.304  -12.216 1.00 33.49 ? 53  VAL A CG2 1 
ATOM   382  N  N   . VAL A 1 54  ? 3.708   -6.054  -11.701 1.00 30.25 ? 54  VAL A N   1 
ATOM   383  C  CA  . VAL A 1 54  ? 4.966   -5.463  -11.205 1.00 30.37 ? 54  VAL A CA  1 
ATOM   384  C  C   . VAL A 1 54  ? 4.772   -4.626  -9.898  1.00 30.38 ? 54  VAL A C   1 
ATOM   385  O  O   . VAL A 1 54  ? 5.727   -4.194  -9.298  1.00 31.47 ? 54  VAL A O   1 
ATOM   386  C  CB  . VAL A 1 54  ? 5.841   -4.762  -12.340 1.00 29.21 ? 54  VAL A CB  1 
ATOM   387  C  CG1 . VAL A 1 54  ? 6.000   -5.731  -13.551 1.00 28.66 ? 54  VAL A CG1 1 
ATOM   388  C  CG2 . VAL A 1 54  ? 5.317   -3.373  -12.848 1.00 28.45 ? 54  VAL A CG2 1 
ATOM   389  N  N   . GLY A 1 55  ? 3.530   -4.426  -9.469  1.00 29.98 ? 55  GLY A N   1 
ATOM   390  C  CA  . GLY A 1 55  ? 3.281   -3.508  -8.333  1.00 28.81 ? 55  GLY A CA  1 
ATOM   391  C  C   . GLY A 1 55  ? 1.906   -3.758  -7.812  1.00 29.09 ? 55  GLY A C   1 
ATOM   392  O  O   . GLY A 1 55  ? 1.059   -4.286  -8.550  1.00 27.83 ? 55  GLY A O   1 
ATOM   393  N  N   . LEU A 1 56  ? 1.692   -3.445  -6.521  1.00 27.31 ? 56  LEU A N   1 
ATOM   394  C  CA  . LEU A 1 56  ? 0.403   -3.614  -5.880  1.00 27.38 ? 56  LEU A CA  1 
ATOM   395  C  C   . LEU A 1 56  ? 0.221   -2.496  -4.823  1.00 26.20 ? 56  LEU A C   1 
ATOM   396  O  O   . LEU A 1 56  ? 1.192   -2.056  -4.212  1.00 24.49 ? 56  LEU A O   1 
ATOM   397  C  CB  . LEU A 1 56  ? 0.292   -5.025  -5.238  1.00 27.29 ? 56  LEU A CB  1 
ATOM   398  C  CG  . LEU A 1 56  ? -0.851  -5.418  -4.286  1.00 30.79 ? 56  LEU A CG  1 
ATOM   399  C  CD1 . LEU A 1 56  ? -1.120  -6.943  -4.314  1.00 27.09 ? 56  LEU A CD1 1 
ATOM   400  C  CD2 . LEU A 1 56  ? -0.527  -4.931  -2.824  1.00 27.19 ? 56  LEU A CD2 1 
ATOM   401  N  N   . ILE A 1 57  ? -1.004  -2.033  -4.660  1.00 25.37 ? 57  ILE A N   1 
ATOM   402  C  CA  . ILE A 1 57  ? -1.383  -1.215  -3.466  1.00 25.79 ? 57  ILE A CA  1 
ATOM   403  C  C   . ILE A 1 57  ? -2.617  -1.859  -2.880  1.00 26.36 ? 57  ILE A C   1 
ATOM   404  O  O   . ILE A 1 57  ? -3.460  -2.363  -3.619  1.00 26.00 ? 57  ILE A O   1 
ATOM   405  C  CB  . ILE A 1 57  ? -1.550  0.314   -3.737  1.00 26.32 ? 57  ILE A CB  1 
ATOM   406  C  CG1 . ILE A 1 57  ? -1.814  1.131   -2.398  1.00 21.75 ? 57  ILE A CG1 1 
ATOM   407  C  CG2 . ILE A 1 57  ? -2.684  0.541   -4.776  1.00 23.00 ? 57  ILE A CG2 1 
ATOM   408  C  CD1 . ILE A 1 57  ? -1.707  2.691   -2.630  1.00 23.59 ? 57  ILE A CD1 1 
ATOM   409  N  N   . ARG A 1 58  ? -2.687  -1.921  -1.552  1.00 25.58 ? 58  ARG A N   1 
ATOM   410  C  CA  . ARG A 1 58  ? -3.803  -2.502  -0.862  1.00 25.89 ? 58  ARG A CA  1 
ATOM   411  C  C   . ARG A 1 58  ? -4.189  -1.601  0.330   1.00 26.63 ? 58  ARG A C   1 
ATOM   412  O  O   . ARG A 1 58  ? -3.391  -1.305  1.243   1.00 26.26 ? 58  ARG A O   1 
ATOM   413  C  CB  . ARG A 1 58  ? -3.457  -3.908  -0.353  1.00 26.19 ? 58  ARG A CB  1 
ATOM   414  C  CG  . ARG A 1 58  ? -4.581  -4.667  0.229   1.00 28.72 ? 58  ARG A CG  1 
ATOM   415  C  CD  . ARG A 1 58  ? -4.231  -6.146  0.394   1.00 24.73 ? 58  ARG A CD  1 
ATOM   416  N  NE  . ARG A 1 58  ? -3.360  -6.425  1.547   1.00 23.68 ? 58  ARG A NE  1 
ATOM   417  C  CZ  . ARG A 1 58  ? -3.751  -6.572  2.809   1.00 24.56 ? 58  ARG A CZ  1 
ATOM   418  N  NH1 . ARG A 1 58  ? -5.013  -6.347  3.207   1.00 22.41 ? 58  ARG A NH1 1 
ATOM   419  N  NH2 . ARG A 1 58  ? -2.851  -6.904  3.713   1.00 25.81 ? 58  ARG A NH2 1 
ATOM   420  N  N   . LEU A 1 59  ? -5.431  -1.148  0.300   1.00 27.13 ? 59  LEU A N   1 
ATOM   421  C  CA  . LEU A 1 59  ? -5.961  -0.290  1.375   1.00 26.52 ? 59  LEU A CA  1 
ATOM   422  C  C   . LEU A 1 59  ? -6.915  -1.067  2.221   1.00 24.94 ? 59  LEU A C   1 
ATOM   423  O  O   . LEU A 1 59  ? -7.623  -1.923  1.713   1.00 26.69 ? 59  LEU A O   1 
ATOM   424  C  CB  . LEU A 1 59  ? -6.684  0.910   0.777   1.00 25.67 ? 59  LEU A CB  1 
ATOM   425  C  CG  . LEU A 1 59  ? -6.026  1.816   -0.252  1.00 27.06 ? 59  LEU A CG  1 
ATOM   426  C  CD1 . LEU A 1 59  ? -6.966  2.975   -0.486  1.00 27.70 ? 59  LEU A CD1 1 
ATOM   427  C  CD2 . LEU A 1 59  ? -4.695  2.305   0.194   1.00 24.86 ? 59  LEU A CD2 1 
ATOM   428  N  N   . VAL A 1 60  ? -6.950  -0.747  3.520   1.00 25.89 ? 60  VAL A N   1 
ATOM   429  C  CA  . VAL A 1 60  ? -7.795  -1.399  4.519   1.00 23.37 ? 60  VAL A CA  1 
ATOM   430  C  C   . VAL A 1 60  ? -8.433  -0.351  5.449   1.00 24.95 ? 60  VAL A C   1 
ATOM   431  O  O   . VAL A 1 60  ? -8.004  0.813   5.467   1.00 24.24 ? 60  VAL A O   1 
ATOM   432  C  CB  . VAL A 1 60  ? -7.011  -2.438  5.405   1.00 24.09 ? 60  VAL A CB  1 
ATOM   433  C  CG1 . VAL A 1 60  ? -6.429  -3.583  4.513   1.00 23.03 ? 60  VAL A CG1 1 
ATOM   434  C  CG2 . VAL A 1 60  ? -5.936  -1.759  6.252   1.00 21.56 ? 60  VAL A CG2 1 
ATOM   435  N  N   . GLY A 1 61  ? -9.422  -0.775  6.232   1.00 24.90 ? 61  GLY A N   1 
ATOM   436  C  CA  . GLY A 1 61  ? -10.082 0.161   7.164   1.00 26.28 ? 61  GLY A CA  1 
ATOM   437  C  C   . GLY A 1 61  ? -11.564 0.145   6.932   1.00 26.79 ? 61  GLY A C   1 
ATOM   438  O  O   . GLY A 1 61  ? -12.084 -0.746  6.254   1.00 27.39 ? 61  GLY A O   1 
ATOM   439  N  N   . ASP A 1 62  ? -12.264 1.118   7.508   1.00 28.58 ? 62  ASP A N   1 
ATOM   440  C  CA  . ASP A 1 62  ? -13.744 1.150   7.377   1.00 28.39 ? 62  ASP A CA  1 
ATOM   441  C  C   . ASP A 1 62  ? -14.191 1.891   6.105   1.00 28.49 ? 62  ASP A C   1 
ATOM   442  O  O   . ASP A 1 62  ? -15.340 1.732   5.680   1.00 30.26 ? 62  ASP A O   1 
ATOM   443  C  CB  . ASP A 1 62  ? -14.423 1.662   8.669   1.00 26.89 ? 62  ASP A CB  1 
ATOM   444  C  CG  . ASP A 1 62  ? -14.082 3.117   8.959   1.00 26.54 ? 62  ASP A CG  1 
ATOM   445  O  OD1 . ASP A 1 62  ? -14.064 3.948   8.065   1.00 26.98 ? 62  ASP A OD1 1 
ATOM   446  O  OD2 . ASP A 1 62  ? -13.783 3.439   10.077  1.00 27.90 ? 62  ASP A OD2 1 
ATOM   447  N  N   . GLY A 1 63  ? -13.302 2.670   5.493   1.00 27.55 ? 63  GLY A N   1 
ATOM   448  C  CA  . GLY A 1 63  ? -13.572 3.332   4.244   1.00 28.51 ? 63  GLY A CA  1 
ATOM   449  C  C   . GLY A 1 63  ? -14.292 4.659   4.415   1.00 29.63 ? 63  GLY A C   1 
ATOM   450  O  O   . GLY A 1 63  ? -14.581 5.340   3.424   1.00 31.22 ? 63  GLY A O   1 
ATOM   451  N  N   . PHE A 1 64  ? -14.554 5.050   5.655   1.00 28.77 ? 64  PHE A N   1 
ATOM   452  C  CA  . PHE A 1 64  ? -15.311 6.298   5.916   1.00 29.96 ? 64  PHE A CA  1 
ATOM   453  C  C   . PHE A 1 64  ? -14.617 7.172   6.907   1.00 28.49 ? 64  PHE A C   1 
ATOM   454  O  O   . PHE A 1 64  ? -14.257 8.304   6.596   1.00 29.84 ? 64  PHE A O   1 
ATOM   455  C  CB  . PHE A 1 64  ? -16.767 5.997   6.392   1.00 30.25 ? 64  PHE A CB  1 
ATOM   456  C  CG  . PHE A 1 64  ? -17.635 5.408   5.325   1.00 33.70 ? 64  PHE A CG  1 
ATOM   457  C  CD1 . PHE A 1 64  ? -18.259 6.248   4.385   1.00 37.49 ? 64  PHE A CD1 1 
ATOM   458  C  CD2 . PHE A 1 64  ? -17.838 4.032   5.249   1.00 32.73 ? 64  PHE A CD2 1 
ATOM   459  C  CE1 . PHE A 1 64  ? -19.075 5.720   3.355   1.00 37.56 ? 64  PHE A CE1 1 
ATOM   460  C  CE2 . PHE A 1 64  ? -18.681 3.481   4.245   1.00 37.97 ? 64  PHE A CE2 1 
ATOM   461  C  CZ  . PHE A 1 64  ? -19.299 4.328   3.288   1.00 38.04 ? 64  PHE A CZ  1 
ATOM   462  N  N   . SER A 1 65  ? -14.449 6.684   8.128   1.00 28.51 ? 65  SER A N   1 
ATOM   463  C  CA  . SER A 1 65  ? -13.653 7.431   9.120   1.00 29.98 ? 65  SER A CA  1 
ATOM   464  C  C   . SER A 1 65  ? -12.150 7.158   9.006   1.00 28.70 ? 65  SER A C   1 
ATOM   465  O  O   . SER A 1 65  ? -11.341 8.028   9.360   1.00 28.39 ? 65  SER A O   1 
ATOM   466  C  CB  . SER A 1 65  ? -14.103 7.175   10.546  1.00 28.99 ? 65  SER A CB  1 
ATOM   467  O  OG  . SER A 1 65  ? -15.513 7.394   10.629  1.00 36.65 ? 65  SER A OG  1 
ATOM   468  N  N   . SER A 1 66  ? -11.798 5.951   8.535   1.00 28.59 ? 66  SER A N   1 
ATOM   469  C  CA  . SER A 1 66  ? -10.401 5.498   8.533   1.00 28.94 ? 66  SER A CA  1 
ATOM   470  C  C   . SER A 1 66  ? -10.083 4.584   7.364   1.00 26.88 ? 66  SER A C   1 
ATOM   471  O  O   . SER A 1 66  ? -10.813 3.605   7.095   1.00 26.00 ? 66  SER A O   1 
ATOM   472  C  CB  . SER A 1 66  ? -10.039 4.783   9.826   1.00 29.61 ? 66  SER A CB  1 
ATOM   473  O  OG  . SER A 1 66  ? -10.746 3.549   9.877   1.00 38.27 ? 66  SER A OG  1 
ATOM   474  N  N   . VAL A 1 67  ? -8.991  4.942   6.688   1.00 26.45 ? 67  VAL A N   1 
ATOM   475  C  CA  . VAL A 1 67  ? -8.385  4.218   5.598   1.00 27.05 ? 67  VAL A CA  1 
ATOM   476  C  C   . VAL A 1 67  ? -6.855  4.109   5.888   1.00 27.17 ? 67  VAL A C   1 
ATOM   477  O  O   . VAL A 1 67  ? -6.228  5.048   6.386   1.00 29.09 ? 67  VAL A O   1 
ATOM   478  C  CB  . VAL A 1 67  ? -8.643  4.911   4.249   1.00 26.62 ? 67  VAL A CB  1 
ATOM   479  C  CG1 . VAL A 1 67  ? -7.846  4.197   3.078   1.00 24.60 ? 67  VAL A CG1 1 
ATOM   480  C  CG2 . VAL A 1 67  ? -10.191 4.948   3.917   1.00 25.97 ? 67  VAL A CG2 1 
ATOM   481  N  N   . PHE A 1 68  ? -6.291  2.936   5.664   1.00 26.54 ? 68  PHE A N   1 
ATOM   482  C  CA  . PHE A 1 68  ? -4.847  2.713   5.941   1.00 27.11 ? 68  PHE A CA  1 
ATOM   483  C  C   . PHE A 1 68  ? -4.241  2.153   4.669   1.00 25.23 ? 68  PHE A C   1 
ATOM   484  O  O   . PHE A 1 68  ? -4.848  1.256   4.055   1.00 25.34 ? 68  PHE A O   1 
ATOM   485  C  CB  . PHE A 1 68  ? -4.636  1.756   7.125   1.00 27.40 ? 68  PHE A CB  1 
ATOM   486  C  CG  . PHE A 1 68  ? -5.259  2.255   8.423   1.00 33.23 ? 68  PHE A CG  1 
ATOM   487  C  CD1 . PHE A 1 68  ? -4.514  3.037   9.309   1.00 32.32 ? 68  PHE A CD1 1 
ATOM   488  C  CD2 . PHE A 1 68  ? -6.615  2.018   8.703   1.00 33.44 ? 68  PHE A CD2 1 
ATOM   489  C  CE1 . PHE A 1 68  ? -5.069  3.503   10.507  1.00 34.89 ? 68  PHE A CE1 1 
ATOM   490  C  CE2 . PHE A 1 68  ? -7.182  2.515   9.863   1.00 34.24 ? 68  PHE A CE2 1 
ATOM   491  C  CZ  . PHE A 1 68  ? -6.392  3.246   10.778  1.00 35.78 ? 68  PHE A CZ  1 
ATOM   492  N  N   . VAL A 1 69  ? -3.083  2.683   4.285   1.00 25.38 ? 69  VAL A N   1 
ATOM   493  C  CA  . VAL A 1 69  ? -2.337  2.180   3.119   1.00 25.50 ? 69  VAL A CA  1 
ATOM   494  C  C   . VAL A 1 69  ? -1.573  0.987   3.679   1.00 25.69 ? 69  VAL A C   1 
ATOM   495  O  O   . VAL A 1 69  ? -0.558  1.147   4.376   1.00 23.95 ? 69  VAL A O   1 
ATOM   496  C  CB  . VAL A 1 69  ? -1.325  3.217   2.470   1.00 25.76 ? 69  VAL A CB  1 
ATOM   497  C  CG1 . VAL A 1 69  ? -0.518  2.503   1.320   1.00 25.75 ? 69  VAL A CG1 1 
ATOM   498  C  CG2 . VAL A 1 69  ? -2.048  4.428   1.861   1.00 26.51 ? 69  VAL A CG2 1 
ATOM   499  N  N   . GLN A 1 70  ? -2.122  -0.205  3.477   1.00 26.37 ? 70  GLN A N   1 
ATOM   500  C  CA  . GLN A 1 70  ? -1.581  -1.400  4.132   1.00 24.97 ? 70  GLN A CA  1 
ATOM   501  C  C   . GLN A 1 70  ? -0.367  -1.992  3.383   1.00 25.33 ? 70  GLN A C   1 
ATOM   502  O  O   . GLN A 1 70  ? 0.698   -2.208  3.990   1.00 24.91 ? 70  GLN A O   1 
ATOM   503  C  CB  . GLN A 1 70  ? -2.698  -2.406  4.329   1.00 26.84 ? 70  GLN A CB  1 
ATOM   504  C  CG  . GLN A 1 70  ? -2.278  -3.776  4.899   1.00 27.28 ? 70  GLN A CG  1 
ATOM   505  C  CD  . GLN A 1 70  ? -1.519  -3.659  6.232   1.00 31.06 ? 70  GLN A CD  1 
ATOM   506  O  OE1 . GLN A 1 70  ? -1.711  -2.715  6.986   1.00 33.63 ? 70  GLN A OE1 1 
ATOM   507  N  NE2 . GLN A 1 70  ? -0.622  -4.592  6.483   1.00 31.60 ? 70  GLN A NE2 1 
ATOM   508  N  N   . ASP A 1 71  ? -0.489  -2.221  2.079   1.00 24.70 ? 71  ASP A N   1 
ATOM   509  C  CA  . ASP A 1 71  ? 0.661   -2.709  1.262   1.00 26.23 ? 71  ASP A CA  1 
ATOM   510  C  C   . ASP A 1 71  ? 0.868   -1.741  0.134   1.00 26.03 ? 71  ASP A C   1 
ATOM   511  O  O   . ASP A 1 71  ? -0.113  -1.304  -0.514  1.00 27.23 ? 71  ASP A O   1 
ATOM   512  C  CB  . ASP A 1 71  ? 0.441   -4.124  0.645   1.00 26.12 ? 71  ASP A CB  1 
ATOM   513  C  CG  . ASP A 1 71  ? 0.168   -5.207  1.675   1.00 28.12 ? 71  ASP A CG  1 
ATOM   514  O  OD1 . ASP A 1 71  ? 0.764   -5.199  2.782   1.00 27.23 ? 71  ASP A OD1 1 
ATOM   515  O  OD2 . ASP A 1 71  ? -0.636  -6.108  1.356   1.00 28.58 ? 71  ASP A OD2 1 
ATOM   516  N  N   . LEU A 1 72  ? 2.109   -1.343  -0.080  1.00 26.50 ? 72  LEU A N   1 
ATOM   517  C  CA  . LEU A 1 72  ? 2.514   -0.670  -1.299  1.00 26.29 ? 72  LEU A CA  1 
ATOM   518  C  C   . LEU A 1 72  ? 3.817   -1.312  -1.797  1.00 27.97 ? 72  LEU A C   1 
ATOM   519  O  O   . LEU A 1 72  ? 4.880   -1.180  -1.152  1.00 26.37 ? 72  LEU A O   1 
ATOM   520  C  CB  . LEU A 1 72  ? 2.728   0.823   -1.090  1.00 26.38 ? 72  LEU A CB  1 
ATOM   521  C  CG  . LEU A 1 72  ? 3.129   1.663   -2.311  1.00 26.88 ? 72  LEU A CG  1 
ATOM   522  C  CD1 . LEU A 1 72  ? 2.066   1.542   -3.429  1.00 23.75 ? 72  LEU A CD1 1 
ATOM   523  C  CD2 . LEU A 1 72  ? 3.342   3.141   -1.951  1.00 27.26 ? 72  LEU A CD2 1 
ATOM   524  N  N   . ILE A 1 73  ? 3.735   -2.002  -2.923  1.00 27.48 ? 73  ILE A N   1 
ATOM   525  C  CA  . ILE A 1 73  ? 4.881   -2.784  -3.402  1.00 29.55 ? 73  ILE A CA  1 
ATOM   526  C  C   . ILE A 1 73  ? 5.091   -2.465  -4.855  1.00 30.24 ? 73  ILE A C   1 
ATOM   527  O  O   . ILE A 1 73  ? 4.133   -2.492  -5.627  1.00 30.76 ? 73  ILE A O   1 
ATOM   528  C  CB  . ILE A 1 73  ? 4.659   -4.319  -3.270  1.00 29.34 ? 73  ILE A CB  1 
ATOM   529  C  CG1 . ILE A 1 73  ? 4.448   -4.707  -1.813  1.00 32.73 ? 73  ILE A CG1 1 
ATOM   530  C  CG2 . ILE A 1 73  ? 5.857   -5.092  -3.847  1.00 31.40 ? 73  ILE A CG2 1 
ATOM   531  C  CD1 . ILE A 1 73  ? 3.968   -6.100  -1.615  1.00 31.95 ? 73  ILE A CD1 1 
ATOM   532  N  N   . VAL A 1 74  ? 6.320   -2.099  -5.209  1.00 30.55 ? 74  VAL A N   1 
ATOM   533  C  CA  . VAL A 1 74  ? 6.786   -2.148  -6.589  1.00 30.91 ? 74  VAL A CA  1 
ATOM   534  C  C   . VAL A 1 74  ? 8.031   -3.088  -6.620  1.00 32.04 ? 74  VAL A C   1 
ATOM   535  O  O   . VAL A 1 74  ? 8.868   -3.084  -5.683  1.00 30.97 ? 74  VAL A O   1 
ATOM   536  C  CB  . VAL A 1 74  ? 7.144   -0.773  -7.143  1.00 30.16 ? 74  VAL A CB  1 
ATOM   537  C  CG1 . VAL A 1 74  ? 7.559   -0.884  -8.634  1.00 31.12 ? 74  VAL A CG1 1 
ATOM   538  C  CG2 . VAL A 1 74  ? 5.977   0.183   -7.034  1.00 32.95 ? 74  VAL A CG2 1 
ATOM   539  N  N   . LEU A 1 75  ? 8.116   -3.937  -7.646  1.00 31.98 ? 75  LEU A N   1 
ATOM   540  C  CA  . LEU A 1 75  ? 9.382   -4.696  -7.868  1.00 33.23 ? 75  LEU A CA  1 
ATOM   541  C  C   . LEU A 1 75  ? 10.554  -3.756  -7.876  1.00 33.85 ? 75  LEU A C   1 
ATOM   542  O  O   . LEU A 1 75  ? 10.541  -2.734  -8.604  1.00 33.05 ? 75  LEU A O   1 
ATOM   543  C  CB  . LEU A 1 75  ? 9.370   -5.511  -9.163  1.00 32.87 ? 75  LEU A CB  1 
ATOM   544  C  CG  . LEU A 1 75  ? 8.373   -6.648  -9.195  1.00 33.87 ? 75  LEU A CG  1 
ATOM   545  C  CD1 . LEU A 1 75  ? 8.290   -7.262  -10.644 1.00 33.05 ? 75  LEU A CD1 1 
ATOM   546  C  CD2 . LEU A 1 75  ? 8.692   -7.739  -8.111  1.00 33.83 ? 75  LEU A CD2 1 
ATOM   547  N  N   . PRO A 1 76  ? 11.559  -4.060  -7.010  1.00 36.15 ? 76  PRO A N   1 
ATOM   548  C  CA  . PRO A 1 76  ? 12.686  -3.194  -6.777  1.00 37.76 ? 76  PRO A CA  1 
ATOM   549  C  C   . PRO A 1 76  ? 13.425  -3.009  -8.040  1.00 39.62 ? 76  PRO A C   1 
ATOM   550  O  O   . PRO A 1 76  ? 14.277  -2.153  -8.105  1.00 40.84 ? 76  PRO A O   1 
ATOM   551  C  CB  . PRO A 1 76  ? 13.539  -3.965  -5.736  1.00 36.67 ? 76  PRO A CB  1 
ATOM   552  C  CG  . PRO A 1 76  ? 12.567  -4.837  -5.050  1.00 38.72 ? 76  PRO A CG  1 
ATOM   553  C  CD  . PRO A 1 76  ? 11.622  -5.269  -6.153  1.00 35.94 ? 76  PRO A CD  1 
ATOM   554  N  N   . SER A 1 77  ? 13.067  -3.788  -9.069  1.00 42.05 ? 77  SER A N   1 
ATOM   555  C  CA  . SER A 1 77  ? 13.734  -3.672  -10.366 1.00 42.20 ? 77  SER A CA  1 
ATOM   556  C  C   . SER A 1 77  ? 13.136  -2.549  -11.240 1.00 43.15 ? 77  SER A C   1 
ATOM   557  O  O   . SER A 1 77  ? 13.854  -1.996  -12.079 1.00 44.12 ? 77  SER A O   1 
ATOM   558  C  CB  . SER A 1 77  ? 13.907  -5.047  -11.079 1.00 41.19 ? 77  SER A CB  1 
ATOM   559  O  OG  . SER A 1 77  ? 12.785  -5.882  -11.010 1.00 38.97 ? 77  SER A OG  1 
ATOM   560  N  N   . TYR A 1 78  ? 11.848  -2.222  -11.022 1.00 43.60 ? 78  TYR A N   1 
ATOM   561  C  CA  . TYR A 1 78  ? 11.153  -1.053  -11.600 1.00 44.12 ? 78  TYR A CA  1 
ATOM   562  C  C   . TYR A 1 78  ? 11.377  0.096   -10.605 1.00 47.49 ? 78  TYR A C   1 
ATOM   563  O  O   . TYR A 1 78  ? 12.407  0.105   -9.910  1.00 47.70 ? 78  TYR A O   1 
ATOM   564  C  CB  . TYR A 1 78  ? 9.635   -1.347  -11.824 1.00 43.05 ? 78  TYR A CB  1 
ATOM   565  C  CG  . TYR A 1 78  ? 9.357   -2.367  -12.946 1.00 39.45 ? 78  TYR A CG  1 
ATOM   566  C  CD1 . TYR A 1 78  ? 8.855   -1.957  -14.177 1.00 37.49 ? 78  TYR A CD1 1 
ATOM   567  C  CD2 . TYR A 1 78  ? 9.645   -3.732  -12.769 1.00 36.51 ? 78  TYR A CD2 1 
ATOM   568  C  CE1 . TYR A 1 78  ? 8.645   -2.858  -15.209 1.00 37.29 ? 78  TYR A CE1 1 
ATOM   569  C  CE2 . TYR A 1 78  ? 9.412   -4.654  -13.777 1.00 36.31 ? 78  TYR A CE2 1 
ATOM   570  C  CZ  . TYR A 1 78  ? 8.932   -4.213  -15.015 1.00 36.72 ? 78  TYR A CZ  1 
ATOM   571  O  OH  . TYR A 1 78  ? 8.711   -5.122  -16.036 1.00 35.00 ? 78  TYR A OH  1 
ATOM   572  N  N   . GLN A 1 79  ? 10.459  1.060   -10.495 1.00 50.11 ? 79  GLN A N   1 
ATOM   573  C  CA  . GLN A 1 79  ? 10.613  2.117   -9.425  1.00 52.01 ? 79  GLN A CA  1 
ATOM   574  C  C   . GLN A 1 79  ? 11.331  3.334   -9.951  1.00 53.53 ? 79  GLN A C   1 
ATOM   575  O  O   . GLN A 1 79  ? 11.991  3.271   -10.983 1.00 54.17 ? 79  GLN A O   1 
ATOM   576  C  CB  . GLN A 1 79  ? 11.401  1.621   -8.203  1.00 52.06 ? 79  GLN A CB  1 
ATOM   577  C  CG  . GLN A 1 79  ? 10.618  0.891   -7.084  1.00 52.50 ? 79  GLN A CG  1 
ATOM   578  C  CD  . GLN A 1 79  ? 11.511  0.551   -5.901  1.00 54.56 ? 79  GLN A CD  1 
ATOM   579  O  OE1 . GLN A 1 79  ? 12.648  1.054   -5.789  1.00 59.91 ? 79  GLN A OE1 1 
ATOM   580  N  NE2 . GLN A 1 79  ? 11.016  -0.285  -5.005  1.00 50.21 ? 79  GLN A NE2 1 
ATOM   581  N  N   . ARG A 1 80  ? 11.209  4.441   -9.217  1.00 55.33 ? 80  ARG A N   1 
ATOM   582  C  CA  . ARG A 1 80  ? 11.722  5.758   -9.636  1.00 56.18 ? 80  ARG A CA  1 
ATOM   583  C  C   . ARG A 1 80  ? 11.201  6.238   -11.011 1.00 55.43 ? 80  ARG A C   1 
ATOM   584  O  O   . ARG A 1 80  ? 11.738  7.187   -11.585 1.00 56.28 ? 80  ARG A O   1 
ATOM   585  C  CB  . ARG A 1 80  ? 13.261  5.833   -9.498  1.00 57.26 ? 80  ARG A CB  1 
ATOM   586  C  CG  . ARG A 1 80  ? 13.724  5.892   -8.021  1.00 61.05 ? 80  ARG A CG  1 
ATOM   587  C  CD  . ARG A 1 80  ? 15.253  5.984   -7.864  1.00 66.59 ? 80  ARG A CD  1 
ATOM   588  N  NE  . ARG A 1 80  ? 15.707  5.732   -6.483  1.00 69.78 ? 80  ARG A NE  1 
ATOM   589  C  CZ  . ARG A 1 80  ? 16.224  4.576   -6.041  1.00 71.49 ? 80  ARG A CZ  1 
ATOM   590  N  NH1 . ARG A 1 80  ? 16.356  3.527   -6.863  1.00 71.08 ? 80  ARG A NH1 1 
ATOM   591  N  NH2 . ARG A 1 80  ? 16.603  4.458   -4.765  1.00 70.83 ? 80  ARG A NH2 1 
ATOM   592  N  N   . GLN A 1 81  ? 10.152  5.584   -11.523 1.00 54.95 ? 81  GLN A N   1 
ATOM   593  C  CA  . GLN A 1 81  ? 9.425   6.034   -12.734 1.00 53.36 ? 81  GLN A CA  1 
ATOM   594  C  C   . GLN A 1 81  ? 7.928   6.249   -12.458 1.00 51.78 ? 81  GLN A C   1 
ATOM   595  O  O   . GLN A 1 81  ? 7.062   6.131   -13.365 1.00 51.70 ? 81  GLN A O   1 
ATOM   596  C  CB  . GLN A 1 81  ? 9.647   5.088   -13.924 1.00 54.46 ? 81  GLN A CB  1 
ATOM   597  C  CG  . GLN A 1 81  ? 9.072   3.678   -13.795 1.00 55.84 ? 81  GLN A CG  1 
ATOM   598  C  CD  . GLN A 1 81  ? 9.494   2.794   -14.980 1.00 59.41 ? 81  GLN A CD  1 
ATOM   599  O  OE1 . GLN A 1 81  ? 9.033   2.990   -16.111 1.00 58.60 ? 81  GLN A OE1 1 
ATOM   600  N  NE2 . GLN A 1 81  ? 10.373  1.816   -14.717 1.00 58.14 ? 81  GLN A NE2 1 
ATOM   601  N  N   . GLY A 1 82  ? 7.630   6.560   -11.190 1.00 49.08 ? 82  GLY A N   1 
ATOM   602  C  CA  . GLY A 1 82  ? 6.319   7.016   -10.809 1.00 44.90 ? 82  GLY A CA  1 
ATOM   603  C  C   . GLY A 1 82  ? 5.267   5.936   -10.651 1.00 41.64 ? 82  GLY A C   1 
ATOM   604  O  O   . GLY A 1 82  ? 4.102   6.266   -10.609 1.00 42.37 ? 82  GLY A O   1 
ATOM   605  N  N   . ILE A 1 83  ? 5.671   4.671   -10.552 1.00 39.18 ? 83  ILE A N   1 
ATOM   606  C  CA  . ILE A 1 83  ? 4.714   3.553   -10.326 1.00 36.66 ? 83  ILE A CA  1 
ATOM   607  C  C   . ILE A 1 83  ? 4.021   3.618   -8.959  1.00 34.35 ? 83  ILE A C   1 
ATOM   608  O  O   . ILE A 1 83  ? 2.829   3.475   -8.869  1.00 29.90 ? 83  ILE A O   1 
ATOM   609  C  CB  . ILE A 1 83  ? 5.341   2.132   -10.533 1.00 37.52 ? 83  ILE A CB  1 
ATOM   610  C  CG1 . ILE A 1 83  ? 5.996   2.018   -11.936 1.00 38.53 ? 83  ILE A CG1 1 
ATOM   611  C  CG2 . ILE A 1 83  ? 4.234   1.019   -10.381 1.00 35.35 ? 83  ILE A CG2 1 
ATOM   612  C  CD1 . ILE A 1 83  ? 6.651   0.630   -12.220 1.00 40.08 ? 83  ILE A CD1 1 
ATOM   613  N  N   . GLY A 1 84  ? 4.809   3.807   -7.906  1.00 33.28 ? 84  GLY A N   1 
ATOM   614  C  CA  . GLY A 1 84  ? 4.270   4.002   -6.553  1.00 32.58 ? 84  GLY A CA  1 
ATOM   615  C  C   . GLY A 1 84  ? 3.309   5.174   -6.531  1.00 30.45 ? 84  GLY A C   1 
ATOM   616  O  O   . GLY A 1 84  ? 2.278   5.042   -5.948  1.00 32.09 ? 84  GLY A O   1 
ATOM   617  N  N   . SER A 1 85  ? 3.637   6.300   -7.167  1.00 30.90 ? 85  SER A N   1 
ATOM   618  C  CA  . SER A 1 85  ? 2.739   7.486   -7.224  1.00 31.61 ? 85  SER A CA  1 
ATOM   619  C  C   . SER A 1 85  ? 1.407   7.217   -7.862  1.00 30.83 ? 85  SER A C   1 
ATOM   620  O  O   . SER A 1 85  ? 0.359   7.645   -7.375  1.00 29.49 ? 85  SER A O   1 
ATOM   621  C  CB  . SER A 1 85  ? 3.319   8.620   -8.060  1.00 31.66 ? 85  SER A CB  1 
ATOM   622  O  OG  . SER A 1 85  ? 4.360   9.244   -7.385  1.00 40.15 ? 85  SER A OG  1 
ATOM   623  N  N   . SER A 1 86  ? 1.480   6.571   -9.023  1.00 30.48 ? 86  SER A N   1 
ATOM   624  C  CA  . SER A 1 86  ? 0.321   6.169   -9.761  1.00 31.17 ? 86  SER A CA  1 
ATOM   625  C  C   . SER A 1 86  ? -0.580  5.308   -8.929  1.00 29.60 ? 86  SER A C   1 
ATOM   626  O  O   . SER A 1 86  ? -1.762  5.575   -8.872  1.00 29.53 ? 86  SER A O   1 
ATOM   627  C  CB  . SER A 1 86  ? 0.768   5.419   -11.037 1.00 31.04 ? 86  SER A CB  1 
ATOM   628  O  OG  . SER A 1 86  ? 1.550   6.310   -11.797 1.00 39.16 ? 86  SER A OG  1 
ATOM   629  N  N   . LEU A 1 87  ? -0.008  4.273   -8.295  1.00 27.91 ? 87  LEU A N   1 
ATOM   630  C  CA  . LEU A 1 87  ? -0.772  3.349   -7.422  1.00 27.32 ? 87  LEU A CA  1 
ATOM   631  C  C   . LEU A 1 87  ? -1.518  4.118   -6.272  1.00 26.89 ? 87  LEU A C   1 
ATOM   632  O  O   . LEU A 1 87  ? -2.727  3.943   -6.061  1.00 25.95 ? 87  LEU A O   1 
ATOM   633  C  CB  . LEU A 1 87  ? 0.152   2.284   -6.849  1.00 26.86 ? 87  LEU A CB  1 
ATOM   634  C  CG  . LEU A 1 87  ? 0.586   1.158   -7.832  1.00 26.06 ? 87  LEU A CG  1 
ATOM   635  C  CD1 . LEU A 1 87  ? 1.641   0.275   -7.114  1.00 23.33 ? 87  LEU A CD1 1 
ATOM   636  C  CD2 . LEU A 1 87  ? -0.633  0.324   -8.241  1.00 21.40 ? 87  LEU A CD2 1 
HETATM 637  N  N   . MSE A 1 88  ? -0.766  4.989   -5.617  1.00 26.52 ? 88  MSE A N   1 
HETATM 638  C  CA  . MSE A 1 88  ? -1.251  5.862   -4.542  1.00 28.01 ? 88  MSE A CA  1 
HETATM 639  C  C   . MSE A 1 88  ? -2.385  6.796   -5.025  1.00 28.89 ? 88  MSE A C   1 
HETATM 640  O  O   . MSE A 1 88  ? -3.455  6.887   -4.413  1.00 29.52 ? 88  MSE A O   1 
HETATM 641  C  CB  . MSE A 1 88  ? -0.045  6.651   -3.953  1.00 26.30 ? 88  MSE A CB  1 
HETATM 642  C  CG  . MSE A 1 88  ? 0.848   5.825   -2.940  1.00 28.16 ? 88  MSE A CG  1 
HETATM 643  SE SE  . MSE A 1 88  ? 0.112   5.507   -1.299  1.00 24.72 ? 88  MSE A SE  1 
HETATM 644  C  CE  . MSE A 1 88  ? 0.312   7.188   -0.616  1.00 29.89 ? 88  MSE A CE  1 
ATOM   645  N  N   . LYS A 1 89  ? -2.158  7.484   -6.135  1.00 30.65 ? 89  LYS A N   1 
ATOM   646  C  CA  . LYS A 1 89  ? -3.171  8.433   -6.663  1.00 31.98 ? 89  LYS A CA  1 
ATOM   647  C  C   . LYS A 1 89  ? -4.462  7.759   -7.082  1.00 31.96 ? 89  LYS A C   1 
ATOM   648  O  O   . LYS A 1 89  ? -5.547  8.240   -6.703  1.00 32.47 ? 89  LYS A O   1 
ATOM   649  C  CB  . LYS A 1 89  ? -2.583  9.333   -7.762  1.00 33.31 ? 89  LYS A CB  1 
ATOM   650  C  CG  . LYS A 1 89  ? -1.473  10.264  -7.244  1.00 35.78 ? 89  LYS A CG  1 
ATOM   651  C  CD  . LYS A 1 89  ? -0.723  10.986  -8.402  1.00 41.08 ? 89  LYS A CD  1 
ATOM   652  C  CE  . LYS A 1 89  ? 0.436   11.792  -7.906  1.00 45.06 ? 89  LYS A CE  1 
ATOM   653  N  NZ  . LYS A 1 89  ? 0.081   12.710  -6.757  1.00 49.13 ? 89  LYS A NZ  1 
ATOM   654  N  N   . GLU A 1 90  ? -4.380  6.616   -7.766  1.00 31.28 ? 90  GLU A N   1 
ATOM   655  C  CA  . GLU A 1 90  ? -5.616  5.849   -8.096  1.00 32.43 ? 90  GLU A CA  1 
ATOM   656  C  C   . GLU A 1 90  ? -6.358  5.236   -6.910  1.00 31.48 ? 90  GLU A C   1 
ATOM   657  O  O   . GLU A 1 90  ? -7.602  5.329   -6.829  1.00 29.73 ? 90  GLU A O   1 
ATOM   658  C  CB  . GLU A 1 90  ? -5.384  4.751   -9.128  1.00 32.55 ? 90  GLU A CB  1 
ATOM   659  C  CG  . GLU A 1 90  ? -4.830  5.256   -10.472 1.00 40.53 ? 90  GLU A CG  1 
ATOM   660  C  CD  . GLU A 1 90  ? -5.738  6.300   -11.142 1.00 46.31 ? 90  GLU A CD  1 
ATOM   661  O  OE1 . GLU A 1 90  ? -6.980  6.162   -11.062 1.00 46.55 ? 90  GLU A OE1 1 
ATOM   662  O  OE2 . GLU A 1 90  ? -5.201  7.272   -11.731 1.00 49.81 ? 90  GLU A OE2 1 
ATOM   663  N  N   . ALA A 1 91  ? -5.623  4.577   -6.007  1.00 29.57 ? 91  ALA A N   1 
ATOM   664  C  CA  . ALA A 1 91  ? -6.301  3.958   -4.856  1.00 28.85 ? 91  ALA A CA  1 
ATOM   665  C  C   . ALA A 1 91  ? -6.910  5.021   -3.944  1.00 28.66 ? 91  ALA A C   1 
ATOM   666  O  O   . ALA A 1 91  ? -8.078  4.919   -3.605  1.00 28.69 ? 91  ALA A O   1 
ATOM   667  C  CB  . ALA A 1 91  ? -5.366  3.030   -4.079  1.00 27.18 ? 91  ALA A CB  1 
ATOM   668  N  N   . LEU A 1 92  ? -6.151  6.057   -3.593  1.00 29.27 ? 92  LEU A N   1 
ATOM   669  C  CA  . LEU A 1 92  ? -6.641  7.060   -2.628  1.00 31.16 ? 92  LEU A CA  1 
ATOM   670  C  C   . LEU A 1 92  ? -7.737  7.963   -3.219  1.00 33.13 ? 92  LEU A C   1 
ATOM   671  O  O   . LEU A 1 92  ? -8.475  8.593   -2.469  1.00 33.34 ? 92  LEU A O   1 
ATOM   672  C  CB  . LEU A 1 92  ? -5.497  7.918   -2.089  1.00 30.81 ? 92  LEU A CB  1 
ATOM   673  C  CG  . LEU A 1 92  ? -4.485  7.186   -1.192  1.00 30.49 ? 92  LEU A CG  1 
ATOM   674  C  CD1 . LEU A 1 92  ? -3.399  8.138   -0.866  1.00 32.43 ? 92  LEU A CD1 1 
ATOM   675  C  CD2 . LEU A 1 92  ? -5.211  6.625   0.047   1.00 32.84 ? 92  LEU A CD2 1 
ATOM   676  N  N   . GLY A 1 93  ? -7.813  8.020   -4.559  1.00 34.23 ? 93  GLY A N   1 
ATOM   677  C  CA  . GLY A 1 93  ? -8.863  8.740   -5.277  1.00 35.93 ? 93  GLY A CA  1 
ATOM   678  C  C   . GLY A 1 93  ? -10.265 8.283   -4.909  1.00 37.12 ? 93  GLY A C   1 
ATOM   679  O  O   . GLY A 1 93  ? -11.252 9.059   -4.981  1.00 37.74 ? 93  GLY A O   1 
ATOM   680  N  N   . ASN A 1 94  ? -10.365 7.028   -4.488  1.00 36.68 ? 94  ASN A N   1 
ATOM   681  C  CA  . ASN A 1 94  ? -11.614 6.489   -3.993  1.00 37.11 ? 94  ASN A CA  1 
ATOM   682  C  C   . ASN A 1 94  ? -11.972 6.961   -2.595  1.00 37.07 ? 94  ASN A C   1 
ATOM   683  O  O   . ASN A 1 94  ? -13.086 6.734   -2.139  1.00 36.57 ? 94  ASN A O   1 
ATOM   684  C  CB  . ASN A 1 94  ? -11.575 4.974   -4.015  1.00 37.26 ? 94  ASN A CB  1 
ATOM   685  C  CG  . ASN A 1 94  ? -11.273 4.442   -5.382  1.00 40.19 ? 94  ASN A CG  1 
ATOM   686  O  OD1 . ASN A 1 94  ? -10.128 4.069   -5.689  1.00 42.70 ? 94  ASN A OD1 1 
ATOM   687  N  ND2 . ASN A 1 94  ? -12.277 4.457   -6.240  1.00 38.15 ? 94  ASN A ND2 1 
ATOM   688  N  N   . PHE A 1 95  ? -11.046 7.633   -1.915  1.00 36.31 ? 95  PHE A N   1 
ATOM   689  C  CA  . PHE A 1 95  ? -11.224 7.836   -0.482  1.00 35.52 ? 95  PHE A CA  1 
ATOM   690  C  C   . PHE A 1 95  ? -10.890 9.227   -0.072  1.00 35.60 ? 95  PHE A C   1 
ATOM   691  O  O   . PHE A 1 95  ? -10.469 9.444   1.069   1.00 35.60 ? 95  PHE A O   1 
ATOM   692  C  CB  . PHE A 1 95  ? -10.447 6.789   0.325   1.00 33.59 ? 95  PHE A CB  1 
ATOM   693  C  CG  . PHE A 1 95  ? -10.973 5.394   0.137   1.00 33.06 ? 95  PHE A CG  1 
ATOM   694  C  CD1 . PHE A 1 95  ? -12.154 4.997   0.739   1.00 30.94 ? 95  PHE A CD1 1 
ATOM   695  C  CD2 . PHE A 1 95  ? -10.311 4.481   -0.687  1.00 33.69 ? 95  PHE A CD2 1 
ATOM   696  C  CE1 . PHE A 1 95  ? -12.671 3.760   0.514   1.00 32.67 ? 95  PHE A CE1 1 
ATOM   697  C  CE2 . PHE A 1 95  ? -10.814 3.221   -0.885  1.00 34.13 ? 95  PHE A CE2 1 
ATOM   698  C  CZ  . PHE A 1 95  ? -11.989 2.854   -0.275  1.00 33.80 ? 95  PHE A CZ  1 
ATOM   699  N  N   . LYS A 1 96  ? -11.131 10.169  -0.991  1.00 35.44 ? 96  LYS A N   1 
ATOM   700  C  CA  . LYS A 1 96  ? -10.676 11.563  -0.822  1.00 36.55 ? 96  LYS A CA  1 
ATOM   701  C  C   . LYS A 1 96  ? -11.395 12.338  0.277   1.00 35.68 ? 96  LYS A C   1 
ATOM   702  O  O   . LYS A 1 96  ? -10.905 13.380  0.730   1.00 35.26 ? 96  LYS A O   1 
ATOM   703  C  CB  . LYS A 1 96  ? -10.710 12.342  -2.164  1.00 38.02 ? 96  LYS A CB  1 
ATOM   704  C  CG  . LYS A 1 96  ? -12.111 12.480  -2.809  1.00 42.49 ? 96  LYS A CG  1 
ATOM   705  C  CD  . LYS A 1 96  ? -12.040 12.650  -4.370  1.00 47.81 ? 96  LYS A CD  1 
ATOM   706  C  CE  . LYS A 1 96  ? -13.401 13.149  -5.008  1.00 50.62 ? 96  LYS A CE  1 
ATOM   707  N  NZ  . LYS A 1 96  ? -14.634 12.666  -4.239  1.00 52.62 ? 96  LYS A NZ  1 
ATOM   708  N  N   . GLU A 1 97  ? -12.540 11.809  0.725   1.00 34.64 ? 97  GLU A N   1 
ATOM   709  C  CA  . GLU A 1 97  ? -13.285 12.400  1.836   1.00 35.37 ? 97  GLU A CA  1 
ATOM   710  C  C   . GLU A 1 97  ? -13.209 11.537  3.125   1.00 34.20 ? 97  GLU A C   1 
ATOM   711  O  O   . GLU A 1 97  ? -13.791 11.931  4.125   1.00 33.88 ? 97  GLU A O   1 
ATOM   712  C  CB  . GLU A 1 97  ? -14.764 12.669  1.433   1.00 35.72 ? 97  GLU A CB  1 
ATOM   713  C  CG  . GLU A 1 97  ? -14.894 13.274  0.017   1.00 42.09 ? 97  GLU A CG  1 
ATOM   714  C  CD  . GLU A 1 97  ? -15.950 14.385  -0.094  1.00 52.77 ? 97  GLU A CD  1 
ATOM   715  O  OE1 . GLU A 1 97  ? -17.045 14.241  0.516   1.00 54.29 ? 97  GLU A OE1 1 
ATOM   716  O  OE2 . GLU A 1 97  ? -15.681 15.407  -0.807  1.00 57.47 ? 97  GLU A OE2 1 
ATOM   717  N  N   . ALA A 1 98  ? -12.493 10.405  3.107   1.00 31.12 ? 98  ALA A N   1 
ATOM   718  C  CA  . ALA A 1 98  ? -12.302 9.598   4.347   1.00 32.07 ? 98  ALA A CA  1 
ATOM   719  C  C   . ALA A 1 98  ? -11.735 10.506  5.408   1.00 30.63 ? 98  ALA A C   1 
ATOM   720  O  O   . ALA A 1 98  ? -10.838 11.290  5.137   1.00 32.02 ? 98  ALA A O   1 
ATOM   721  C  CB  . ALA A 1 98  ? -11.363 8.362   4.144   1.00 30.13 ? 98  ALA A CB  1 
ATOM   722  N  N   . TYR A 1 99  ? -12.271 10.426  6.604   1.00 30.71 ? 99  TYR A N   1 
ATOM   723  C  CA  . TYR A 1 99  ? -11.852 11.325  7.689   1.00 30.74 ? 99  TYR A CA  1 
ATOM   724  C  C   . TYR A 1 99  ? -10.328 11.368  7.960   1.00 30.16 ? 99  TYR A C   1 
ATOM   725  O  O   . TYR A 1 99  ? -9.698  12.445  7.912   1.00 28.97 ? 99  TYR A O   1 
ATOM   726  C  CB  . TYR A 1 99  ? -12.736 11.172  8.980   1.00 31.56 ? 99  TYR A CB  1 
ATOM   727  C  CG  . TYR A 1 99  ? -12.318 12.184  10.041  1.00 34.68 ? 99  TYR A CG  1 
ATOM   728  C  CD1 . TYR A 1 99  ? -12.596 13.546  9.891   1.00 40.67 ? 99  TYR A CD1 1 
ATOM   729  C  CD2 . TYR A 1 99  ? -11.582 11.783  11.151  1.00 38.04 ? 99  TYR A CD2 1 
ATOM   730  C  CE1 . TYR A 1 99  ? -12.158 14.486  10.843  1.00 41.35 ? 99  TYR A CE1 1 
ATOM   731  C  CE2 . TYR A 1 99  ? -11.123 12.726  12.100  1.00 43.65 ? 99  TYR A CE2 1 
ATOM   732  C  CZ  . TYR A 1 99  ? -11.421 14.058  11.921  1.00 43.09 ? 99  TYR A CZ  1 
ATOM   733  O  OH  . TYR A 1 99  ? -10.988 14.968  12.861  1.00 51.85 ? 99  TYR A OH  1 
ATOM   734  N  N   . GLN A 1 100 ? -9.715  10.210  8.182   1.00 29.92 ? 100 GLN A N   1 
ATOM   735  C  CA  . GLN A 1 100 ? -8.258  10.135  8.357   1.00 28.52 ? 100 GLN A CA  1 
ATOM   736  C  C   . GLN A 1 100 ? -7.703  9.071   7.462   1.00 28.18 ? 100 GLN A C   1 
ATOM   737  O  O   . GLN A 1 100 ? -8.278  7.969   7.352   1.00 27.85 ? 100 GLN A O   1 
ATOM   738  C  CB  . GLN A 1 100 ? -7.865  9.804   9.798   1.00 30.30 ? 100 GLN A CB  1 
ATOM   739  C  CG  . GLN A 1 100 ? -8.210  10.916  10.741  1.00 32.04 ? 100 GLN A CG  1 
ATOM   740  C  CD  . GLN A 1 100 ? -7.802  10.595  12.139  1.00 38.68 ? 100 GLN A CD  1 
ATOM   741  O  OE1 . GLN A 1 100 ? -8.241  9.595   12.733  1.00 43.16 ? 100 GLN A OE1 1 
ATOM   742  N  NE2 . GLN A 1 100 ? -6.946  11.431  12.684  1.00 40.63 ? 100 GLN A NE2 1 
ATOM   743  N  N   . VAL A 1 101 ? -6.592  9.395   6.798   1.00 25.88 ? 101 VAL A N   1 
ATOM   744  C  CA  . VAL A 1 101 ? -5.916  8.377   6.012   1.00 25.15 ? 101 VAL A CA  1 
ATOM   745  C  C   . VAL A 1 101 ? -4.476  8.301   6.529   1.00 25.11 ? 101 VAL A C   1 
ATOM   746  O  O   . VAL A 1 101 ? -3.807  9.333   6.639   1.00 25.42 ? 101 VAL A O   1 
ATOM   747  C  CB  . VAL A 1 101 ? -5.971  8.696   4.520   1.00 25.36 ? 101 VAL A CB  1 
ATOM   748  C  CG1 . VAL A 1 101 ? -5.205  7.646   3.757   1.00 25.33 ? 101 VAL A CG1 1 
ATOM   749  C  CG2 . VAL A 1 101 ? -7.468  8.751   4.030   1.00 23.60 ? 101 VAL A CG2 1 
ATOM   750  N  N   . GLN A 1 102 ? -4.027  7.086   6.869   1.00 24.27 ? 102 GLN A N   1 
ATOM   751  C  CA  . GLN A 1 102 ? -2.732  6.896   7.484   1.00 24.18 ? 102 GLN A CA  1 
ATOM   752  C  C   . GLN A 1 102 ? -1.963  5.729   6.895   1.00 25.03 ? 102 GLN A C   1 
ATOM   753  O  O   . GLN A 1 102 ? -2.492  4.965   6.101   1.00 25.38 ? 102 GLN A O   1 
ATOM   754  C  CB  . GLN A 1 102 ? -2.877  6.707   9.004   1.00 23.19 ? 102 GLN A CB  1 
ATOM   755  C  CG  . GLN A 1 102 ? -3.488  7.899   9.710   1.00 25.86 ? 102 GLN A CG  1 
ATOM   756  C  CD  . GLN A 1 102 ? -3.558  7.680   11.191  1.00 31.70 ? 102 GLN A CD  1 
ATOM   757  O  OE1 . GLN A 1 102 ? -2.554  7.659   11.864  1.00 35.57 ? 102 GLN A OE1 1 
ATOM   758  N  NE2 . GLN A 1 102 ? -4.735  7.480   11.691  1.00 37.51 ? 102 GLN A NE2 1 
ATOM   759  N  N   . LEU A 1 103 ? -0.713  5.592   7.323   1.00 26.11 ? 103 LEU A N   1 
ATOM   760  C  CA  . LEU A 1 103 ? 0.184   4.510   6.877   1.00 25.87 ? 103 LEU A CA  1 
ATOM   761  C  C   . LEU A 1 103 ? 1.314   4.499   7.917   1.00 25.70 ? 103 LEU A C   1 
ATOM   762  O  O   . LEU A 1 103 ? 1.479   5.468   8.725   1.00 23.91 ? 103 LEU A O   1 
ATOM   763  C  CB  . LEU A 1 103 ? 0.713   4.720   5.446   1.00 25.30 ? 103 LEU A CB  1 
ATOM   764  C  CG  . LEU A 1 103 ? 1.570   5.940   5.043   1.00 26.49 ? 103 LEU A CG  1 
ATOM   765  C  CD1 . LEU A 1 103 ? 3.094   5.706   5.257   1.00 25.85 ? 103 LEU A CD1 1 
ATOM   766  C  CD2 . LEU A 1 103 ? 1.338   6.215   3.586   1.00 23.85 ? 103 LEU A CD2 1 
ATOM   767  N  N   . ALA A 1 104 ? 2.090   3.419   7.895   1.00 24.69 ? 104 ALA A N   1 
ATOM   768  C  CA  . ALA A 1 104 ? 3.262   3.309   8.808   1.00 25.43 ? 104 ALA A CA  1 
ATOM   769  C  C   . ALA A 1 104 ? 4.405   2.839   7.887   1.00 26.10 ? 104 ALA A C   1 
ATOM   770  O  O   . ALA A 1 104 ? 4.207   1.965   7.030   1.00 25.63 ? 104 ALA A O   1 
ATOM   771  C  CB  . ALA A 1 104 ? 2.999   2.277   9.948   1.00 24.65 ? 104 ALA A CB  1 
ATOM   772  N  N   . THR A 1 105 ? 5.575   3.439   8.036   1.00 26.57 ? 105 THR A N   1 
ATOM   773  C  CA  . THR A 1 105 ? 6.696   3.070   7.180   1.00 27.93 ? 105 THR A CA  1 
ATOM   774  C  C   . THR A 1 105 ? 8.037   2.995   7.926   1.00 28.16 ? 105 THR A C   1 
ATOM   775  O  O   . THR A 1 105 ? 8.173   3.616   8.993   1.00 26.13 ? 105 THR A O   1 
ATOM   776  C  CB  . THR A 1 105 ? 6.759   3.965   5.873   1.00 27.42 ? 105 THR A CB  1 
ATOM   777  O  OG1 . THR A 1 105 ? 7.733   3.422   5.003   1.00 29.66 ? 105 THR A OG1 1 
ATOM   778  C  CG2 . THR A 1 105 ? 7.100   5.457   6.177   1.00 25.66 ? 105 THR A CG2 1 
ATOM   779  N  N   . GLU A 1 106 ? 9.038   2.258   7.376   1.00 28.04 ? 106 GLU A N   1 
ATOM   780  C  CA  . GLU A 1 106 ? 10.403  2.383   7.905   1.00 29.58 ? 106 GLU A CA  1 
ATOM   781  C  C   . GLU A 1 106 ? 10.825  3.817   7.777   1.00 29.74 ? 106 GLU A C   1 
ATOM   782  O  O   . GLU A 1 106 ? 10.558  4.476   6.766   1.00 28.43 ? 106 GLU A O   1 
ATOM   783  C  CB  . GLU A 1 106 ? 11.420  1.492   7.166   1.00 30.79 ? 106 GLU A CB  1 
ATOM   784  C  CG  . GLU A 1 106 ? 11.203  0.069   7.450   1.00 36.18 ? 106 GLU A CG  1 
ATOM   785  C  CD  . GLU A 1 106 ? 12.156  -0.830  6.668   1.00 46.58 ? 106 GLU A CD  1 
ATOM   786  O  OE1 . GLU A 1 106 ? 13.243  -0.341  6.256   1.00 46.32 ? 106 GLU A OE1 1 
ATOM   787  O  OE2 . GLU A 1 106 ? 11.796  -2.019  6.476   1.00 48.89 ? 106 GLU A OE2 1 
ATOM   788  N  N   . GLU A 1 107 ? 11.432  4.362   8.812   1.00 28.67 ? 107 GLU A N   1 
ATOM   789  C  CA  . GLU A 1 107 ? 11.626  5.782   8.772   1.00 30.67 ? 107 GLU A CA  1 
ATOM   790  C  C   . GLU A 1 107 ? 12.952  6.106   8.105   1.00 31.88 ? 107 GLU A C   1 
ATOM   791  O  O   . GLU A 1 107 ? 13.916  6.490   8.752   1.00 33.39 ? 107 GLU A O   1 
ATOM   792  C  CB  . GLU A 1 107 ? 11.380  6.429   10.152  1.00 31.45 ? 107 GLU A CB  1 
ATOM   793  C  CG  . GLU A 1 107 ? 11.715  7.912   10.274  1.00 34.02 ? 107 GLU A CG  1 
ATOM   794  C  CD  . GLU A 1 107 ? 11.235  8.463   11.623  1.00 41.76 ? 107 GLU A CD  1 
ATOM   795  O  OE1 . GLU A 1 107 ? 11.304  7.686   12.622  1.00 42.98 ? 107 GLU A OE1 1 
ATOM   796  O  OE2 . GLU A 1 107 ? 10.760  9.633   11.637  1.00 38.64 ? 107 GLU A OE2 1 
ATOM   797  N  N   . THR A 1 108 ? 12.999  5.919   6.784   1.00 32.79 ? 108 THR A N   1 
ATOM   798  C  CA  . THR A 1 108 ? 14.187  6.270   5.999   1.00 33.57 ? 108 THR A CA  1 
ATOM   799  C  C   . THR A 1 108 ? 13.964  7.521   5.159   1.00 34.20 ? 108 THR A C   1 
ATOM   800  O  O   . THR A 1 108 ? 12.835  7.894   4.799   1.00 31.92 ? 108 THR A O   1 
ATOM   801  C  CB  . THR A 1 108 ? 14.608  5.111   5.048   1.00 33.70 ? 108 THR A CB  1 
ATOM   802  O  OG1 . THR A 1 108 ? 13.649  5.002   4.001   1.00 30.45 ? 108 THR A OG1 1 
ATOM   803  C  CG2 . THR A 1 108 ? 14.652  3.758   5.801   1.00 34.65 ? 108 THR A CG2 1 
ATOM   804  N  N   . GLU A 1 109 ? 15.062  8.151   4.782   1.00 35.98 ? 109 GLU A N   1 
ATOM   805  C  CA  . GLU A 1 109 ? 14.986  9.356   3.979   1.00 37.81 ? 109 GLU A CA  1 
ATOM   806  C  C   . GLU A 1 109 ? 14.182  9.130   2.691   1.00 36.79 ? 109 GLU A C   1 
ATOM   807  O  O   . GLU A 1 109 ? 13.369  9.950   2.308   1.00 36.80 ? 109 GLU A O   1 
ATOM   808  C  CB  . GLU A 1 109 ? 16.425  9.840   3.710   1.00 39.64 ? 109 GLU A CB  1 
ATOM   809  C  CG  . GLU A 1 109 ? 16.553  10.962  2.732   1.00 43.96 ? 109 GLU A CG  1 
ATOM   810  C  CD  . GLU A 1 109 ? 17.988  11.414  2.647   1.00 49.86 ? 109 GLU A CD  1 
ATOM   811  O  OE1 . GLU A 1 109 ? 18.862  10.548  2.398   1.00 54.17 ? 109 GLU A OE1 1 
ATOM   812  O  OE2 . GLU A 1 109 ? 18.234  12.614  2.868   1.00 52.56 ? 109 GLU A OE2 1 
ATOM   813  N  N   . LYS A 1 110 ? 14.361  7.969   2.072   1.00 37.52 ? 110 LYS A N   1 
ATOM   814  C  CA  . LYS A 1 110 ? 13.654  7.595   0.838   1.00 37.08 ? 110 LYS A CA  1 
ATOM   815  C  C   . LYS A 1 110 ? 12.155  7.393   1.016   1.00 35.71 ? 110 LYS A C   1 
ATOM   816  O  O   . LYS A 1 110 ? 11.336  7.869   0.194   1.00 35.27 ? 110 LYS A O   1 
ATOM   817  C  CB  . LYS A 1 110 ? 14.244  6.297   0.288   1.00 38.09 ? 110 LYS A CB  1 
ATOM   818  C  CG  . LYS A 1 110 ? 13.543  5.810   -0.949  1.00 42.67 ? 110 LYS A CG  1 
ATOM   819  C  CD  . LYS A 1 110 ? 14.131  4.485   -1.460  1.00 47.88 ? 110 LYS A CD  1 
ATOM   820  C  CE  . LYS A 1 110 ? 13.663  4.259   -2.894  1.00 51.08 ? 110 LYS A CE  1 
ATOM   821  N  NZ  . LYS A 1 110 ? 12.528  3.280   -2.960  1.00 52.82 ? 110 LYS A NZ  1 
ATOM   822  N  N   . ASN A 1 111 ? 11.791  6.649   2.062   1.00 33.93 ? 111 ASN A N   1 
ATOM   823  C  CA  . ASN A 1 111 ? 10.387  6.344   2.316   1.00 33.34 ? 111 ASN A CA  1 
ATOM   824  C  C   . ASN A 1 111 ? 9.661   7.596   2.697   1.00 31.06 ? 111 ASN A C   1 
ATOM   825  O  O   . ASN A 1 111 ? 8.595   7.875   2.166   1.00 31.40 ? 111 ASN A O   1 
ATOM   826  C  CB  . ASN A 1 111 ? 10.233  5.306   3.406   1.00 34.12 ? 111 ASN A CB  1 
ATOM   827  C  CG  . ASN A 1 111 ? 10.518  3.904   2.910   1.00 37.59 ? 111 ASN A CG  1 
ATOM   828  O  OD1 . ASN A 1 111 ? 10.734  3.682   1.710   1.00 38.45 ? 111 ASN A OD1 1 
ATOM   829  N  ND2 . ASN A 1 111 ? 10.463  2.947   3.817   1.00 34.49 ? 111 ASN A ND2 1 
ATOM   830  N  N   . VAL A 1 112 ? 10.260  8.354   3.600   1.00 29.42 ? 112 VAL A N   1 
ATOM   831  C  CA  . VAL A 1 112 ? 9.599   9.509   4.149   1.00 28.10 ? 112 VAL A CA  1 
ATOM   832  C  C   . VAL A 1 112 ? 9.489   10.542  3.050   1.00 28.07 ? 112 VAL A C   1 
ATOM   833  O  O   . VAL A 1 112 ? 8.406   11.127  2.888   1.00 27.23 ? 112 VAL A O   1 
ATOM   834  C  CB  . VAL A 1 112 ? 10.208  10.029  5.466   1.00 28.19 ? 112 VAL A CB  1 
ATOM   835  C  CG1 . VAL A 1 112 ? 9.630   11.459  5.840   1.00 27.18 ? 112 VAL A CG1 1 
ATOM   836  C  CG2 . VAL A 1 112 ? 9.914   9.042   6.592   1.00 27.46 ? 112 VAL A CG2 1 
ATOM   837  N  N   . GLY A 1 113 ? 10.569  10.739  2.268   1.00 26.65 ? 113 GLY A N   1 
ATOM   838  C  CA  . GLY A 1 113 ? 10.542  11.727  1.181   1.00 25.92 ? 113 GLY A CA  1 
ATOM   839  C  C   . GLY A 1 113 ? 9.464   11.367  0.156   1.00 27.52 ? 113 GLY A C   1 
ATOM   840  O  O   . GLY A 1 113 ? 8.743   12.235  -0.311  1.00 29.73 ? 113 GLY A O   1 
ATOM   841  N  N   . PHE A 1 114 ? 9.320   10.082  -0.172  1.00 28.20 ? 114 PHE A N   1 
ATOM   842  C  CA  . PHE A 1 114 ? 8.274   9.640   -1.092  1.00 28.38 ? 114 PHE A CA  1 
ATOM   843  C  C   . PHE A 1 114 ? 6.821   9.912   -0.593  1.00 27.93 ? 114 PHE A C   1 
ATOM   844  O  O   . PHE A 1 114 ? 6.012   10.482  -1.327  1.00 25.25 ? 114 PHE A O   1 
ATOM   845  C  CB  . PHE A 1 114 ? 8.427   8.185   -1.531  1.00 29.11 ? 114 PHE A CB  1 
ATOM   846  C  CG  . PHE A 1 114 ? 7.168   7.632   -2.209  1.00 32.36 ? 114 PHE A CG  1 
ATOM   847  C  CD1 . PHE A 1 114 ? 6.876   7.972   -3.530  1.00 35.95 ? 114 PHE A CD1 1 
ATOM   848  C  CD2 . PHE A 1 114 ? 6.270   6.810   -1.522  1.00 29.97 ? 114 PHE A CD2 1 
ATOM   849  C  CE1 . PHE A 1 114 ? 5.705   7.486   -4.164  1.00 33.48 ? 114 PHE A CE1 1 
ATOM   850  C  CE2 . PHE A 1 114 ? 5.108   6.355   -2.143  1.00 28.13 ? 114 PHE A CE2 1 
ATOM   851  C  CZ  . PHE A 1 114 ? 4.842   6.702   -3.471  1.00 32.55 ? 114 PHE A CZ  1 
ATOM   852  N  N   . TYR A 1 115 ? 6.511   9.517   0.634   1.00 26.77 ? 115 TYR A N   1 
ATOM   853  C  CA  . TYR A 1 115 ? 5.164   9.761   1.194   1.00 27.49 ? 115 TYR A CA  1 
ATOM   854  C  C   . TYR A 1 115 ? 4.849   11.266  1.387   1.00 27.53 ? 115 TYR A C   1 
ATOM   855  O  O   . TYR A 1 115 ? 3.710   11.701  1.176   1.00 26.83 ? 115 TYR A O   1 
ATOM   856  C  CB  . TYR A 1 115 ? 4.960   8.958   2.473   1.00 26.64 ? 115 TYR A CB  1 
ATOM   857  C  CG  . TYR A 1 115 ? 4.881   7.483   2.196   1.00 27.19 ? 115 TYR A CG  1 
ATOM   858  C  CD1 . TYR A 1 115 ? 3.861   6.960   1.335   1.00 30.40 ? 115 TYR A CD1 1 
ATOM   859  C  CD2 . TYR A 1 115 ? 5.856   6.599   2.706   1.00 27.15 ? 115 TYR A CD2 1 
ATOM   860  C  CE1 . TYR A 1 115 ? 3.796   5.572   1.058   1.00 31.74 ? 115 TYR A CE1 1 
ATOM   861  C  CE2 . TYR A 1 115 ? 5.834   5.210   2.395   1.00 30.62 ? 115 TYR A CE2 1 
ATOM   862  C  CZ  . TYR A 1 115 ? 4.804   4.713   1.593   1.00 32.03 ? 115 TYR A CZ  1 
ATOM   863  O  OH  . TYR A 1 115 ? 4.786   3.366   1.301   1.00 33.48 ? 115 TYR A OH  1 
ATOM   864  N  N   . ARG A 1 116 ? 5.858   12.047  1.749   1.00 26.34 ? 116 ARG A N   1 
ATOM   865  C  CA  . ARG A 1 116 ? 5.679   13.508  1.787   1.00 26.65 ? 116 ARG A CA  1 
ATOM   866  C  C   . ARG A 1 116 ? 5.359   14.033  0.404   1.00 27.45 ? 116 ARG A C   1 
ATOM   867  O  O   . ARG A 1 116 ? 4.468   14.882  0.273   1.00 26.91 ? 116 ARG A O   1 
ATOM   868  C  CB  . ARG A 1 116 ? 6.880   14.198  2.401   1.00 27.51 ? 116 ARG A CB  1 
ATOM   869  C  CG  . ARG A 1 116 ? 6.935   14.187  3.937   1.00 25.44 ? 116 ARG A CG  1 
ATOM   870  C  CD  . ARG A 1 116 ? 8.051   15.191  4.456   1.00 28.57 ? 116 ARG A CD  1 
ATOM   871  N  NE  . ARG A 1 116 ? 8.005   15.357  5.920   1.00 30.10 ? 116 ARG A NE  1 
ATOM   872  C  CZ  . ARG A 1 116 ? 9.008   15.082  6.756   1.00 31.63 ? 116 ARG A CZ  1 
ATOM   873  N  NH1 . ARG A 1 116 ? 10.191  14.626  6.304   1.00 29.24 ? 116 ARG A NH1 1 
ATOM   874  N  NH2 . ARG A 1 116 ? 8.845   15.263  8.055   1.00 23.76 ? 116 ARG A NH2 1 
ATOM   875  N  N   . SER A 1 117 ? 5.970   13.460  -0.647  1.00 27.56 ? 117 SER A N   1 
ATOM   876  C  CA  . SER A 1 117 ? 5.666   13.919  -2.030  1.00 29.71 ? 117 SER A CA  1 
ATOM   877  C  C   . SER A 1 117 ? 4.248   13.537  -2.363  1.00 30.03 ? 117 SER A C   1 
ATOM   878  O  O   . SER A 1 117 ? 3.622   14.134  -3.248  1.00 32.18 ? 117 SER A O   1 
ATOM   879  C  CB  . SER A 1 117 ? 6.651   13.349  -3.086  1.00 29.36 ? 117 SER A CB  1 
ATOM   880  O  OG  . SER A 1 117 ? 6.310   11.993  -3.355  1.00 33.12 ? 117 SER A OG  1 
HETATM 881  N  N   . MSE A 1 118 ? 3.706   12.564  -1.631  1.00 29.57 ? 118 MSE A N   1 
HETATM 882  C  CA  . MSE A 1 118 ? 2.321   12.156  -1.836  1.00 30.44 ? 118 MSE A CA  1 
HETATM 883  C  C   . MSE A 1 118 ? 1.383   12.962  -0.935  1.00 29.77 ? 118 MSE A C   1 
HETATM 884  O  O   . MSE A 1 118 ? 0.209   12.772  -1.006  1.00 28.96 ? 118 MSE A O   1 
HETATM 885  C  CB  . MSE A 1 118 ? 2.117   10.644  -1.605  1.00 31.27 ? 118 MSE A CB  1 
HETATM 886  C  CG  . MSE A 1 118 ? 2.668   9.694   -2.675  1.00 32.77 ? 118 MSE A CG  1 
HETATM 887  SE SE  . MSE A 1 118 ? 2.155   10.031  -4.411  1.00 34.41 ? 118 MSE A SE  1 
HETATM 888  C  CE  . MSE A 1 118 ? 3.565   10.763  -4.962  1.00 27.42 ? 118 MSE A CE  1 
ATOM   889  N  N   . GLY A 1 119 ? 1.900   13.880  -0.106  1.00 29.46 ? 119 GLY A N   1 
ATOM   890  C  CA  . GLY A 1 119 ? 0.996   14.709  0.733   1.00 26.78 ? 119 GLY A CA  1 
ATOM   891  C  C   . GLY A 1 119 ? 0.820   14.189  2.168   1.00 26.43 ? 119 GLY A C   1 
ATOM   892  O  O   . GLY A 1 119 ? -0.060  14.652  2.898   1.00 25.86 ? 119 GLY A O   1 
ATOM   893  N  N   . PHE A 1 120 ? 1.629   13.204  2.560   1.00 26.06 ? 120 PHE A N   1 
ATOM   894  C  CA  . PHE A 1 120 ? 1.620   12.616  3.917   1.00 25.90 ? 120 PHE A CA  1 
ATOM   895  C  C   . PHE A 1 120 ? 2.702   13.286  4.763   1.00 25.77 ? 120 PHE A C   1 
ATOM   896  O  O   . PHE A 1 120 ? 3.722   13.713  4.200   1.00 26.14 ? 120 PHE A O   1 
ATOM   897  C  CB  . PHE A 1 120 ? 1.884   11.093  3.871   1.00 25.28 ? 120 PHE A CB  1 
ATOM   898  C  CG  . PHE A 1 120 ? 0.687   10.271  3.452   1.00 26.74 ? 120 PHE A CG  1 
ATOM   899  C  CD1 . PHE A 1 120 ? -0.027  9.519   4.412   1.00 26.14 ? 120 PHE A CD1 1 
ATOM   900  C  CD2 . PHE A 1 120 ? 0.252   10.248  2.087   1.00 24.86 ? 120 PHE A CD2 1 
ATOM   901  C  CE1 . PHE A 1 120 ? -1.145  8.756   4.047   1.00 27.64 ? 120 PHE A CE1 1 
ATOM   902  C  CE2 . PHE A 1 120 ? -0.893  9.522   1.712   1.00 27.00 ? 120 PHE A CE2 1 
ATOM   903  C  CZ  . PHE A 1 120 ? -1.581  8.737   2.692   1.00 25.25 ? 120 PHE A CZ  1 
ATOM   904  N  N   . GLU A 1 121 ? 2.456   13.396  6.068   1.00 23.68 ? 121 GLU A N   1 
ATOM   905  C  CA  . GLU A 1 121 ? 3.393   13.974  7.052   1.00 25.53 ? 121 GLU A CA  1 
ATOM   906  C  C   . GLU A 1 121 ? 3.571   13.001  8.216   1.00 24.43 ? 121 GLU A C   1 
ATOM   907  O  O   . GLU A 1 121 ? 2.647   12.278  8.583   1.00 24.79 ? 121 GLU A O   1 
ATOM   908  C  CB  . GLU A 1 121 ? 2.877   15.376  7.556   1.00 24.75 ? 121 GLU A CB  1 
ATOM   909  C  CG  . GLU A 1 121 ? 3.877   16.165  8.484   1.00 23.74 ? 121 GLU A CG  1 
ATOM   910  C  CD  . GLU A 1 121 ? 5.315   16.177  7.978   1.00 24.49 ? 121 GLU A CD  1 
ATOM   911  O  OE1 . GLU A 1 121 ? 5.565   16.348  6.779   1.00 26.88 ? 121 GLU A OE1 1 
ATOM   912  O  OE2 . GLU A 1 121 ? 6.212   15.930  8.793   1.00 29.44 ? 121 GLU A OE2 1 
ATOM   913  N  N   . ILE A 1 122 ? 4.724   13.008  8.826   1.00 25.26 ? 122 ILE A N   1 
ATOM   914  C  CA  . ILE A 1 122 ? 5.006   12.080  9.939   1.00 27.10 ? 122 ILE A CA  1 
ATOM   915  C  C   . ILE A 1 122 ? 4.217   12.515  11.185  1.00 27.12 ? 122 ILE A C   1 
ATOM   916  O  O   . ILE A 1 122 ? 3.995   13.714  11.389  1.00 26.48 ? 122 ILE A O   1 
ATOM   917  C  CB  . ILE A 1 122 ? 6.510   11.893  10.215  1.00 27.03 ? 122 ILE A CB  1 
ATOM   918  C  CG1 . ILE A 1 122 ? 7.156   13.178  10.749  1.00 30.00 ? 122 ILE A CG1 1 
ATOM   919  C  CG2 . ILE A 1 122 ? 7.259   11.432  8.887   1.00 30.24 ? 122 ILE A CG2 1 
ATOM   920  C  CD1 . ILE A 1 122 ? 8.662   13.019  11.088  1.00 29.48 ? 122 ILE A CD1 1 
ATOM   921  N  N   . LEU A 1 123 ? 3.774   11.542  11.985  1.00 25.55 ? 123 LEU A N   1 
ATOM   922  C  CA  . LEU A 1 123 ? 2.878   11.853  13.111  1.00 26.24 ? 123 LEU A CA  1 
ATOM   923  C  C   . LEU A 1 123 ? 3.505   12.739  14.173  1.00 25.88 ? 123 LEU A C   1 
ATOM   924  O  O   . LEU A 1 123 ? 2.787   13.525  14.771  1.00 23.78 ? 123 LEU A O   1 
ATOM   925  C  CB  . LEU A 1 123 ? 2.283   10.615  13.770  1.00 25.17 ? 123 LEU A CB  1 
ATOM   926  C  CG  . LEU A 1 123 ? 1.177   9.851   13.032  1.00 27.97 ? 123 LEU A CG  1 
ATOM   927  C  CD1 . LEU A 1 123 ? 0.816   8.499   13.786  1.00 23.33 ? 123 LEU A CD1 1 
ATOM   928  C  CD2 . LEU A 1 123 ? -0.029  10.672  12.704  1.00 26.38 ? 123 LEU A CD2 1 
ATOM   929  N  N   . SER A 1 124 ? 4.819   12.613  14.398  1.00 26.02 ? 124 SER A N   1 
ATOM   930  C  CA  . SER A 1 124 ? 5.553   13.453  15.380  1.00 27.83 ? 124 SER A CA  1 
ATOM   931  C  C   . SER A 1 124 ? 5.456   14.978  15.115  1.00 27.74 ? 124 SER A C   1 
ATOM   932  O  O   . SER A 1 124 ? 5.490   15.775  16.045  1.00 27.87 ? 124 SER A O   1 
ATOM   933  C  CB  . SER A 1 124 ? 7.024   13.001  15.501  1.00 28.28 ? 124 SER A CB  1 
ATOM   934  O  OG  . SER A 1 124 ? 7.683   13.191  14.239  1.00 34.93 ? 124 SER A OG  1 
ATOM   935  N  N   . THR A 1 125 ? 5.232   15.379  13.868  1.00 28.12 ? 125 THR A N   1 
ATOM   936  C  CA  . THR A 1 125 ? 5.074   16.812  13.520  1.00 28.50 ? 125 THR A CA  1 
ATOM   937  C  C   . THR A 1 125 ? 3.875   17.350  14.307  1.00 29.93 ? 125 THR A C   1 
ATOM   938  O  O   . THR A 1 125 ? 3.894   18.500  14.753  1.00 30.31 ? 125 THR A O   1 
ATOM   939  C  CB  . THR A 1 125 ? 4.855   16.982  11.975  1.00 28.62 ? 125 THR A CB  1 
ATOM   940  O  OG1 . THR A 1 125 ? 6.004   16.461  11.293  1.00 25.70 ? 125 THR A OG1 1 
ATOM   941  C  CG2 . THR A 1 125 ? 4.728   18.432  11.543  1.00 29.11 ? 125 THR A CG2 1 
ATOM   942  N  N   . TYR A 1 126 ? 2.877   16.484  14.522  1.00 30.31 ? 126 TYR A N   1 
ATOM   943  C  CA  . TYR A 1 126 ? 1.657   16.808  15.322  1.00 30.65 ? 126 TYR A CA  1 
ATOM   944  C  C   . TYR A 1 126 ? 1.621   16.320  16.780  1.00 30.26 ? 126 TYR A C   1 
ATOM   945  O  O   . TYR A 1 126 ? 0.541   16.201  17.405  1.00 32.00 ? 126 TYR A O   1 
ATOM   946  C  CB  . TYR A 1 126 ? 0.450   16.294  14.572  1.00 30.07 ? 126 TYR A CB  1 
ATOM   947  C  CG  . TYR A 1 126 ? 0.540   16.673  13.136  1.00 32.60 ? 126 TYR A CG  1 
ATOM   948  C  CD1 . TYR A 1 126 ? 0.337   18.000  12.755  1.00 33.91 ? 126 TYR A CD1 1 
ATOM   949  C  CD2 . TYR A 1 126 ? 0.895   15.720  12.141  1.00 33.02 ? 126 TYR A CD2 1 
ATOM   950  C  CE1 . TYR A 1 126 ? 0.442   18.384  11.420  1.00 34.00 ? 126 TYR A CE1 1 
ATOM   951  C  CE2 . TYR A 1 126 ? 1.024   16.104  10.795  1.00 31.84 ? 126 TYR A CE2 1 
ATOM   952  C  CZ  . TYR A 1 126 ? 0.807   17.447  10.455  1.00 31.74 ? 126 TYR A CZ  1 
ATOM   953  O  OH  . TYR A 1 126 ? 0.885   17.889  9.164   1.00 27.96 ? 126 TYR A OH  1 
ATOM   954  N  N   . ASP A 1 127 ? 2.781   15.993  17.308  1.00 30.41 ? 127 ASP A N   1 
ATOM   955  C  CA  . ASP A 1 127 ? 2.910   15.329  18.621  1.00 30.56 ? 127 ASP A CA  1 
ATOM   956  C  C   . ASP A 1 127 ? 2.083   14.058  18.793  1.00 29.37 ? 127 ASP A C   1 
ATOM   957  O  O   . ASP A 1 127 ? 1.494   13.833  19.858  1.00 26.70 ? 127 ASP A O   1 
ATOM   958  C  CB  . ASP A 1 127 ? 2.673   16.316  19.758  1.00 33.39 ? 127 ASP A CB  1 
ATOM   959  C  CG  . ASP A 1 127 ? 3.630   17.517  19.680  1.00 35.70 ? 127 ASP A CG  1 
ATOM   960  O  OD1 . ASP A 1 127 ? 4.848   17.278  19.481  1.00 39.28 ? 127 ASP A OD1 1 
ATOM   961  O  OD2 . ASP A 1 127 ? 3.135   18.658  19.759  1.00 39.97 ? 127 ASP A OD2 1 
ATOM   962  N  N   . CYS A 1 128 ? 2.045   13.242  17.726  1.00 27.87 ? 128 CYS A N   1 
ATOM   963  C  CA  . CYS A 1 128 ? 1.354   11.953  17.743  1.00 27.30 ? 128 CYS A CA  1 
ATOM   964  C  C   . CYS A 1 128 ? 2.375   10.840  17.472  1.00 27.44 ? 128 CYS A C   1 
ATOM   965  O  O   . CYS A 1 128 ? 3.536   11.105  17.042  1.00 24.44 ? 128 CYS A O   1 
ATOM   966  C  CB  . CYS A 1 128 ? 0.236   11.907  16.697  1.00 28.66 ? 128 CYS A CB  1 
ATOM   967  S  SG  . CYS A 1 128 ? -1.124  13.060  17.124  1.00 33.98 ? 128 CYS A SG  1 
ATOM   968  N  N   . THR A 1 129 ? 1.973   9.610   17.788  1.00 24.99 ? 129 THR A N   1 
ATOM   969  C  CA  . THR A 1 129 ? 2.811   8.471   17.474  1.00 25.13 ? 129 THR A CA  1 
ATOM   970  C  C   . THR A 1 129 ? 1.988   7.246   17.091  1.00 24.57 ? 129 THR A C   1 
ATOM   971  O  O   . THR A 1 129 ? 0.928   6.986   17.732  1.00 25.38 ? 129 THR A O   1 
ATOM   972  C  CB  . THR A 1 129 ? 3.715   8.095   18.691  1.00 25.49 ? 129 THR A CB  1 
ATOM   973  O  OG1 . THR A 1 129 ? 4.593   7.042   18.298  1.00 23.78 ? 129 THR A OG1 1 
ATOM   974  C  CG2 . THR A 1 129 ? 2.870   7.652   19.937  1.00 25.20 ? 129 THR A CG2 1 
ATOM   975  N  N   . GLY A 1 130 ? 2.521   6.443   16.146  1.00 23.34 ? 130 GLY A N   1 
ATOM   976  C  CA  . GLY A 1 130 ? 2.002   5.099   15.917  1.00 20.79 ? 130 GLY A CA  1 
ATOM   977  C  C   . GLY A 1 130 ? 2.566   4.214   16.990  1.00 21.61 ? 130 GLY A C   1 
ATOM   978  O  O   . GLY A 1 130 ? 3.609   4.529   17.520  1.00 20.27 ? 130 GLY A O   1 
HETATM 979  N  N   . MSE A 1 131 ? 1.860   3.118   17.310  1.00 22.54 ? 131 MSE A N   1 
HETATM 980  C  CA  . MSE A 1 131 ? 2.277   2.088   18.272  1.00 23.38 ? 131 MSE A CA  1 
HETATM 981  C  C   . MSE A 1 131 ? 1.848   0.786   17.637  1.00 24.49 ? 131 MSE A C   1 
HETATM 982  O  O   . MSE A 1 131 ? 0.860   0.751   16.868  1.00 24.03 ? 131 MSE A O   1 
HETATM 983  C  CB  . MSE A 1 131 ? 1.563   2.231   19.640  1.00 22.83 ? 131 MSE A CB  1 
HETATM 984  C  CG  . MSE A 1 131 ? 1.818   3.669   20.273  1.00 22.65 ? 131 MSE A CG  1 
HETATM 985  SE SE  . MSE A 1 131 ? 1.331   3.903   22.015  1.00 16.41 ? 131 MSE A SE  1 
HETATM 986  C  CE  . MSE A 1 131 ? 2.482   2.798   22.883  1.00 20.93 ? 131 MSE A CE  1 
ATOM   987  N  N   . ILE A 1 132 ? 2.545   -0.290  17.991  1.00 24.34 ? 132 ILE A N   1 
ATOM   988  C  CA  . ILE A 1 132 ? 2.303   -1.597  17.411  1.00 25.10 ? 132 ILE A CA  1 
ATOM   989  C  C   . ILE A 1 132 ? 2.240   -2.611  18.547  1.00 25.02 ? 132 ILE A C   1 
ATOM   990  O  O   . ILE A 1 132 ? 2.949   -2.457  19.540  1.00 24.17 ? 132 ILE A O   1 
ATOM   991  C  CB  . ILE A 1 132 ? 3.404   -1.935  16.348  1.00 24.71 ? 132 ILE A CB  1 
ATOM   992  C  CG1 . ILE A 1 132 ? 3.097   -3.288  15.651  1.00 26.52 ? 132 ILE A CG1 1 
ATOM   993  C  CG2 . ILE A 1 132 ? 4.853   -1.805  16.976  1.00 25.72 ? 132 ILE A CG2 1 
ATOM   994  C  CD1 . ILE A 1 132 ? 3.797   -3.528  14.279  1.00 29.60 ? 132 ILE A CD1 1 
ATOM   995  N  N   . TRP A 1 133 ? 1.357   -3.589  18.431  1.00 26.11 ? 133 TRP A N   1 
ATOM   996  C  CA  . TRP A 1 133 ? 1.152   -4.580  19.531  1.00 28.00 ? 133 TRP A CA  1 
ATOM   997  C  C   . TRP A 1 133 ? 2.362   -5.530  19.511  1.00 28.49 ? 133 TRP A C   1 
ATOM   998  O  O   . TRP A 1 133 ? 2.602   -6.213  18.536  1.00 29.08 ? 133 TRP A O   1 
ATOM   999  C  CB  . TRP A 1 133 ? -0.136  -5.348  19.287  1.00 25.97 ? 133 TRP A CB  1 
ATOM   1000 C  CG  . TRP A 1 133 ? -0.709  -6.047  20.465  1.00 29.66 ? 133 TRP A CG  1 
ATOM   1001 C  CD1 . TRP A 1 133 ? -0.411  -5.841  21.787  1.00 29.21 ? 133 TRP A CD1 1 
ATOM   1002 C  CD2 . TRP A 1 133 ? -1.735  -7.044  20.439  1.00 28.00 ? 133 TRP A CD2 1 
ATOM   1003 N  NE1 . TRP A 1 133 ? -1.175  -6.656  22.571  1.00 30.54 ? 133 TRP A NE1 1 
ATOM   1004 C  CE2 . TRP A 1 133 ? -1.993  -7.409  21.774  1.00 33.61 ? 133 TRP A CE2 1 
ATOM   1005 C  CE3 . TRP A 1 133 ? -2.450  -7.672  19.417  1.00 31.09 ? 133 TRP A CE3 1 
ATOM   1006 C  CZ2 . TRP A 1 133 ? -2.949  -8.366  22.113  1.00 30.63 ? 133 TRP A CZ2 1 
ATOM   1007 C  CZ3 . TRP A 1 133 ? -3.388  -8.624  19.744  1.00 26.68 ? 133 TRP A CZ3 1 
ATOM   1008 C  CH2 . TRP A 1 133 ? -3.637  -8.946  21.083  1.00 29.94 ? 133 TRP A CH2 1 
ATOM   1009 N  N   . ILE A 1 134 ? 3.162   -5.511  20.565  1.00 31.26 ? 134 ILE A N   1 
ATOM   1010 C  CA  . ILE A 1 134 ? 4.325   -6.406  20.618  1.00 32.60 ? 134 ILE A CA  1 
ATOM   1011 C  C   . ILE A 1 134 ? 4.114   -7.550  21.632  1.00 34.18 ? 134 ILE A C   1 
ATOM   1012 O  O   . ILE A 1 134 ? 4.505   -8.667  21.385  1.00 33.97 ? 134 ILE A O   1 
ATOM   1013 C  CB  . ILE A 1 134 ? 5.726   -5.663  20.675  1.00 34.92 ? 134 ILE A CB  1 
ATOM   1014 C  CG1 . ILE A 1 134 ? 5.826   -4.686  21.825  1.00 35.25 ? 134 ILE A CG1 1 
ATOM   1015 C  CG2 . ILE A 1 134 ? 6.053   -4.948  19.331  1.00 28.15 ? 134 ILE A CG2 1 
ATOM   1016 C  CD1 . ILE A 1 134 ? 6.337   -5.335  23.050  1.00 42.66 ? 134 ILE A CD1 1 
ATOM   1017 N  N   . ASN A 1 135 ? 3.466   -7.278  22.750  1.00 34.97 ? 135 ASN A N   1 
ATOM   1018 C  CA  . ASN A 1 135 ? 3.292   -8.286  23.769  1.00 36.03 ? 135 ASN A CA  1 
ATOM   1019 C  C   . ASN A 1 135 ? 1.818   -8.652  23.882  1.00 35.80 ? 135 ASN A C   1 
ATOM   1020 O  O   . ASN A 1 135 ? 1.023   -7.885  24.389  1.00 35.09 ? 135 ASN A O   1 
ATOM   1021 C  CB  . ASN A 1 135 ? 3.843   -7.740  25.088  1.00 36.97 ? 135 ASN A CB  1 
ATOM   1022 C  CG  . ASN A 1 135 ? 4.020   -8.802  26.166  1.00 38.63 ? 135 ASN A CG  1 
ATOM   1023 O  OD1 . ASN A 1 135 ? 3.257   -9.774  26.274  1.00 40.04 ? 135 ASN A OD1 1 
ATOM   1024 N  ND2 . ASN A 1 135 ? 5.034   -8.585  27.007  1.00 44.66 ? 135 ASN A ND2 1 
ATOM   1025 N  N   . ARG A 1 136 ? 1.461   -9.819  23.380  1.00 37.15 ? 136 ARG A N   1 
ATOM   1026 C  CA  . ARG A 1 136 ? 0.070   -10.236 23.343  1.00 38.84 ? 136 ARG A CA  1 
ATOM   1027 C  C   . ARG A 1 136 ? -0.443  -11.063 24.547  1.00 41.65 ? 136 ARG A C   1 
ATOM   1028 O  O   . ARG A 1 136 ? -1.587  -11.503 24.528  1.00 42.03 ? 136 ARG A O   1 
ATOM   1029 C  CB  . ARG A 1 136 ? -0.226  -10.903 22.014  1.00 38.53 ? 136 ARG A CB  1 
ATOM   1030 C  CG  . ARG A 1 136 ? 0.276   -10.081 20.823  1.00 35.69 ? 136 ARG A CG  1 
ATOM   1031 C  CD  . ARG A 1 136 ? -0.252  -10.632 19.557  1.00 32.36 ? 136 ARG A CD  1 
ATOM   1032 N  NE  . ARG A 1 136 ? 0.246   -9.892  18.398  1.00 31.26 ? 136 ARG A NE  1 
ATOM   1033 C  CZ  . ARG A 1 136 ? -0.305  -9.904  17.182  1.00 31.05 ? 136 ARG A CZ  1 
ATOM   1034 N  NH1 . ARG A 1 136 ? -1.404  -10.620 16.937  1.00 30.05 ? 136 ARG A NH1 1 
ATOM   1035 N  NH2 . ARG A 1 136 ? 0.237   -9.177  16.218  1.00 29.52 ? 136 ARG A NH2 1 
ATOM   1036 N  N   . GLU A 1 137 ? 0.365   -11.219 25.597  1.00 44.77 ? 137 GLU A N   1 
ATOM   1037 C  CA  . GLU A 1 137 ? -0.084  -11.869 26.871  1.00 48.27 ? 137 GLU A CA  1 
ATOM   1038 C  C   . GLU A 1 137 ? 0.432   -11.202 28.159  1.00 49.24 ? 137 GLU A C   1 
ATOM   1039 O  O   . GLU A 1 137 ? 0.012   -10.087 28.522  1.00 50.68 ? 137 GLU A O   1 
ATOM   1040 C  CB  . GLU A 1 137 ? 0.280   -13.360 26.898  1.00 49.57 ? 137 GLU A CB  1 
ATOM   1041 C  CG  . GLU A 1 137 ? 1.777   -13.720 26.736  1.00 54.05 ? 137 GLU A CG  1 
ATOM   1042 C  CD  . GLU A 1 137 ? 2.032   -15.250 26.728  1.00 60.37 ? 137 GLU A CD  1 
ATOM   1043 O  OE1 . GLU A 1 137 ? 1.056   -16.045 26.607  1.00 63.60 ? 137 GLU A OE1 1 
ATOM   1044 O  OE2 . GLU A 1 137 ? 3.207   -15.668 26.863  1.00 62.08 ? 137 GLU A OE2 1 
HETATM 1045 O  O   . HOH B 2 .   ? -5.951  12.170  6.954   1.00 24.61 ? 139 HOH A O   1 
HETATM 1046 O  O   . HOH B 2 .   ? -13.005 10.001  -3.057  1.00 39.31 ? 140 HOH A O   1 
HETATM 1047 O  O   . HOH B 2 .   ? -0.030  -7.095  4.611   1.00 34.42 ? 141 HOH A O   1 
HETATM 1048 O  O   . HOH B 2 .   ? 16.548  -0.836  -10.088 1.00 41.78 ? 142 HOH A O   1 
HETATM 1049 O  O   . HOH B 2 .   ? -6.735  6.315   9.250   1.00 31.40 ? 143 HOH A O   1 
HETATM 1050 O  O   . HOH B 2 .   ? 8.402   -1.890  -3.190  1.00 40.46 ? 144 HOH A O   1 
HETATM 1051 O  O   . HOH B 2 .   ? 4.981   6.918   14.933  0.50 14.62 ? 145 HOH A O   1 
HETATM 1052 O  O   . HOH B 2 .   ? -15.918 9.880   10.354  1.00 36.49 ? 146 HOH A O   1 
HETATM 1053 O  O   . HOH B 2 .   ? -14.730 8.464   1.581   1.00 44.73 ? 147 HOH A O   1 
HETATM 1054 O  O   . HOH B 2 .   ? 2.812   -9.029  18.203  1.00 37.17 ? 148 HOH A O   1 
HETATM 1055 O  O   . HOH B 2 .   ? -10.433 -3.409  5.072   1.00 23.89 ? 149 HOH A O   1 
HETATM 1056 O  O   . HOH B 2 .   ? 16.809  6.293   2.301   1.00 36.87 ? 150 HOH A O   1 
HETATM 1057 O  O   . HOH B 2 .   ? 6.880   6.678   16.950  1.00 33.90 ? 151 HOH A O   1 
HETATM 1058 O  O   . HOH B 2 .   ? -10.138 -3.581  -5.199  1.00 39.61 ? 152 HOH A O   1 
HETATM 1059 O  O   . HOH B 2 .   ? 3.695   -11.216 -13.499 1.00 39.33 ? 153 HOH A O   1 
HETATM 1060 O  O   . HOH B 2 .   ? 3.064   4.883   -13.407 1.00 51.53 ? 154 HOH A O   1 
HETATM 1061 O  O   . HOH B 2 .   ? -13.094 -3.361  4.839   1.00 38.60 ? 155 HOH A O   1 
HETATM 1062 O  O   . HOH B 2 .   ? 4.171   -5.412  2.398   1.00 52.90 ? 156 HOH A O   1 
HETATM 1063 O  O   . HOH B 2 .   ? 3.297   -11.923 22.403  1.00 49.35 ? 157 HOH A O   1 
HETATM 1064 O  O   . HOH B 2 .   ? -13.701 -6.216  1.598   1.00 51.35 ? 158 HOH A O   1 
HETATM 1065 O  O   . HOH B 2 .   ? 13.832  -7.206  -3.884  1.00 47.25 ? 159 HOH A O   1 
HETATM 1066 O  O   . HOH B 2 .   ? 0.359   0.880   7.259   1.00 42.54 ? 160 HOH A O   1 
HETATM 1067 O  O   . HOH B 2 .   ? 17.750  6.936   5.963   1.00 47.53 ? 161 HOH A O   1 
HETATM 1068 O  O   . HOH B 2 .   ? 11.951  11.391  9.107   1.00 42.90 ? 162 HOH A O   1 
HETATM 1069 O  O   . HOH B 2 .   ? 3.386   -8.645  -21.495 1.00 40.66 ? 163 HOH A O   1 
HETATM 1070 O  O   . HOH B 2 .   ? 1.724   4.724   -15.951 1.00 52.83 ? 164 HOH A O   1 
HETATM 1071 O  O   . HOH B 2 .   ? -5.777  11.068  -5.583  1.00 46.61 ? 165 HOH A O   1 
HETATM 1072 O  O   . HOH B 2 .   ? 9.399   14.824  -0.514  1.00 34.00 ? 166 HOH A O   1 
HETATM 1073 O  O   . HOH B 2 .   ? 13.893  10.549  7.838   1.00 49.54 ? 167 HOH A O   1 
HETATM 1074 O  O   . HOH B 2 .   ? 2.930   19.790  16.807  1.00 35.46 ? 168 HOH A O   1 
HETATM 1075 O  O   . HOH B 2 .   ? 6.289   -7.299  -20.244 1.00 49.08 ? 169 HOH A O   1 
HETATM 1076 O  O   . HOH B 2 .   ? 3.220   8.991   -11.680 1.00 53.50 ? 170 HOH A O   1 
HETATM 1077 O  O   . HOH B 2 .   ? 5.807   10.008  16.456  1.00 52.16 ? 171 HOH A O   1 
HETATM 1078 O  O   . HOH B 2 .   ? -16.233 4.685   0.993   1.00 39.82 ? 172 HOH A O   1 
HETATM 1079 O  O   . HOH B 2 .   ? 2.651   -4.066  3.720   1.00 49.71 ? 173 HOH A O   1 
HETATM 1080 O  O   . HOH B 2 .   ? -1.052  2.373   8.968   1.00 52.66 ? 174 HOH A O   1 
HETATM 1081 O  O   . HOH B 2 .   ? 10.132  -4.182  -19.768 1.00 52.49 ? 175 HOH A O   1 
HETATM 1082 O  O   . HOH B 2 .   ? -6.183  6.773   14.229  1.00 41.62 ? 176 HOH A O   1 
HETATM 1083 O  O   . HOH B 2 .   ? 5.140   -9.525  -20.049 1.00 52.54 ? 177 HOH A O   1 
HETATM 1084 O  O   . HOH B 2 .   ? -8.796  0.535   -13.543 1.00 51.33 ? 178 HOH A O   1 
HETATM 1085 O  O   . HOH B 2 .   ? 2.831   -14.946 -8.250  1.00 47.50 ? 179 HOH A O   1 
HETATM 1086 O  O   . HOH B 2 .   ? 7.000   15.652  18.387  1.00 48.98 ? 180 HOH A O   1 
HETATM 1087 O  O   . HOH B 2 .   ? 4.009   21.196  20.079  1.00 49.44 ? 181 HOH A O   1 
HETATM 1088 O  O   . HOH B 2 .   ? -16.288 0.585   3.275   1.00 42.67 ? 182 HOH A O   1 
HETATM 1089 O  O   . HOH B 2 .   ? 7.863   18.045  15.890  1.00 52.59 ? 183 HOH A O   1 
HETATM 1090 O  O   . HOH B 2 .   ? 14.019  3.029   2.117   1.00 50.64 ? 184 HOH A O   1 
HETATM 1091 O  O   . HOH B 2 .   ? -9.926  -8.760  -10.383 1.00 47.80 ? 185 HOH A O   1 
HETATM 1092 O  O   . HOH B 2 .   ? -3.292  2.758   -16.520 1.00 43.07 ? 186 HOH A O   1 
HETATM 1093 O  O   . HOH B 2 .   ? 8.519   15.851  12.940  1.00 39.53 ? 187 HOH A O   1 
HETATM 1094 O  O   . HOH B 2 .   ? -16.067 -1.776  3.587   1.00 47.65 ? 188 HOH A O   1 
HETATM 1095 O  O   . HOH B 2 .   ? -12.393 -10.388 -2.916  1.00 49.52 ? 189 HOH A O   1 
HETATM 1096 O  O   . HOH B 2 .   ? 0.211   4.409   12.539  0.50 38.72 ? 190 HOH A O   1 
HETATM 1097 O  O   . HOH B 2 .   ? -2.609  16.292  18.046  1.00 53.93 ? 191 HOH A O   1 
HETATM 1098 O  O   . HOH B 2 .   ? 9.422   -15.108 -6.449  1.00 47.14 ? 192 HOH A O   1 
HETATM 1099 O  O   . HOH B 2 .   ? -9.340  6.541   -8.175  1.00 42.64 ? 193 HOH A O   1 
HETATM 1100 O  O   . HOH B 2 .   ? -15.353 5.138   -1.311  1.00 50.92 ? 194 HOH A O   1 
# 
